data_6MOW
# 
_entry.id   6MOW 
# 
_audit_conform.dict_name       mmcif_pdbx.dic 
_audit_conform.dict_version    5.379 
_audit_conform.dict_location   http://mmcif.pdb.org/dictionaries/ascii/mmcif_pdbx.dic 
# 
loop_
_database_2.database_id 
_database_2.database_code 
_database_2.pdbx_database_accession 
_database_2.pdbx_DOI 
PDB   6MOW         pdb_00006mow 10.2210/pdb6mow/pdb 
WWPDB D_1000237183 ?            ?                   
# 
_pdbx_database_status.status_code                     REL 
_pdbx_database_status.status_code_sf                  REL 
_pdbx_database_status.status_code_mr                  ? 
_pdbx_database_status.entry_id                        6MOW 
_pdbx_database_status.recvd_initial_deposition_date   2018-10-04 
_pdbx_database_status.SG_entry                        N 
_pdbx_database_status.deposit_site                    RCSB 
_pdbx_database_status.process_site                    RCSB 
_pdbx_database_status.status_code_cs                  ? 
_pdbx_database_status.methods_development_category    ? 
_pdbx_database_status.pdb_format_compatible           Y 
_pdbx_database_status.status_code_nmr_data            ? 
# 
loop_
_audit_author.name 
_audit_author.pdbx_ordinal 
_audit_author.identifier_ORCID 
'Ghanbarpour, A.' 1 ? 
'Geiger, J.'      2 ? 
# 
_citation.abstract                  ? 
_citation.abstract_id_CAS           ? 
_citation.book_id_ISBN              ? 
_citation.book_publisher            ? 
_citation.book_publisher_city       ? 
_citation.book_title                ? 
_citation.coordinate_linkage        ? 
_citation.country                   ? 
_citation.database_id_Medline       ? 
_citation.details                   ? 
_citation.id                        primary 
_citation.journal_abbrev            'To Be Published' 
_citation.journal_id_ASTM           ? 
_citation.journal_id_CSD            0353 
_citation.journal_id_ISSN           ? 
_citation.journal_full              ? 
_citation.journal_issue             ? 
_citation.journal_volume            ? 
_citation.language                  ? 
_citation.page_first                ? 
_citation.page_last                 ? 
_citation.title                     
;Crystal Structure of the apo R111K:Y134F:T54V:R132Q:P39Y:R59Y:L121Q mutant of Human Cellular Retinoic Acid Binding Protein II at 2.3 Angstrom Resolution
;
_citation.year                      ? 
_citation.database_id_CSD           ? 
_citation.pdbx_database_id_DOI      ? 
_citation.pdbx_database_id_PubMed   ? 
_citation.unpublished_flag          ? 
# 
loop_
_citation_author.citation_id 
_citation_author.name 
_citation_author.ordinal 
_citation_author.identifier_ORCID 
primary 'Ghanbarpour, A.' 1 ? 
primary 'Geiger, J.'      2 ? 
# 
_cell.angle_alpha                  90.00 
_cell.angle_alpha_esd              ? 
_cell.angle_beta                   90.00 
_cell.angle_beta_esd               ? 
_cell.angle_gamma                  120.00 
_cell.angle_gamma_esd              ? 
_cell.entry_id                     6MOW 
_cell.details                      ? 
_cell.formula_units_Z              ? 
_cell.length_a                     57.561 
_cell.length_a_esd                 ? 
_cell.length_b                     57.561 
_cell.length_b_esd                 ? 
_cell.length_c                     102.042 
_cell.length_c_esd                 ? 
_cell.volume                       ? 
_cell.volume_esd                   ? 
_cell.Z_PDB                        6 
_cell.reciprocal_angle_alpha       ? 
_cell.reciprocal_angle_beta        ? 
_cell.reciprocal_angle_gamma       ? 
_cell.reciprocal_angle_alpha_esd   ? 
_cell.reciprocal_angle_beta_esd    ? 
_cell.reciprocal_angle_gamma_esd   ? 
_cell.reciprocal_length_a          ? 
_cell.reciprocal_length_b          ? 
_cell.reciprocal_length_c          ? 
_cell.reciprocal_length_a_esd      ? 
_cell.reciprocal_length_b_esd      ? 
_cell.reciprocal_length_c_esd      ? 
_cell.pdbx_unique_axis             ? 
# 
_symmetry.entry_id                         6MOW 
_symmetry.cell_setting                     ? 
_symmetry.Int_Tables_number                152 
_symmetry.space_group_name_Hall            ? 
_symmetry.space_group_name_H-M             'P 31 2 1' 
_symmetry.pdbx_full_space_group_name_H-M   ? 
# 
loop_
_entity.id 
_entity.type 
_entity.src_method 
_entity.pdbx_description 
_entity.formula_weight 
_entity.pdbx_number_of_molecules 
_entity.pdbx_ec 
_entity.pdbx_mutation 
_entity.pdbx_fragment 
_entity.details 
1 polymer man 'Cellular retinoic acid-binding protein 2' 15593.763 1  ? ? 'R111K, Y134F, T54V, R132Q, P39Y, R59Y, L121Q' ? 
2 water   nat water                                      18.015    18 ? ? ?                                              ? 
# 
_entity_name_com.entity_id   1 
_entity_name_com.name        'Cellular retinoic acid-binding protein II,CRABP-II' 
# 
_entity_poly.entity_id                      1 
_entity_poly.type                           'polypeptide(L)' 
_entity_poly.nstd_linkage                   no 
_entity_poly.nstd_monomer                   no 
_entity_poly.pdbx_seq_one_letter_code       
;PNFSGNWKIIRSENFEELLKVLGVNVMLRKIAVAAASKYAVEIKQEGDTFYIKVSTTVYTTEINFKVGEEFEEQTVDGRP
CKSLVKWESENKMVCEQKLLKGEGPKTSWTKELTNDGELIQTMTADDVVCTQVFVRE
;
_entity_poly.pdbx_seq_one_letter_code_can   
;PNFSGNWKIIRSENFEELLKVLGVNVMLRKIAVAAASKYAVEIKQEGDTFYIKVSTTVYTTEINFKVGEEFEEQTVDGRP
CKSLVKWESENKMVCEQKLLKGEGPKTSWTKELTNDGELIQTMTADDVVCTQVFVRE
;
_entity_poly.pdbx_strand_id                 A 
_entity_poly.pdbx_target_identifier         ? 
# 
loop_
_entity_poly_seq.entity_id 
_entity_poly_seq.num 
_entity_poly_seq.mon_id 
_entity_poly_seq.hetero 
1 1   PRO n 
1 2   ASN n 
1 3   PHE n 
1 4   SER n 
1 5   GLY n 
1 6   ASN n 
1 7   TRP n 
1 8   LYS n 
1 9   ILE n 
1 10  ILE n 
1 11  ARG n 
1 12  SER n 
1 13  GLU n 
1 14  ASN n 
1 15  PHE n 
1 16  GLU n 
1 17  GLU n 
1 18  LEU n 
1 19  LEU n 
1 20  LYS n 
1 21  VAL n 
1 22  LEU n 
1 23  GLY n 
1 24  VAL n 
1 25  ASN n 
1 26  VAL n 
1 27  MET n 
1 28  LEU n 
1 29  ARG n 
1 30  LYS n 
1 31  ILE n 
1 32  ALA n 
1 33  VAL n 
1 34  ALA n 
1 35  ALA n 
1 36  ALA n 
1 37  SER n 
1 38  LYS n 
1 39  TYR n 
1 40  ALA n 
1 41  VAL n 
1 42  GLU n 
1 43  ILE n 
1 44  LYS n 
1 45  GLN n 
1 46  GLU n 
1 47  GLY n 
1 48  ASP n 
1 49  THR n 
1 50  PHE n 
1 51  TYR n 
1 52  ILE n 
1 53  LYS n 
1 54  VAL n 
1 55  SER n 
1 56  THR n 
1 57  THR n 
1 58  VAL n 
1 59  TYR n 
1 60  THR n 
1 61  THR n 
1 62  GLU n 
1 63  ILE n 
1 64  ASN n 
1 65  PHE n 
1 66  LYS n 
1 67  VAL n 
1 68  GLY n 
1 69  GLU n 
1 70  GLU n 
1 71  PHE n 
1 72  GLU n 
1 73  GLU n 
1 74  GLN n 
1 75  THR n 
1 76  VAL n 
1 77  ASP n 
1 78  GLY n 
1 79  ARG n 
1 80  PRO n 
1 81  CYS n 
1 82  LYS n 
1 83  SER n 
1 84  LEU n 
1 85  VAL n 
1 86  LYS n 
1 87  TRP n 
1 88  GLU n 
1 89  SER n 
1 90  GLU n 
1 91  ASN n 
1 92  LYS n 
1 93  MET n 
1 94  VAL n 
1 95  CYS n 
1 96  GLU n 
1 97  GLN n 
1 98  LYS n 
1 99  LEU n 
1 100 LEU n 
1 101 LYS n 
1 102 GLY n 
1 103 GLU n 
1 104 GLY n 
1 105 PRO n 
1 106 LYS n 
1 107 THR n 
1 108 SER n 
1 109 TRP n 
1 110 THR n 
1 111 LYS n 
1 112 GLU n 
1 113 LEU n 
1 114 THR n 
1 115 ASN n 
1 116 ASP n 
1 117 GLY n 
1 118 GLU n 
1 119 LEU n 
1 120 ILE n 
1 121 GLN n 
1 122 THR n 
1 123 MET n 
1 124 THR n 
1 125 ALA n 
1 126 ASP n 
1 127 ASP n 
1 128 VAL n 
1 129 VAL n 
1 130 CYS n 
1 131 THR n 
1 132 GLN n 
1 133 VAL n 
1 134 PHE n 
1 135 VAL n 
1 136 ARG n 
1 137 GLU n 
# 
_entity_src_gen.entity_id                          1 
_entity_src_gen.pdbx_src_id                        1 
_entity_src_gen.pdbx_alt_source_flag               sample 
_entity_src_gen.pdbx_seq_type                      'Biological sequence' 
_entity_src_gen.pdbx_beg_seq_num                   1 
_entity_src_gen.pdbx_end_seq_num                   137 
_entity_src_gen.gene_src_common_name               Human 
_entity_src_gen.gene_src_genus                     ? 
_entity_src_gen.pdbx_gene_src_gene                 CRABP2 
_entity_src_gen.gene_src_species                   ? 
_entity_src_gen.gene_src_strain                    ? 
_entity_src_gen.gene_src_tissue                    ? 
_entity_src_gen.gene_src_tissue_fraction           ? 
_entity_src_gen.gene_src_details                   ? 
_entity_src_gen.pdbx_gene_src_fragment             ? 
_entity_src_gen.pdbx_gene_src_scientific_name      'Homo sapiens' 
_entity_src_gen.pdbx_gene_src_ncbi_taxonomy_id     9606 
_entity_src_gen.pdbx_gene_src_variant              ? 
_entity_src_gen.pdbx_gene_src_cell_line            ? 
_entity_src_gen.pdbx_gene_src_atcc                 ? 
_entity_src_gen.pdbx_gene_src_organ                ? 
_entity_src_gen.pdbx_gene_src_organelle            ? 
_entity_src_gen.pdbx_gene_src_cell                 ? 
_entity_src_gen.pdbx_gene_src_cellular_location    ? 
_entity_src_gen.host_org_common_name               ? 
_entity_src_gen.pdbx_host_org_scientific_name      'Escherichia coli BL21(DE3)' 
_entity_src_gen.pdbx_host_org_ncbi_taxonomy_id     469008 
_entity_src_gen.host_org_genus                     ? 
_entity_src_gen.pdbx_host_org_gene                 ? 
_entity_src_gen.pdbx_host_org_organ                ? 
_entity_src_gen.host_org_species                   ? 
_entity_src_gen.pdbx_host_org_tissue               ? 
_entity_src_gen.pdbx_host_org_tissue_fraction      ? 
_entity_src_gen.pdbx_host_org_strain               'BL21(DE3)' 
_entity_src_gen.pdbx_host_org_variant              ? 
_entity_src_gen.pdbx_host_org_cell_line            ? 
_entity_src_gen.pdbx_host_org_atcc                 ? 
_entity_src_gen.pdbx_host_org_culture_collection   ? 
_entity_src_gen.pdbx_host_org_cell                 ? 
_entity_src_gen.pdbx_host_org_organelle            ? 
_entity_src_gen.pdbx_host_org_cellular_location    ? 
_entity_src_gen.pdbx_host_org_vector_type          ? 
_entity_src_gen.pdbx_host_org_vector               ? 
_entity_src_gen.host_org_details                   ? 
_entity_src_gen.expression_system_id               ? 
_entity_src_gen.plasmid_name                       ? 
_entity_src_gen.plasmid_details                    ? 
_entity_src_gen.pdbx_description                   ? 
# 
_struct_ref.id                         1 
_struct_ref.db_name                    UNP 
_struct_ref.db_code                    RABP2_HUMAN 
_struct_ref.pdbx_db_accession          P29373 
_struct_ref.pdbx_db_isoform            ? 
_struct_ref.entity_id                  1 
_struct_ref.pdbx_seq_one_letter_code   
;PNFSGNWKIIRSENFEELLKVLGVNVMLRKIAVAAASKPAVEIKQEGDTFYIKTSTTVRTTEINFKVGEEFEEQTVDGRP
CKSLVKWESENKMVCEQKLLKGEGPKTSWTRELTNDGELILTMTADDVVCTRVYVRE
;
_struct_ref.pdbx_align_begin           2 
# 
_struct_ref_seq.align_id                      1 
_struct_ref_seq.ref_id                        1 
_struct_ref_seq.pdbx_PDB_id_code              6MOW 
_struct_ref_seq.pdbx_strand_id                A 
_struct_ref_seq.seq_align_beg                 1 
_struct_ref_seq.pdbx_seq_align_beg_ins_code   ? 
_struct_ref_seq.seq_align_end                 137 
_struct_ref_seq.pdbx_seq_align_end_ins_code   ? 
_struct_ref_seq.pdbx_db_accession             P29373 
_struct_ref_seq.db_align_beg                  2 
_struct_ref_seq.pdbx_db_align_beg_ins_code    ? 
_struct_ref_seq.db_align_end                  138 
_struct_ref_seq.pdbx_db_align_end_ins_code    ? 
_struct_ref_seq.pdbx_auth_seq_align_beg       1 
_struct_ref_seq.pdbx_auth_seq_align_end       137 
# 
loop_
_struct_ref_seq_dif.align_id 
_struct_ref_seq_dif.pdbx_pdb_id_code 
_struct_ref_seq_dif.mon_id 
_struct_ref_seq_dif.pdbx_pdb_strand_id 
_struct_ref_seq_dif.seq_num 
_struct_ref_seq_dif.pdbx_pdb_ins_code 
_struct_ref_seq_dif.pdbx_seq_db_name 
_struct_ref_seq_dif.pdbx_seq_db_accession_code 
_struct_ref_seq_dif.db_mon_id 
_struct_ref_seq_dif.pdbx_seq_db_seq_num 
_struct_ref_seq_dif.details 
_struct_ref_seq_dif.pdbx_auth_seq_num 
_struct_ref_seq_dif.pdbx_ordinal 
1 6MOW TYR A 39  ? UNP P29373 PRO 40  'engineered mutation' 39  1 
1 6MOW VAL A 54  ? UNP P29373 THR 55  'engineered mutation' 54  2 
1 6MOW TYR A 59  ? UNP P29373 ARG 60  'engineered mutation' 59  3 
1 6MOW LYS A 111 ? UNP P29373 ARG 112 'engineered mutation' 111 4 
1 6MOW GLN A 121 ? UNP P29373 LEU 122 'engineered mutation' 121 5 
1 6MOW GLN A 132 ? UNP P29373 ARG 133 'engineered mutation' 132 6 
1 6MOW PHE A 134 ? UNP P29373 TYR 135 'engineered mutation' 134 7 
# 
loop_
_chem_comp.id 
_chem_comp.type 
_chem_comp.mon_nstd_flag 
_chem_comp.name 
_chem_comp.pdbx_synonyms 
_chem_comp.formula 
_chem_comp.formula_weight 
ALA 'L-peptide linking' y ALANINE         ? 'C3 H7 N O2'     89.093  
ARG 'L-peptide linking' y ARGININE        ? 'C6 H15 N4 O2 1' 175.209 
ASN 'L-peptide linking' y ASPARAGINE      ? 'C4 H8 N2 O3'    132.118 
ASP 'L-peptide linking' y 'ASPARTIC ACID' ? 'C4 H7 N O4'     133.103 
CYS 'L-peptide linking' y CYSTEINE        ? 'C3 H7 N O2 S'   121.158 
GLN 'L-peptide linking' y GLUTAMINE       ? 'C5 H10 N2 O3'   146.144 
GLU 'L-peptide linking' y 'GLUTAMIC ACID' ? 'C5 H9 N O4'     147.129 
GLY 'peptide linking'   y GLYCINE         ? 'C2 H5 N O2'     75.067  
HOH non-polymer         . WATER           ? 'H2 O'           18.015  
ILE 'L-peptide linking' y ISOLEUCINE      ? 'C6 H13 N O2'    131.173 
LEU 'L-peptide linking' y LEUCINE         ? 'C6 H13 N O2'    131.173 
LYS 'L-peptide linking' y LYSINE          ? 'C6 H15 N2 O2 1' 147.195 
MET 'L-peptide linking' y METHIONINE      ? 'C5 H11 N O2 S'  149.211 
PHE 'L-peptide linking' y PHENYLALANINE   ? 'C9 H11 N O2'    165.189 
PRO 'L-peptide linking' y PROLINE         ? 'C5 H9 N O2'     115.130 
SER 'L-peptide linking' y SERINE          ? 'C3 H7 N O3'     105.093 
THR 'L-peptide linking' y THREONINE       ? 'C4 H9 N O3'     119.119 
TRP 'L-peptide linking' y TRYPTOPHAN      ? 'C11 H12 N2 O2'  204.225 
TYR 'L-peptide linking' y TYROSINE        ? 'C9 H11 N O3'    181.189 
VAL 'L-peptide linking' y VALINE          ? 'C5 H11 N O2'    117.146 
# 
_exptl.absorpt_coefficient_mu     ? 
_exptl.absorpt_correction_T_max   ? 
_exptl.absorpt_correction_T_min   ? 
_exptl.absorpt_correction_type    ? 
_exptl.absorpt_process_details    ? 
_exptl.entry_id                   6MOW 
_exptl.crystals_number            1 
_exptl.details                    ? 
_exptl.method                     'X-RAY DIFFRACTION' 
_exptl.method_details             ? 
# 
_exptl_crystal.colour                      ? 
_exptl_crystal.density_diffrn              ? 
_exptl_crystal.density_Matthews            3.13 
_exptl_crystal.density_method              ? 
_exptl_crystal.density_percent_sol         60.74 
_exptl_crystal.description                 ? 
_exptl_crystal.F_000                       ? 
_exptl_crystal.id                          1 
_exptl_crystal.preparation                 ? 
_exptl_crystal.size_max                    ? 
_exptl_crystal.size_mid                    ? 
_exptl_crystal.size_min                    ? 
_exptl_crystal.size_rad                    ? 
_exptl_crystal.colour_lustre               ? 
_exptl_crystal.colour_modifier             ? 
_exptl_crystal.colour_primary              ? 
_exptl_crystal.density_meas                ? 
_exptl_crystal.density_meas_esd            ? 
_exptl_crystal.density_meas_gt             ? 
_exptl_crystal.density_meas_lt             ? 
_exptl_crystal.density_meas_temp           ? 
_exptl_crystal.density_meas_temp_esd       ? 
_exptl_crystal.density_meas_temp_gt        ? 
_exptl_crystal.density_meas_temp_lt        ? 
_exptl_crystal.pdbx_crystal_image_url      ? 
_exptl_crystal.pdbx_crystal_image_format   ? 
_exptl_crystal.pdbx_mosaicity              ? 
_exptl_crystal.pdbx_mosaicity_esd          ? 
# 
_exptl_crystal_grow.apparatus       ? 
_exptl_crystal_grow.atmosphere      ? 
_exptl_crystal_grow.crystal_id      1 
_exptl_crystal_grow.details         ? 
_exptl_crystal_grow.method          'VAPOR DIFFUSION, HANGING DROP' 
_exptl_crystal_grow.method_ref      ? 
_exptl_crystal_grow.pH              ? 
_exptl_crystal_grow.pressure        ? 
_exptl_crystal_grow.pressure_esd    ? 
_exptl_crystal_grow.seeding         ? 
_exptl_crystal_grow.seeding_ref     ? 
_exptl_crystal_grow.temp            277 
_exptl_crystal_grow.temp_details    ? 
_exptl_crystal_grow.temp_esd        ? 
_exptl_crystal_grow.time            ? 
_exptl_crystal_grow.pdbx_details    'PEG3350, Sodium Malonate' 
_exptl_crystal_grow.pdbx_pH_range   ? 
# 
_diffrn.ambient_environment              ? 
_diffrn.ambient_temp                     100 
_diffrn.ambient_temp_details             ? 
_diffrn.ambient_temp_esd                 ? 
_diffrn.crystal_id                       1 
_diffrn.crystal_support                  ? 
_diffrn.crystal_treatment                ? 
_diffrn.details                          ? 
_diffrn.id                               1 
_diffrn.ambient_pressure                 ? 
_diffrn.ambient_pressure_esd             ? 
_diffrn.ambient_pressure_gt              ? 
_diffrn.ambient_pressure_lt              ? 
_diffrn.ambient_temp_gt                  ? 
_diffrn.ambient_temp_lt                  ? 
_diffrn.pdbx_serial_crystal_experiment   N 
# 
_diffrn_detector.details                      ? 
_diffrn_detector.detector                     PIXEL 
_diffrn_detector.diffrn_id                    1 
_diffrn_detector.type                         'DECTRIS EIGER X 9M' 
_diffrn_detector.area_resol_mean              ? 
_diffrn_detector.dtime                        ? 
_diffrn_detector.pdbx_frames_total            ? 
_diffrn_detector.pdbx_collection_time_total   ? 
_diffrn_detector.pdbx_collection_date         2018-02-04 
_diffrn_detector.pdbx_frequency               ? 
# 
_diffrn_radiation.collimation                      ? 
_diffrn_radiation.diffrn_id                        1 
_diffrn_radiation.filter_edge                      ? 
_diffrn_radiation.inhomogeneity                    ? 
_diffrn_radiation.monochromator                    ? 
_diffrn_radiation.polarisn_norm                    ? 
_diffrn_radiation.polarisn_ratio                   ? 
_diffrn_radiation.probe                            ? 
_diffrn_radiation.type                             ? 
_diffrn_radiation.xray_symbol                      ? 
_diffrn_radiation.wavelength_id                    1 
_diffrn_radiation.pdbx_monochromatic_or_laue_m_l   M 
_diffrn_radiation.pdbx_wavelength_list             ? 
_diffrn_radiation.pdbx_wavelength                  ? 
_diffrn_radiation.pdbx_diffrn_protocol             'SINGLE WAVELENGTH' 
_diffrn_radiation.pdbx_analyzer                    ? 
_diffrn_radiation.pdbx_scattering_type             x-ray 
# 
_diffrn_radiation_wavelength.id           1 
_diffrn_radiation_wavelength.wavelength   0.97626 
_diffrn_radiation_wavelength.wt           1.0 
# 
_diffrn_source.current                     ? 
_diffrn_source.details                     ? 
_diffrn_source.diffrn_id                   1 
_diffrn_source.power                       ? 
_diffrn_source.size                        ? 
_diffrn_source.source                      SYNCHROTRON 
_diffrn_source.target                      ? 
_diffrn_source.type                        'APS BEAMLINE 21-ID-D' 
_diffrn_source.voltage                     ? 
_diffrn_source.take-off_angle              ? 
_diffrn_source.pdbx_wavelength_list        0.97626 
_diffrn_source.pdbx_wavelength             ? 
_diffrn_source.pdbx_synchrotron_beamline   21-ID-D 
_diffrn_source.pdbx_synchrotron_site       APS 
# 
_reflns.B_iso_Wilson_estimate            ? 
_reflns.entry_id                         6MOW 
_reflns.data_reduction_details           ? 
_reflns.data_reduction_method            ? 
_reflns.d_resolution_high                2.354 
_reflns.d_resolution_low                 35.66 
_reflns.details                          ? 
_reflns.limit_h_max                      ? 
_reflns.limit_h_min                      ? 
_reflns.limit_k_max                      ? 
_reflns.limit_k_min                      ? 
_reflns.limit_l_max                      ? 
_reflns.limit_l_min                      ? 
_reflns.number_all                       ? 
_reflns.number_obs                       8421 
_reflns.observed_criterion               ? 
_reflns.observed_criterion_F_max         ? 
_reflns.observed_criterion_F_min         ? 
_reflns.observed_criterion_I_max         ? 
_reflns.observed_criterion_I_min         ? 
_reflns.observed_criterion_sigma_F       ? 
_reflns.observed_criterion_sigma_I       ? 
_reflns.percent_possible_obs             98.34 
_reflns.R_free_details                   ? 
_reflns.Rmerge_F_all                     ? 
_reflns.Rmerge_F_obs                     ? 
_reflns.Friedel_coverage                 ? 
_reflns.number_gt                        ? 
_reflns.threshold_expression             ? 
_reflns.pdbx_redundancy                  9.3 
_reflns.pdbx_Rmerge_I_obs                0.069 
_reflns.pdbx_Rmerge_I_all                ? 
_reflns.pdbx_Rsym_value                  ? 
_reflns.pdbx_netI_over_av_sigmaI         ? 
_reflns.pdbx_netI_over_sigmaI            32.3 
_reflns.pdbx_res_netI_over_av_sigmaI_2   ? 
_reflns.pdbx_res_netI_over_sigmaI_2      ? 
_reflns.pdbx_chi_squared                 ? 
_reflns.pdbx_scaling_rejects             ? 
_reflns.pdbx_d_res_high_opt              ? 
_reflns.pdbx_d_res_low_opt               ? 
_reflns.pdbx_d_res_opt_method            ? 
_reflns.phase_calculation_details        ? 
_reflns.pdbx_Rrim_I_all                  0.101 
_reflns.pdbx_Rpim_I_all                  ? 
_reflns.pdbx_d_opt                       ? 
_reflns.pdbx_number_measured_all         ? 
_reflns.pdbx_diffrn_id                   1 
_reflns.pdbx_ordinal                     1 
_reflns.pdbx_CC_half                     ? 
_reflns.pdbx_R_split                     ? 
# 
_reflns_shell.d_res_high                  2.354 
_reflns_shell.d_res_low                   2.439 
_reflns_shell.meanI_over_sigI_all         ? 
_reflns_shell.meanI_over_sigI_obs         ? 
_reflns_shell.number_measured_all         ? 
_reflns_shell.number_measured_obs         ? 
_reflns_shell.number_possible             ? 
_reflns_shell.number_unique_all           ? 
_reflns_shell.number_unique_obs           742 
_reflns_shell.percent_possible_all        88.12 
_reflns_shell.percent_possible_obs        ? 
_reflns_shell.Rmerge_F_all                ? 
_reflns_shell.Rmerge_F_obs                ? 
_reflns_shell.Rmerge_I_all                ? 
_reflns_shell.Rmerge_I_obs                0.580 
_reflns_shell.meanI_over_sigI_gt          ? 
_reflns_shell.meanI_over_uI_all           ? 
_reflns_shell.meanI_over_uI_gt            ? 
_reflns_shell.number_measured_gt          ? 
_reflns_shell.number_unique_gt            ? 
_reflns_shell.percent_possible_gt         ? 
_reflns_shell.Rmerge_F_gt                 ? 
_reflns_shell.Rmerge_I_gt                 ? 
_reflns_shell.pdbx_redundancy             ? 
_reflns_shell.pdbx_Rsym_value             ? 
_reflns_shell.pdbx_chi_squared            ? 
_reflns_shell.pdbx_netI_over_sigmaI_all   ? 
_reflns_shell.pdbx_netI_over_sigmaI_obs   ? 
_reflns_shell.pdbx_Rrim_I_all             0.778 
_reflns_shell.pdbx_Rpim_I_all             ? 
_reflns_shell.pdbx_rejects                ? 
_reflns_shell.pdbx_ordinal                1 
_reflns_shell.pdbx_diffrn_id              1 
_reflns_shell.pdbx_CC_half                ? 
_reflns_shell.pdbx_R_split                ? 
# 
_refine.aniso_B[1][1]                            ? 
_refine.aniso_B[1][2]                            ? 
_refine.aniso_B[1][3]                            ? 
_refine.aniso_B[2][2]                            ? 
_refine.aniso_B[2][3]                            ? 
_refine.aniso_B[3][3]                            ? 
_refine.B_iso_max                                ? 
_refine.B_iso_mean                               ? 
_refine.B_iso_min                                ? 
_refine.correlation_coeff_Fo_to_Fc               ? 
_refine.correlation_coeff_Fo_to_Fc_free          ? 
_refine.details                                  ? 
_refine.diff_density_max                         ? 
_refine.diff_density_max_esd                     ? 
_refine.diff_density_min                         ? 
_refine.diff_density_min_esd                     ? 
_refine.diff_density_rms                         ? 
_refine.diff_density_rms_esd                     ? 
_refine.entry_id                                 6MOW 
_refine.pdbx_refine_id                           'X-RAY DIFFRACTION' 
_refine.ls_abs_structure_details                 ? 
_refine.ls_abs_structure_Flack                   ? 
_refine.ls_abs_structure_Flack_esd               ? 
_refine.ls_abs_structure_Rogers                  ? 
_refine.ls_abs_structure_Rogers_esd              ? 
_refine.ls_d_res_high                            2.354 
_refine.ls_d_res_low                             35.656 
_refine.ls_extinction_coef                       ? 
_refine.ls_extinction_coef_esd                   ? 
_refine.ls_extinction_expression                 ? 
_refine.ls_extinction_method                     ? 
_refine.ls_goodness_of_fit_all                   ? 
_refine.ls_goodness_of_fit_all_esd               ? 
_refine.ls_goodness_of_fit_obs                   ? 
_refine.ls_goodness_of_fit_obs_esd               ? 
_refine.ls_hydrogen_treatment                    ? 
_refine.ls_matrix_type                           ? 
_refine.ls_number_constraints                    ? 
_refine.ls_number_parameters                     ? 
_refine.ls_number_reflns_all                     ? 
_refine.ls_number_reflns_obs                     8411 
_refine.ls_number_reflns_R_free                  830 
_refine.ls_number_reflns_R_work                  ? 
_refine.ls_number_restraints                     ? 
_refine.ls_percent_reflns_obs                    98.36 
_refine.ls_percent_reflns_R_free                 9.87 
_refine.ls_R_factor_all                          ? 
_refine.ls_R_factor_obs                          0.1999 
_refine.ls_R_factor_R_free                       0.2593 
_refine.ls_R_factor_R_free_error                 ? 
_refine.ls_R_factor_R_free_error_details         ? 
_refine.ls_R_factor_R_work                       0.1933 
_refine.ls_R_Fsqd_factor_obs                     ? 
_refine.ls_R_I_factor_obs                        ? 
_refine.ls_redundancy_reflns_all                 ? 
_refine.ls_redundancy_reflns_obs                 ? 
_refine.ls_restrained_S_all                      ? 
_refine.ls_restrained_S_obs                      ? 
_refine.ls_shift_over_esd_max                    ? 
_refine.ls_shift_over_esd_mean                   ? 
_refine.ls_structure_factor_coef                 ? 
_refine.ls_weighting_details                     ? 
_refine.ls_weighting_scheme                      ? 
_refine.ls_wR_factor_all                         ? 
_refine.ls_wR_factor_obs                         ? 
_refine.ls_wR_factor_R_free                      ? 
_refine.ls_wR_factor_R_work                      ? 
_refine.occupancy_max                            ? 
_refine.occupancy_min                            ? 
_refine.solvent_model_details                    ? 
_refine.solvent_model_param_bsol                 ? 
_refine.solvent_model_param_ksol                 ? 
_refine.ls_R_factor_gt                           ? 
_refine.ls_goodness_of_fit_gt                    ? 
_refine.ls_goodness_of_fit_ref                   ? 
_refine.ls_shift_over_su_max                     ? 
_refine.ls_shift_over_su_max_lt                  ? 
_refine.ls_shift_over_su_mean                    ? 
_refine.ls_shift_over_su_mean_lt                 ? 
_refine.pdbx_ls_sigma_I                          ? 
_refine.pdbx_ls_sigma_F                          1.36 
_refine.pdbx_ls_sigma_Fsqd                       ? 
_refine.pdbx_data_cutoff_high_absF               ? 
_refine.pdbx_data_cutoff_high_rms_absF           ? 
_refine.pdbx_data_cutoff_low_absF                ? 
_refine.pdbx_isotropic_thermal_model             ? 
_refine.pdbx_ls_cross_valid_method               'FREE R-VALUE' 
_refine.pdbx_method_to_determine_struct          'MOLECULAR REPLACEMENT' 
_refine.pdbx_starting_model                      4YFP 
_refine.pdbx_stereochemistry_target_values       ? 
_refine.pdbx_R_Free_selection_details            ? 
_refine.pdbx_stereochem_target_val_spec_case     ? 
_refine.pdbx_overall_ESU_R                       ? 
_refine.pdbx_overall_ESU_R_Free                  ? 
_refine.pdbx_solvent_vdw_probe_radii             1.11 
_refine.pdbx_solvent_ion_probe_radii             ? 
_refine.pdbx_solvent_shrinkage_radii             0.90 
_refine.pdbx_real_space_R                        ? 
_refine.pdbx_density_correlation                 ? 
_refine.pdbx_pd_number_of_powder_patterns        ? 
_refine.pdbx_pd_number_of_points                 ? 
_refine.pdbx_pd_meas_number_of_points            ? 
_refine.pdbx_pd_proc_ls_prof_R_factor            ? 
_refine.pdbx_pd_proc_ls_prof_wR_factor           ? 
_refine.pdbx_pd_Marquardt_correlation_coeff      ? 
_refine.pdbx_pd_Fsqrd_R_factor                   ? 
_refine.pdbx_pd_ls_matrix_band_width             ? 
_refine.pdbx_overall_phase_error                 29.80 
_refine.pdbx_overall_SU_R_free_Cruickshank_DPI   ? 
_refine.pdbx_overall_SU_R_free_Blow_DPI          ? 
_refine.pdbx_overall_SU_R_Blow_DPI               ? 
_refine.pdbx_TLS_residual_ADP_flag               ? 
_refine.pdbx_diffrn_id                           1 
_refine.overall_SU_B                             ? 
_refine.overall_SU_ML                            0.34 
_refine.overall_SU_R_Cruickshank_DPI             ? 
_refine.overall_SU_R_free                        ? 
_refine.overall_FOM_free_R_set                   ? 
_refine.overall_FOM_work_R_set                   ? 
_refine.pdbx_average_fsc_overall                 ? 
_refine.pdbx_average_fsc_work                    ? 
_refine.pdbx_average_fsc_free                    ? 
# 
_refine_hist.pdbx_refine_id                   'X-RAY DIFFRACTION' 
_refine_hist.cycle_id                         LAST 
_refine_hist.pdbx_number_atoms_protein        1093 
_refine_hist.pdbx_number_atoms_nucleic_acid   0 
_refine_hist.pdbx_number_atoms_ligand         0 
_refine_hist.number_atoms_solvent             18 
_refine_hist.number_atoms_total               1111 
_refine_hist.d_res_high                       2.354 
_refine_hist.d_res_low                        35.656 
# 
loop_
_refine_ls_restr.pdbx_refine_id 
_refine_ls_restr.criterion 
_refine_ls_restr.dev_ideal 
_refine_ls_restr.dev_ideal_target 
_refine_ls_restr.number 
_refine_ls_restr.rejects 
_refine_ls_restr.type 
_refine_ls_restr.weight 
_refine_ls_restr.pdbx_restraint_function 
'X-RAY DIFFRACTION' ? 0.007  ? 1145 ? f_bond_d           ? ? 
'X-RAY DIFFRACTION' ? 0.951  ? 1554 ? f_angle_d          ? ? 
'X-RAY DIFFRACTION' ? 10.443 ? 971  ? f_dihedral_angle_d ? ? 
'X-RAY DIFFRACTION' ? 0.057  ? 180  ? f_chiral_restr     ? ? 
'X-RAY DIFFRACTION' ? 0.004  ? 197  ? f_plane_restr      ? ? 
# 
loop_
_refine_ls_shell.pdbx_refine_id 
_refine_ls_shell.d_res_high 
_refine_ls_shell.d_res_low 
_refine_ls_shell.number_reflns_all 
_refine_ls_shell.number_reflns_obs 
_refine_ls_shell.number_reflns_R_free 
_refine_ls_shell.number_reflns_R_work 
_refine_ls_shell.percent_reflns_obs 
_refine_ls_shell.percent_reflns_R_free 
_refine_ls_shell.R_factor_all 
_refine_ls_shell.R_factor_obs 
_refine_ls_shell.R_factor_R_free 
_refine_ls_shell.R_factor_R_free_error 
_refine_ls_shell.R_factor_R_work 
_refine_ls_shell.redundancy_reflns_all 
_refine_ls_shell.redundancy_reflns_obs 
_refine_ls_shell.wR_factor_all 
_refine_ls_shell.wR_factor_obs 
_refine_ls_shell.wR_factor_R_free 
_refine_ls_shell.wR_factor_R_work 
_refine_ls_shell.pdbx_total_number_of_bins_used 
_refine_ls_shell.pdbx_phase_error 
_refine_ls_shell.pdbx_fsc_work 
_refine_ls_shell.pdbx_fsc_free 
'X-RAY DIFFRACTION' 2.3545 2.5019 . . 132 1170 93.00  . . . 0.3463 . 0.2649 . . . . . . . . . . 
'X-RAY DIFFRACTION' 2.5019 2.6951 . . 137 1250 100.00 . . . 0.2968 . 0.2623 . . . . . . . . . . 
'X-RAY DIFFRACTION' 2.6951 2.9662 . . 136 1249 100.00 . . . 0.3207 . 0.2550 . . . . . . . . . . 
'X-RAY DIFFRACTION' 2.9662 3.3951 . . 140 1287 100.00 . . . 0.3223 . 0.2206 . . . . . . . . . . 
'X-RAY DIFFRACTION' 3.3951 4.2763 . . 137 1264 99.00  . . . 0.2345 . 0.1834 . . . . . . . . . . 
'X-RAY DIFFRACTION' 4.2763 35.656 . . 148 1361 99.00  . . . 0.2171 . 0.1552 . . . . . . . . . . 
# 
_struct.entry_id                     6MOW 
_struct.title                        
;Crystal Structure of the apo R111K:Y134F:T54V:R132Q:P39Y:R59Y:L121Q mutant of Human Cellular Retinoic Acid Binding Protein II at 2.3 Angstrom Resolution
;
_struct.pdbx_model_details           ? 
_struct.pdbx_formula_weight          ? 
_struct.pdbx_formula_weight_method   ? 
_struct.pdbx_model_type_details      ? 
_struct.pdbx_CASP_flag               N 
# 
_struct_keywords.entry_id        6MOW 
_struct_keywords.text            'iLBP, Rhodopsin mimic, LIPID BINDING PROTEIN' 
_struct_keywords.pdbx_keywords   'LIPID BINDING PROTEIN' 
# 
loop_
_struct_asym.id 
_struct_asym.pdbx_blank_PDB_chainid_flag 
_struct_asym.pdbx_modified 
_struct_asym.entity_id 
_struct_asym.details 
A N N 1 ? 
B N N 2 ? 
# 
loop_
_struct_conf.conf_type_id 
_struct_conf.id 
_struct_conf.pdbx_PDB_helix_id 
_struct_conf.beg_label_comp_id 
_struct_conf.beg_label_asym_id 
_struct_conf.beg_label_seq_id 
_struct_conf.pdbx_beg_PDB_ins_code 
_struct_conf.end_label_comp_id 
_struct_conf.end_label_asym_id 
_struct_conf.end_label_seq_id 
_struct_conf.pdbx_end_PDB_ins_code 
_struct_conf.beg_auth_comp_id 
_struct_conf.beg_auth_asym_id 
_struct_conf.beg_auth_seq_id 
_struct_conf.end_auth_comp_id 
_struct_conf.end_auth_asym_id 
_struct_conf.end_auth_seq_id 
_struct_conf.pdbx_PDB_helix_class 
_struct_conf.details 
_struct_conf.pdbx_PDB_helix_length 
HELX_P HELX_P1 AA1 ASN A 14 ? LEU A 22 ? ASN A 14 LEU A 22 1 ? 9  
HELX_P HELX_P2 AA2 ASN A 25 ? ALA A 36 ? ASN A 25 ALA A 36 1 ? 12 
# 
_struct_conf_type.id          HELX_P 
_struct_conf_type.criteria    ? 
_struct_conf_type.reference   ? 
# 
_struct_sheet.id               AA1 
_struct_sheet.type             ? 
_struct_sheet.number_strands   10 
_struct_sheet.details          ? 
# 
loop_
_struct_sheet_order.sheet_id 
_struct_sheet_order.range_id_1 
_struct_sheet_order.range_id_2 
_struct_sheet_order.offset 
_struct_sheet_order.sense 
AA1 1 2  ? anti-parallel 
AA1 2 3  ? anti-parallel 
AA1 3 4  ? anti-parallel 
AA1 4 5  ? anti-parallel 
AA1 5 6  ? anti-parallel 
AA1 6 7  ? anti-parallel 
AA1 7 8  ? anti-parallel 
AA1 8 9  ? anti-parallel 
AA1 9 10 ? anti-parallel 
# 
loop_
_struct_sheet_range.sheet_id 
_struct_sheet_range.id 
_struct_sheet_range.beg_label_comp_id 
_struct_sheet_range.beg_label_asym_id 
_struct_sheet_range.beg_label_seq_id 
_struct_sheet_range.pdbx_beg_PDB_ins_code 
_struct_sheet_range.end_label_comp_id 
_struct_sheet_range.end_label_asym_id 
_struct_sheet_range.end_label_seq_id 
_struct_sheet_range.pdbx_end_PDB_ins_code 
_struct_sheet_range.beg_auth_comp_id 
_struct_sheet_range.beg_auth_asym_id 
_struct_sheet_range.beg_auth_seq_id 
_struct_sheet_range.end_auth_comp_id 
_struct_sheet_range.end_auth_asym_id 
_struct_sheet_range.end_auth_seq_id 
AA1 1  THR A 60  ? LYS A 66  ? THR A 60  LYS A 66  
AA1 2  THR A 49  ? SER A 55  ? THR A 49  SER A 55  
AA1 3  ALA A 40  ? GLU A 46  ? ALA A 40  GLU A 46  
AA1 4  GLY A 5   ? GLU A 13  ? GLY A 5   GLU A 13  
AA1 5  VAL A 128 ? ARG A 136 ? VAL A 128 ARG A 136 
AA1 6  LEU A 119 ? ALA A 125 ? LEU A 119 ALA A 125 
AA1 7  THR A 107 ? LEU A 113 ? THR A 107 LEU A 113 
AA1 8  LYS A 92  ? LEU A 99  ? LYS A 92  LEU A 99  
AA1 9  PRO A 80  ? SER A 89  ? PRO A 80  SER A 89  
AA1 10 PHE A 71  ? GLN A 74  ? PHE A 71  GLN A 74  
# 
loop_
_pdbx_struct_sheet_hbond.sheet_id 
_pdbx_struct_sheet_hbond.range_id_1 
_pdbx_struct_sheet_hbond.range_id_2 
_pdbx_struct_sheet_hbond.range_1_label_atom_id 
_pdbx_struct_sheet_hbond.range_1_label_comp_id 
_pdbx_struct_sheet_hbond.range_1_label_asym_id 
_pdbx_struct_sheet_hbond.range_1_label_seq_id 
_pdbx_struct_sheet_hbond.range_1_PDB_ins_code 
_pdbx_struct_sheet_hbond.range_1_auth_atom_id 
_pdbx_struct_sheet_hbond.range_1_auth_comp_id 
_pdbx_struct_sheet_hbond.range_1_auth_asym_id 
_pdbx_struct_sheet_hbond.range_1_auth_seq_id 
_pdbx_struct_sheet_hbond.range_2_label_atom_id 
_pdbx_struct_sheet_hbond.range_2_label_comp_id 
_pdbx_struct_sheet_hbond.range_2_label_asym_id 
_pdbx_struct_sheet_hbond.range_2_label_seq_id 
_pdbx_struct_sheet_hbond.range_2_PDB_ins_code 
_pdbx_struct_sheet_hbond.range_2_auth_atom_id 
_pdbx_struct_sheet_hbond.range_2_auth_comp_id 
_pdbx_struct_sheet_hbond.range_2_auth_asym_id 
_pdbx_struct_sheet_hbond.range_2_auth_seq_id 
AA1 1 2  O ILE A 63  ? O ILE A 63  N ILE A 52  ? N ILE A 52  
AA1 2 3  O TYR A 51  ? O TYR A 51  N LYS A 44  ? N LYS A 44  
AA1 3 4  O VAL A 41  ? O VAL A 41  N TRP A 7   ? N TRP A 7   
AA1 4 5  N ILE A 10  ? N ILE A 10  O VAL A 133 ? O VAL A 133 
AA1 5 6  O CYS A 130 ? O CYS A 130 N MET A 123 ? N MET A 123 
AA1 6 7  O ILE A 120 ? O ILE A 120 N GLU A 112 ? N GLU A 112 
AA1 7 8  O TRP A 109 ? O TRP A 109 N CYS A 95  ? N CYS A 95  
AA1 8 9  O LYS A 92  ? O LYS A 92  N GLU A 88  ? N GLU A 88  
AA1 9 10 O SER A 83  ? O SER A 83  N PHE A 71  ? N PHE A 71  
# 
_atom_sites.entry_id                    6MOW 
_atom_sites.fract_transf_matrix[1][1]   0.01311608 
_atom_sites.fract_transf_matrix[1][2]   -0.00990153 
_atom_sites.fract_transf_matrix[1][3]   0.01150436 
_atom_sites.fract_transf_matrix[2][1]   -0.00506953 
_atom_sites.fract_transf_matrix[2][2]   -0.00536287 
_atom_sites.fract_transf_matrix[2][3]   0.01865323 
_atom_sites.fract_transf_matrix[3][1]   -0.00345877 
_atom_sites.fract_transf_matrix[3][2]   -0.00851986 
_atom_sites.fract_transf_matrix[3][3]   -0.00338951 
_atom_sites.fract_transf_vector[1]      0.276068 
_atom_sites.fract_transf_vector[2]      -0.244208 
_atom_sites.fract_transf_vector[3]      -0.049732 
# 
loop_
_atom_type.symbol 
C 
N 
O 
S 
# 
loop_
_atom_site.group_PDB 
_atom_site.id 
_atom_site.type_symbol 
_atom_site.label_atom_id 
_atom_site.label_alt_id 
_atom_site.label_comp_id 
_atom_site.label_asym_id 
_atom_site.label_entity_id 
_atom_site.label_seq_id 
_atom_site.pdbx_PDB_ins_code 
_atom_site.Cartn_x 
_atom_site.Cartn_y 
_atom_site.Cartn_z 
_atom_site.occupancy 
_atom_site.B_iso_or_equiv 
_atom_site.pdbx_formal_charge 
_atom_site.auth_seq_id 
_atom_site.auth_comp_id 
_atom_site.auth_asym_id 
_atom_site.auth_atom_id 
_atom_site.pdbx_PDB_model_num 
ATOM   1    N N   . PRO A 1 1   ? 9.180   -8.573  -13.247 1.00 96.50  ? 1   PRO A N   1 
ATOM   2    C CA  . PRO A 1 1   ? 8.196   -9.297  -14.067 1.00 107.29 ? 1   PRO A CA  1 
ATOM   3    C C   . PRO A 1 1   ? 7.449   -10.439 -13.337 1.00 102.75 ? 1   PRO A C   1 
ATOM   4    O O   . PRO A 1 1   ? 6.714   -11.191 -13.991 1.00 91.71  ? 1   PRO A O   1 
ATOM   5    C CB  . PRO A 1 1   ? 9.058   -9.821  -15.215 1.00 104.33 ? 1   PRO A CB  1 
ATOM   6    C CG  . PRO A 1 1   ? 10.079  -8.666  -15.424 1.00 104.69 ? 1   PRO A CG  1 
ATOM   7    C CD  . PRO A 1 1   ? 10.219  -7.942  -14.083 1.00 85.75  ? 1   PRO A CD  1 
ATOM   8    N N   . ASN A 1 2   ? 7.639   -10.547 -12.014 1.00 101.12 ? 2   ASN A N   1 
ATOM   9    C CA  . ASN A 1 2   ? 6.760   -11.321 -11.135 1.00 90.35  ? 2   ASN A CA  1 
ATOM   10   C C   . ASN A 1 2   ? 6.764   -10.731 -9.722  1.00 71.44  ? 2   ASN A C   1 
ATOM   11   O O   . ASN A 1 2   ? 7.831   -10.515 -9.141  1.00 68.91  ? 2   ASN A O   1 
ATOM   12   C CB  . ASN A 1 2   ? 7.167   -12.790 -11.075 1.00 76.41  ? 2   ASN A CB  1 
ATOM   13   C CG  . ASN A 1 2   ? 6.346   -13.563 -10.049 1.00 94.71  ? 2   ASN A CG  1 
ATOM   14   O OD1 . ASN A 1 2   ? 6.891   -14.299 -9.225  1.00 100.99 ? 2   ASN A OD1 1 
ATOM   15   N ND2 . ASN A 1 2   ? 5.027   -13.381 -10.086 1.00 96.75  ? 2   ASN A ND2 1 
ATOM   16   N N   . PHE A 1 3   ? 5.565   -10.503 -9.162  1.00 58.04  ? 3   PHE A N   1 
ATOM   17   C CA  . PHE A 1 3   ? 5.416   -9.767  -7.903  1.00 57.75  ? 3   PHE A CA  1 
ATOM   18   C C   . PHE A 1 3   ? 5.827   -10.567 -6.676  1.00 56.01  ? 3   PHE A C   1 
ATOM   19   O O   . PHE A 1 3   ? 6.009   -9.979  -5.603  1.00 55.56  ? 3   PHE A O   1 
ATOM   20   C CB  . PHE A 1 3   ? 3.958   -9.325  -7.692  1.00 53.15  ? 3   PHE A CB  1 
ATOM   21   C CG  . PHE A 1 3   ? 3.614   -8.004  -8.316  1.00 51.23  ? 3   PHE A CG  1 
ATOM   22   C CD1 . PHE A 1 3   ? 3.118   -7.943  -9.603  1.00 49.12  ? 3   PHE A CD1 1 
ATOM   23   C CD2 . PHE A 1 3   ? 3.781   -6.820  -7.605  1.00 53.85  ? 3   PHE A CD2 1 
ATOM   24   C CE1 . PHE A 1 3   ? 2.799   -6.736  -10.185 1.00 49.65  ? 3   PHE A CE1 1 
ATOM   25   C CE2 . PHE A 1 3   ? 3.462   -5.603  -8.178  1.00 51.93  ? 3   PHE A CE2 1 
ATOM   26   C CZ  . PHE A 1 3   ? 2.966   -5.558  -9.468  1.00 54.78  ? 3   PHE A CZ  1 
ATOM   27   N N   . SER A 1 4   ? 5.929   -11.885 -6.783  1.00 51.71  ? 4   SER A N   1 
ATOM   28   C CA  . SER A 1 4   ? 6.102   -12.712 -5.599  1.00 50.13  ? 4   SER A CA  1 
ATOM   29   C C   . SER A 1 4   ? 7.507   -12.550 -5.056  1.00 49.69  ? 4   SER A C   1 
ATOM   30   O O   . SER A 1 4   ? 8.470   -12.452 -5.817  1.00 58.68  ? 4   SER A O   1 
ATOM   31   C CB  . SER A 1 4   ? 5.835   -14.189 -5.926  1.00 60.90  ? 4   SER A CB  1 
ATOM   32   O OG  . SER A 1 4   ? 4.780   -14.332 -6.867  0.81 55.17  ? 4   SER A OG  1 
ATOM   33   N N   . GLY A 1 5   ? 7.625   -12.514 -3.739  1.00 53.66  ? 5   GLY A N   1 
ATOM   34   C CA  . GLY A 1 5   ? 8.920   -12.411 -3.100  1.00 42.27  ? 5   GLY A CA  1 
ATOM   35   C C   . GLY A 1 5   ? 8.821   -11.659 -1.786  1.00 56.85  ? 5   GLY A C   1 
ATOM   36   O O   . GLY A 1 5   ? 7.734   -11.343 -1.300  1.00 49.68  ? 5   GLY A O   1 
ATOM   37   N N   . ASN A 1 6   ? 9.993   -11.393 -1.217  1.00 52.18  ? 6   ASN A N   1 
ATOM   38   C CA  . ASN A 1 6   ? 10.136  -10.619 0.007   1.00 51.82  ? 6   ASN A CA  1 
ATOM   39   C C   . ASN A 1 6   ? 10.820  -9.314  -0.361  1.00 54.34  ? 6   ASN A C   1 
ATOM   40   O O   . ASN A 1 6   ? 11.924  -9.323  -0.915  1.00 56.82  ? 6   ASN A O   1 
ATOM   41   C CB  . ASN A 1 6   ? 10.933  -11.385 1.063   1.00 48.41  ? 6   ASN A CB  1 
ATOM   42   C CG  . ASN A 1 6   ? 10.087  -12.437 1.781   1.00 56.29  ? 6   ASN A CG  1 
ATOM   43   O OD1 . ASN A 1 6   ? 9.920   -13.551 1.293   1.00 60.29  ? 6   ASN A OD1 1 
ATOM   44   N ND2 . ASN A 1 6   ? 9.552   -12.082 2.945   1.00 66.25  ? 6   ASN A ND2 1 
ATOM   45   N N   . TRP A 1 7   ? 10.149  -8.205  -0.089  1.00 40.88  ? 7   TRP A N   1 
ATOM   46   C CA  . TRP A 1 7   ? 10.635  -6.879  -0.435  1.00 47.68  ? 7   TRP A CA  1 
ATOM   47   C C   . TRP A 1 7   ? 10.932  -6.067  0.820   1.00 46.04  ? 7   TRP A C   1 
ATOM   48   O O   . TRP A 1 7   ? 10.232  -6.194  1.832   1.00 49.03  ? 7   TRP A O   1 
ATOM   49   C CB  . TRP A 1 7   ? 9.607   -6.146  -1.282  1.00 40.69  ? 7   TRP A CB  1 
ATOM   50   C CG  . TRP A 1 7   ? 9.269   -6.863  -2.517  1.00 50.07  ? 7   TRP A CG  1 
ATOM   51   C CD1 . TRP A 1 7   ? 8.292   -7.808  -2.678  1.00 48.28  ? 7   TRP A CD1 1 
ATOM   52   C CD2 . TRP A 1 7   ? 9.902   -6.713  -3.788  1.00 49.53  ? 7   TRP A CD2 1 
ATOM   53   N NE1 . TRP A 1 7   ? 8.273   -8.242  -3.981  1.00 51.11  ? 7   TRP A NE1 1 
ATOM   54   C CE2 . TRP A 1 7   ? 9.252   -7.591  -4.685  1.00 46.31  ? 7   TRP A CE2 1 
ATOM   55   C CE3 . TRP A 1 7   ? 10.956  -5.918  -4.262  1.00 47.87  ? 7   TRP A CE3 1 
ATOM   56   C CZ2 . TRP A 1 7   ? 9.617   -7.699  -6.028  1.00 43.66  ? 7   TRP A CZ2 1 
ATOM   57   C CZ3 . TRP A 1 7   ? 11.320  -6.026  -5.607  1.00 48.46  ? 7   TRP A CZ3 1 
ATOM   58   C CH2 . TRP A 1 7   ? 10.648  -6.909  -6.471  1.00 54.49  ? 7   TRP A CH2 1 
ATOM   59   N N   . LYS A 1 8   ? 11.972  -5.236  0.748   1.00 49.05  ? 8   LYS A N   1 
ATOM   60   C CA  . LYS A 1 8   ? 12.341  -4.336  1.835   1.00 44.23  ? 8   LYS A CA  1 
ATOM   61   C C   . LYS A 1 8   ? 12.516  -2.920  1.292   1.00 45.82  ? 8   LYS A C   1 
ATOM   62   O O   . LYS A 1 8   ? 13.068  -2.726  0.202   1.00 46.43  ? 8   LYS A O   1 
ATOM   63   C CB  . LYS A 1 8   ? 13.620  -4.820  2.544   1.00 47.10  ? 8   LYS A CB  1 
ATOM   64   C CG  . LYS A 1 8   ? 14.912  -4.368  1.906   0.76 54.35  ? 8   LYS A CG  1 
ATOM   65   C CD  . LYS A 1 8   ? 16.036  -5.362  2.118   0.67 61.39  ? 8   LYS A CD  1 
ATOM   66   C CE  . LYS A 1 8   ? 17.309  -4.899  1.405   1.00 64.26  ? 8   LYS A CE  1 
ATOM   67   N NZ  . LYS A 1 8   ? 18.183  -6.060  1.060   1.00 72.00  ? 8   LYS A NZ  1 
ATOM   68   N N   . ILE A 1 9   ? 12.044  -1.930  2.062   1.00 51.85  ? 9   ILE A N   1 
ATOM   69   C CA  . ILE A 1 9   ? 11.943  -0.558  1.562   1.00 49.81  ? 9   ILE A CA  1 
ATOM   70   C C   . ILE A 1 9   ? 13.323  0.083   1.491   1.00 47.69  ? 9   ILE A C   1 
ATOM   71   O O   . ILE A 1 9   ? 14.185  -0.152  2.349   1.00 52.11  ? 9   ILE A O   1 
ATOM   72   C CB  . ILE A 1 9   ? 10.987  0.268   2.446   1.00 50.12  ? 9   ILE A CB  1 
ATOM   73   C CG1 . ILE A 1 9   ? 10.564  1.554   1.741   1.00 46.73  ? 9   ILE A CG1 1 
ATOM   74   C CG2 . ILE A 1 9   ? 11.635  0.643   3.793   1.00 41.11  ? 9   ILE A CG2 1 
ATOM   75   C CD1 . ILE A 1 9   ? 9.439   2.259   2.446   1.00 41.09  ? 9   ILE A CD1 1 
ATOM   76   N N   . ILE A 1 10  ? 13.549  0.898   0.461   1.00 51.05  ? 10  ILE A N   1 
ATOM   77   C CA  . ILE A 1 10  ? 14.759  1.714   0.386   1.00 60.03  ? 10  ILE A CA  1 
ATOM   78   C C   . ILE A 1 10  ? 14.483  3.203   0.217   1.00 50.35  ? 10  ILE A C   1 
ATOM   79   O O   . ILE A 1 10  ? 15.395  4.009   0.430   1.00 59.29  ? 10  ILE A O   1 
ATOM   80   C CB  . ILE A 1 10  ? 15.719  1.229   -0.727  1.00 50.75  ? 10  ILE A CB  1 
ATOM   81   C CG1 . ILE A 1 10  ? 15.128  1.440   -2.108  1.00 46.54  ? 10  ILE A CG1 1 
ATOM   82   C CG2 . ILE A 1 10  ? 16.069  -0.232  -0.551  1.00 49.20  ? 10  ILE A CG2 1 
ATOM   83   C CD1 . ILE A 1 10  ? 16.142  1.223   -3.190  1.00 45.90  ? 10  ILE A CD1 1 
ATOM   84   N N   . ARG A 1 11  ? 13.283  3.609   -0.169  1.00 50.67  ? 11  ARG A N   1 
ATOM   85   C CA  . ARG A 1 11  ? 12.925  5.020   -0.228  1.00 61.36  ? 11  ARG A CA  1 
ATOM   86   C C   . ARG A 1 11  ? 11.505  5.159   0.288   1.00 61.84  ? 11  ARG A C   1 
ATOM   87   O O   . ARG A 1 11  ? 10.685  4.256   0.096   1.00 53.80  ? 11  ARG A O   1 
ATOM   88   C CB  . ARG A 1 11  ? 12.986  5.587   -1.656  1.00 58.50  ? 11  ARG A CB  1 
ATOM   89   C CG  . ARG A 1 11  ? 14.235  6.347   -2.004  1.00 70.73  ? 11  ARG A CG  1 
ATOM   90   C CD  . ARG A 1 11  ? 14.014  7.270   -3.209  1.00 70.90  ? 11  ARG A CD  1 
ATOM   91   N NE  . ARG A 1 11  ? 13.550  6.564   -4.408  1.00 77.23  ? 11  ARG A NE  1 
ATOM   92   C CZ  . ARG A 1 11  ? 14.313  5.790   -5.180  1.00 78.27  ? 11  ARG A CZ  1 
ATOM   93   N NH1 . ARG A 1 11  ? 13.798  5.196   -6.258  1.00 71.43  ? 11  ARG A NH1 1 
ATOM   94   N NH2 . ARG A 1 11  ? 15.589  5.595   -4.870  1.00 75.05  ? 11  ARG A NH2 1 
ATOM   95   N N   . SER A 1 12  ? 11.206  6.294   0.929   1.00 50.58  ? 12  SER A N   1 
ATOM   96   C CA  . SER A 1 12  ? 9.818   6.567   1.302   1.00 50.32  ? 12  SER A CA  1 
ATOM   97   C C   . SER A 1 12  ? 9.621   8.083   1.285   1.00 58.50  ? 12  SER A C   1 
ATOM   98   O O   . SER A 1 12  ? 10.082  8.787   2.199   1.00 51.42  ? 12  SER A O   1 
ATOM   99   C CB  . SER A 1 12  ? 9.477   5.944   2.652   1.00 46.88  ? 12  SER A CB  1 
ATOM   100  O OG  . SER A 1 12  ? 8.240   6.436   3.153   1.00 50.42  ? 12  SER A OG  1 
ATOM   101  N N   . GLU A 1 13  ? 8.945   8.567   0.231   1.00 52.36  ? 13  GLU A N   1 
ATOM   102  C CA  . GLU A 1 13  ? 8.671   9.977   -0.016  1.00 59.13  ? 13  GLU A CA  1 
ATOM   103  C C   . GLU A 1 13  ? 7.204   10.298  0.228   1.00 60.69  ? 13  GLU A C   1 
ATOM   104  O O   . GLU A 1 13  ? 6.317   9.520   -0.144  1.00 52.42  ? 13  GLU A O   1 
ATOM   105  C CB  . GLU A 1 13  ? 9.009   10.360  -1.456  1.00 56.20  ? 13  GLU A CB  1 
ATOM   106  C CG  . GLU A 1 13  ? 10.246  9.685   -1.987  1.00 76.73  ? 13  GLU A CG  1 
ATOM   107  C CD  . GLU A 1 13  ? 10.387  9.779   -3.498  1.00 87.81  ? 13  GLU A CD  1 
ATOM   108  O OE1 . GLU A 1 13  ? 11.411  9.277   -4.026  1.00 85.81  ? 13  GLU A OE1 1 
ATOM   109  O OE2 . GLU A 1 13  ? 9.472   10.337  -4.149  1.00 86.97  ? 13  GLU A OE2 1 
ATOM   110  N N   . ASN A 1 14  ? 6.964   11.456  0.844   1.00 50.05  ? 14  ASN A N   1 
ATOM   111  C CA  . ASN A 1 14  ? 5.635   12.037  1.016   1.00 50.61  ? 14  ASN A CA  1 
ATOM   112  C C   . ASN A 1 14  ? 4.757   11.297  2.012   1.00 50.83  ? 14  ASN A C   1 
ATOM   113  O O   . ASN A 1 14  ? 3.546   11.566  2.063   1.00 53.92  ? 14  ASN A O   1 
ATOM   114  C CB  . ASN A 1 14  ? 4.868   12.122  -0.305  1.00 51.88  ? 14  ASN A CB  1 
ATOM   115  C CG  . ASN A 1 14  ? 4.782   13.517  -0.830  1.00 61.23  ? 14  ASN A CG  1 
ATOM   116  O OD1 . ASN A 1 14  ? 5.528   14.410  -0.403  1.00 68.80  ? 14  ASN A OD1 1 
ATOM   117  N ND2 . ASN A 1 14  ? 3.875   13.730  -1.777  1.00 57.59  ? 14  ASN A ND2 1 
ATOM   118  N N   . PHE A 1 15  ? 5.309   10.368  2.801   1.00 40.65  ? 15  PHE A N   1 
ATOM   119  C CA  . PHE A 1 15  ? 4.479   9.650   3.771   1.00 40.82  ? 15  PHE A CA  1 
ATOM   120  C C   . PHE A 1 15  ? 3.812   10.606  4.766   1.00 50.88  ? 15  PHE A C   1 
ATOM   121  O O   . PHE A 1 15  ? 2.601   10.523  5.012   1.00 46.80  ? 15  PHE A O   1 
ATOM   122  C CB  . PHE A 1 15  ? 5.317   8.606   4.507   1.00 50.50  ? 15  PHE A CB  1 
ATOM   123  C CG  . PHE A 1 15  ? 4.500   7.590   5.261   1.00 50.10  ? 15  PHE A CG  1 
ATOM   124  C CD1 . PHE A 1 15  ? 3.465   6.906   4.637   1.00 55.77  ? 15  PHE A CD1 1 
ATOM   125  C CD2 . PHE A 1 15  ? 4.786   7.290   6.580   1.00 55.64  ? 15  PHE A CD2 1 
ATOM   126  C CE1 . PHE A 1 15  ? 2.718   5.952   5.318   1.00 50.19  ? 15  PHE A CE1 1 
ATOM   127  C CE2 . PHE A 1 15  ? 4.039   6.337   7.268   1.00 65.75  ? 15  PHE A CE2 1 
ATOM   128  C CZ  . PHE A 1 15  ? 3.003   5.665   6.630   1.00 48.51  ? 15  PHE A CZ  1 
ATOM   129  N N   . GLU A 1 16  ? 4.592   11.524  5.351   1.00 54.30  ? 16  GLU A N   1 
ATOM   130  C CA  . GLU A 1 16  ? 4.056   12.391  6.395   1.00 45.14  ? 16  GLU A CA  1 
ATOM   131  C C   . GLU A 1 16  ? 2.902   13.228  5.865   1.00 48.72  ? 16  GLU A C   1 
ATOM   132  O O   . GLU A 1 16  ? 1.862   13.379  6.525   1.00 44.07  ? 16  GLU A O   1 
ATOM   133  C CB  . GLU A 1 16  ? 5.158   13.294  6.949   1.00 53.71  ? 16  GLU A CB  1 
ATOM   134  C CG  . GLU A 1 16  ? 4.680   14.130  8.115   1.00 55.63  ? 16  GLU A CG  1 
ATOM   135  C CD  . GLU A 1 16  ? 5.693   15.163  8.599   1.00 68.25  ? 16  GLU A CD  1 
ATOM   136  O OE1 . GLU A 1 16  ? 6.874   15.114  8.186   1.00 62.82  ? 16  GLU A OE1 1 
ATOM   137  O OE2 . GLU A 1 16  ? 5.286   16.024  9.407   1.00 58.90  ? 16  GLU A OE2 1 
ATOM   138  N N   . GLU A 1 17  ? 3.077   13.789  4.668   1.00 48.55  ? 17  GLU A N   1 
ATOM   139  C CA  . GLU A 1 17  ? 2.040   14.622  4.071   1.00 50.67  ? 17  GLU A CA  1 
ATOM   140  C C   . GLU A 1 17  ? 0.765   13.820  3.823   1.00 54.56  ? 17  GLU A C   1 
ATOM   141  O O   . GLU A 1 17  ? -0.344  14.318  4.055   1.00 56.02  ? 17  GLU A O   1 
ATOM   142  C CB  . GLU A 1 17  ? 2.559   15.237  2.774   1.00 52.64  ? 17  GLU A CB  1 
ATOM   143  C CG  . GLU A 1 17  ? 3.750   16.208  2.933   1.00 68.06  ? 17  GLU A CG  1 
ATOM   144  C CD  . GLU A 1 17  ? 5.101   15.523  3.234   1.00 74.28  ? 17  GLU A CD  1 
ATOM   145  O OE1 . GLU A 1 17  ? 5.151   14.273  3.402   1.00 55.19  ? 17  GLU A OE1 1 
ATOM   146  O OE2 . GLU A 1 17  ? 6.121   16.258  3.298   1.00 75.19  ? 17  GLU A OE2 1 
ATOM   147  N N   . LEU A 1 18  ? 0.900   12.567  3.372   1.00 52.64  ? 18  LEU A N   1 
ATOM   148  C CA  . LEU A 1 18  ? -0.275  11.703  3.238   1.00 49.84  ? 18  LEU A CA  1 
ATOM   149  C C   . LEU A 1 18  ? -0.999  11.579  4.576   1.00 52.42  ? 18  LEU A C   1 
ATOM   150  O O   . LEU A 1 18  ? -2.202  11.843  4.673   1.00 53.89  ? 18  LEU A O   1 
ATOM   151  C CB  . LEU A 1 18  ? 0.139   10.325  2.703   1.00 44.03  ? 18  LEU A CB  1 
ATOM   152  C CG  . LEU A 1 18  ? -0.904  9.227   2.433   1.00 52.98  ? 18  LEU A CG  1 
ATOM   153  C CD1 . LEU A 1 18  ? -1.502  9.372   1.057   1.00 48.72  ? 18  LEU A CD1 1 
ATOM   154  C CD2 . LEU A 1 18  ? -0.282  7.861   2.546   1.00 50.42  ? 18  LEU A CD2 1 
ATOM   155  N N   . LEU A 1 19  ? -0.267  11.210  5.634   1.00 46.25  ? 19  LEU A N   1 
ATOM   156  C CA  . LEU A 1 19  ? -0.896  11.073  6.942   1.00 47.52  ? 19  LEU A CA  1 
ATOM   157  C C   . LEU A 1 19  ? -1.515  12.383  7.412   1.00 50.15  ? 19  LEU A C   1 
ATOM   158  O O   . LEU A 1 19  ? -2.529  12.372  8.125   1.00 55.02  ? 19  LEU A O   1 
ATOM   159  C CB  . LEU A 1 19  ? 0.123   10.585  7.966   1.00 44.42  ? 19  LEU A CB  1 
ATOM   160  C CG  . LEU A 1 19  ? 0.771   9.254   7.636   1.00 51.80  ? 19  LEU A CG  1 
ATOM   161  C CD1 . LEU A 1 19  ? 1.668   8.844   8.774   1.00 47.93  ? 19  LEU A CD1 1 
ATOM   162  C CD2 . LEU A 1 19  ? -0.323  8.216   7.406   1.00 48.55  ? 19  LEU A CD2 1 
ATOM   163  N N   . LYS A 1 20  ? -0.907  13.517  7.060   1.00 49.01  ? 20  LYS A N   1 
ATOM   164  C CA  . LYS A 1 20  ? -1.505  14.805  7.403   1.00 53.99  ? 20  LYS A CA  1 
ATOM   165  C C   . LYS A 1 20  ? -2.877  14.957  6.754   1.00 58.48  ? 20  LYS A C   1 
ATOM   166  O O   . LYS A 1 20  ? -3.848  15.355  7.409   1.00 57.06  ? 20  LYS A O   1 
ATOM   167  C CB  . LYS A 1 20  ? -0.579  15.946  6.979   1.00 51.20  ? 20  LYS A CB  1 
ATOM   168  C CG  . LYS A 1 20  ? -0.921  17.287  7.610   1.00 52.22  ? 20  LYS A CG  1 
ATOM   169  C CD  . LYS A 1 20  ? 0.075   18.337  7.158   1.00 54.14  ? 20  LYS A CD  1 
ATOM   170  C CE  . LYS A 1 20  ? -0.291  19.724  7.598   1.00 55.34  ? 20  LYS A CE  1 
ATOM   171  N NZ  . LYS A 1 20  ? 0.720   20.641  7.003   1.00 66.57  ? 20  LYS A NZ  1 
ATOM   172  N N   . VAL A 1 21  ? -2.977  14.625  5.460   1.00 57.52  ? 21  VAL A N   1 
ATOM   173  C CA  . VAL A 1 21  ? -4.262  14.657  4.763   1.00 53.71  ? 21  VAL A CA  1 
ATOM   174  C C   . VAL A 1 21  ? -5.275  13.737  5.438   1.00 56.64  ? 21  VAL A C   1 
ATOM   175  O O   . VAL A 1 21  ? -6.482  14.020  5.443   1.00 62.80  ? 21  VAL A O   1 
ATOM   176  C CB  . VAL A 1 21  ? -4.058  14.293  3.279   1.00 54.20  ? 21  VAL A CB  1 
ATOM   177  C CG1 . VAL A 1 21  ? -5.369  13.867  2.640   1.00 53.04  ? 21  VAL A CG1 1 
ATOM   178  C CG2 . VAL A 1 21  ? -3.460  15.464  2.532   1.00 48.65  ? 21  VAL A CG2 1 
ATOM   179  N N   . LEU A 1 22  ? -4.812  12.636  6.027   1.00 57.41  ? 22  LEU A N   1 
ATOM   180  C CA  . LEU A 1 22  ? -5.688  11.692  6.714   1.00 56.67  ? 22  LEU A CA  1 
ATOM   181  C C   . LEU A 1 22  ? -5.925  12.044  8.179   1.00 58.08  ? 22  LEU A C   1 
ATOM   182  O O   . LEU A 1 22  ? -6.420  11.196  8.930   1.00 62.59  ? 22  LEU A O   1 
ATOM   183  C CB  . LEU A 1 22  ? -5.123  10.277  6.610   1.00 48.53  ? 22  LEU A CB  1 
ATOM   184  C CG  . LEU A 1 22  ? -5.039  9.753   5.176   1.00 61.03  ? 22  LEU A CG  1 
ATOM   185  C CD1 . LEU A 1 22  ? -3.997  8.641   5.042   1.00 55.95  ? 22  LEU A CD1 1 
ATOM   186  C CD2 . LEU A 1 22  ? -6.416  9.284   4.720   1.00 61.85  ? 22  LEU A CD2 1 
ATOM   187  N N   . GLY A 1 23  ? -5.569  13.258  8.607   1.00 62.47  ? 23  GLY A N   1 
ATOM   188  C CA  . GLY A 1 23  ? -5.904  13.729  9.939   1.00 57.33  ? 23  GLY A CA  1 
ATOM   189  C C   . GLY A 1 23  ? -5.033  13.222  11.064  1.00 52.32  ? 23  GLY A C   1 
ATOM   190  O O   . GLY A 1 23  ? -5.386  13.424  12.231  1.00 58.57  ? 23  GLY A O   1 
ATOM   191  N N   . VAL A 1 24  ? -3.907  12.572  10.763  1.00 53.98  ? 24  VAL A N   1 
ATOM   192  C CA  . VAL A 1 24  ? -2.999  12.157  11.823  1.00 51.25  ? 24  VAL A CA  1 
ATOM   193  C C   . VAL A 1 24  ? -2.322  13.389  12.406  1.00 53.16  ? 24  VAL A C   1 
ATOM   194  O O   . VAL A 1 24  ? -1.803  14.238  11.670  1.00 56.86  ? 24  VAL A O   1 
ATOM   195  C CB  . VAL A 1 24  ? -1.961  11.159  11.298  1.00 47.62  ? 24  VAL A CB  1 
ATOM   196  C CG1 . VAL A 1 24  ? -1.193  10.557  12.451  1.00 51.22  ? 24  VAL A CG1 1 
ATOM   197  C CG2 . VAL A 1 24  ? -2.633  10.065  10.496  1.00 57.62  ? 24  VAL A CG2 1 
ATOM   198  N N   . ASN A 1 25  ? -2.304  13.476  13.727  1.00 49.78  ? 25  ASN A N   1 
ATOM   199  C CA  . ASN A 1 25  ? -1.658  14.601  14.384  1.00 52.97  ? 25  ASN A CA  1 
ATOM   200  C C   . ASN A 1 25  ? -0.129  14.463  14.355  1.00 56.95  ? 25  ASN A C   1 
ATOM   201  O O   . ASN A 1 25  ? 0.429   13.376  14.148  1.00 51.12  ? 25  ASN A O   1 
ATOM   202  C CB  . ASN A 1 25  ? -2.187  14.746  15.811  1.00 57.33  ? 25  ASN A CB  1 
ATOM   203  C CG  . ASN A 1 25  ? -3.523  15.499  15.860  1.00 70.77  ? 25  ASN A CG  1 
ATOM   204  O OD1 . ASN A 1 25  ? -3.684  16.544  15.224  1.00 64.78  ? 25  ASN A OD1 1 
ATOM   205  N ND2 . ASN A 1 25  ? -4.471  14.980  16.628  1.00 81.72  ? 25  ASN A ND2 1 
ATOM   206  N N   . VAL A 1 26  ? 0.536   15.602  14.596  1.00 47.26  ? 26  VAL A N   1 
ATOM   207  C CA  . VAL A 1 26  ? 1.945   15.797  14.233  1.00 51.39  ? 26  VAL A CA  1 
ATOM   208  C C   . VAL A 1 26  ? 2.843   14.729  14.848  1.00 51.64  ? 26  VAL A C   1 
ATOM   209  O O   . VAL A 1 26  ? 3.675   14.124  14.159  1.00 56.11  ? 26  VAL A O   1 
ATOM   210  C CB  . VAL A 1 26  ? 2.418   17.203  14.647  1.00 46.33  ? 26  VAL A CB  1 
ATOM   211  C CG1 . VAL A 1 26  ? 3.831   17.422  14.168  1.00 46.84  ? 26  VAL A CG1 1 
ATOM   212  C CG2 . VAL A 1 26  ? 1.481   18.256  14.089  1.00 60.23  ? 26  VAL A CG2 1 
ATOM   213  N N   . MET A 1 27  ? 2.729   14.514  16.162  1.00 49.20  ? 27  MET A N   1 
ATOM   214  C CA  . MET A 1 27  ? 3.659   13.602  16.824  1.00 57.31  ? 27  MET A CA  1 
ATOM   215  C C   . MET A 1 27  ? 3.510   12.166  16.308  1.00 51.44  ? 27  MET A C   1 
ATOM   216  O O   . MET A 1 27  ? 4.513   11.492  16.041  1.00 43.31  ? 27  MET A O   1 
ATOM   217  C CB  . MET A 1 27  ? 3.479   13.663  18.342  1.00 53.85  ? 27  MET A CB  1 
ATOM   218  C CG  . MET A 1 27  ? 4.631   13.034  19.108  0.88 57.56  ? 27  MET A CG  1 
ATOM   219  S SD  . MET A 1 27  ? 4.204   12.058  20.562  0.95 94.65  ? 27  MET A SD  1 
ATOM   220  C CE  . MET A 1 27  ? 3.175   10.760  19.832  1.00 68.85  ? 27  MET A CE  1 
ATOM   221  N N   . LEU A 1 28  ? 2.279   11.686  16.138  1.00 44.89  ? 28  LEU A N   1 
ATOM   222  C CA  . LEU A 1 28  ? 2.122   10.347  15.558  1.00 51.54  ? 28  LEU A CA  1 
ATOM   223  C C   . LEU A 1 28  ? 2.587   10.291  14.108  1.00 50.31  ? 28  LEU A C   1 
ATOM   224  O O   . LEU A 1 28  ? 3.090   9.256   13.669  1.00 54.88  ? 28  LEU A O   1 
ATOM   225  C CB  . LEU A 1 28  ? 0.678   9.868   15.670  1.00 42.68  ? 28  LEU A CB  1 
ATOM   226  C CG  . LEU A 1 28  ? 0.177   9.789   17.121  1.00 61.14  ? 28  LEU A CG  1 
ATOM   227  C CD1 . LEU A 1 28  ? -1.290  10.187  17.240  1.00 68.23  ? 28  LEU A CD1 1 
ATOM   228  C CD2 . LEU A 1 28  ? 0.399   8.410   17.695  1.00 64.12  ? 28  LEU A CD2 1 
ATOM   229  N N   . ARG A 1 29  ? 2.468   11.384  13.350  1.00 50.92  ? 29  ARG A N   1 
ATOM   230  C CA  . ARG A 1 29  ? 2.976   11.345  11.978  1.00 46.23  ? 29  ARG A CA  1 
ATOM   231  C C   . ARG A 1 29  ? 4.474   11.076  11.965  1.00 55.78  ? 29  ARG A C   1 
ATOM   232  O O   . ARG A 1 29  ? 4.957   10.264  11.159  1.00 48.40  ? 29  ARG A O   1 
ATOM   233  C CB  . ARG A 1 29  ? 2.671   12.650  11.240  1.00 43.56  ? 29  ARG A CB  1 
ATOM   234  C CG  . ARG A 1 29  ? 1.215   13.017  11.175  1.00 45.04  ? 29  ARG A CG  1 
ATOM   235  C CD  . ARG A 1 29  ? 0.943   13.918  9.994   1.00 46.53  ? 29  ARG A CD  1 
ATOM   236  N NE  . ARG A 1 29  ? 1.761   15.127  10.007  1.00 50.93  ? 29  ARG A NE  1 
ATOM   237  C CZ  . ARG A 1 29  ? 1.361   16.299  10.494  1.00 56.83  ? 29  ARG A CZ  1 
ATOM   238  N NH1 . ARG A 1 29  ? 0.146   16.425  11.017  1.00 48.49  ? 29  ARG A NH1 1 
ATOM   239  N NH2 . ARG A 1 29  ? 2.177   17.346  10.455  1.00 50.95  ? 29  ARG A NH2 1 
ATOM   240  N N   . LYS A 1 30  ? 5.222   11.746  12.861  1.00 53.95  ? 30  LYS A N   1 
ATOM   241  C CA  . LYS A 1 30  ? 6.673   11.578  12.931  1.00 53.78  ? 30  LYS A CA  1 
ATOM   242  C C   . LYS A 1 30  ? 7.048   10.168  13.376  1.00 46.40  ? 30  LYS A C   1 
ATOM   243  O O   . LYS A 1 30  ? 8.018   9.588   12.878  1.00 45.92  ? 30  LYS A O   1 
ATOM   244  C CB  . LYS A 1 30  ? 7.279   12.616  13.888  1.00 48.31  ? 30  LYS A CB  1 
ATOM   245  C CG  . LYS A 1 30  ? 6.958   14.079  13.546  1.00 52.70  ? 30  LYS A CG  1 
ATOM   246  C CD  . LYS A 1 30  ? 7.501   14.472  12.165  1.00 52.73  ? 30  LYS A CD  1 
ATOM   247  C CE  . LYS A 1 30  ? 7.549   15.995  11.978  1.00 46.96  ? 30  LYS A CE  1 
ATOM   248  N NZ  . LYS A 1 30  ? 8.036   16.423  10.612  1.00 43.51  ? 30  LYS A NZ  1 
ATOM   249  N N   . ILE A 1 31  ? 6.307   9.612   14.333  1.00 48.82  ? 31  ILE A N   1 
ATOM   250  C CA  . ILE A 1 31  ? 6.571   8.244   14.754  1.00 51.40  ? 31  ILE A CA  1 
ATOM   251  C C   . ILE A 1 31  ? 6.236   7.262   13.635  1.00 48.78  ? 31  ILE A C   1 
ATOM   252  O O   . ILE A 1 31  ? 6.920   6.242   13.469  1.00 45.74  ? 31  ILE A O   1 
ATOM   253  C CB  . ILE A 1 31  ? 5.797   7.955   16.051  1.00 55.62  ? 31  ILE A CB  1 
ATOM   254  C CG1 . ILE A 1 31  ? 6.243   8.930   17.143  1.00 50.13  ? 31  ILE A CG1 1 
ATOM   255  C CG2 . ILE A 1 31  ? 6.099   6.601   16.553  1.00 56.84  ? 31  ILE A CG2 1 
ATOM   256  C CD1 . ILE A 1 31  ? 5.669   8.612   18.507  1.00 54.81  ? 31  ILE A CD1 1 
ATOM   257  N N   . ALA A 1 32  ? 5.218   7.566   12.825  1.00 48.52  ? 32  ALA A N   1 
ATOM   258  C CA  . ALA A 1 32  ? 4.919   6.715   11.680  1.00 46.86  ? 32  ALA A CA  1 
ATOM   259  C C   . ALA A 1 32  ? 5.991   6.827   10.613  1.00 47.93  ? 32  ALA A C   1 
ATOM   260  O O   . ALA A 1 32  ? 6.266   5.848   9.917   1.00 45.74  ? 32  ALA A O   1 
ATOM   261  C CB  . ALA A 1 32  ? 3.554   7.067   11.089  1.00 39.52  ? 32  ALA A CB  1 
ATOM   262  N N   . VAL A 1 33  ? 6.604   8.001   10.458  1.00 45.48  ? 33  VAL A N   1 
ATOM   263  C CA  . VAL A 1 33  ? 7.666   8.109   9.467   1.00 47.29  ? 33  VAL A CA  1 
ATOM   264  C C   . VAL A 1 33  ? 8.876   7.300   9.909   1.00 46.88  ? 33  VAL A C   1 
ATOM   265  O O   . VAL A 1 33  ? 9.511   6.625   9.096   1.00 49.56  ? 33  VAL A O   1 
ATOM   266  C CB  . VAL A 1 33  ? 8.031   9.582   9.198   1.00 48.49  ? 33  VAL A CB  1 
ATOM   267  C CG1 . VAL A 1 33  ? 9.243   9.646   8.285   1.00 35.22  ? 33  VAL A CG1 1 
ATOM   268  C CG2 . VAL A 1 33  ? 6.868   10.290  8.543   1.00 46.82  ? 33  VAL A CG2 1 
ATOM   269  N N   . ALA A 1 34  ? 9.222   7.361   11.199  1.00 48.82  ? 34  ALA A N   1 
ATOM   270  C CA  . ALA A 1 34  ? 10.302  6.520   11.702  1.00 50.56  ? 34  ALA A CA  1 
ATOM   271  C C   . ALA A 1 34  ? 9.984   5.043   11.482  1.00 49.08  ? 34  ALA A C   1 
ATOM   272  O O   . ALA A 1 34  ? 10.798  4.291   10.930  1.00 53.95  ? 34  ALA A O   1 
ATOM   273  C CB  . ALA A 1 34  ? 10.537  6.807   13.181  1.00 38.04  ? 34  ALA A CB  1 
ATOM   274  N N   . ALA A 1 35  ? 8.781   4.618   11.875  1.00 47.28  ? 35  ALA A N   1 
ATOM   275  C CA  . ALA A 1 35  ? 8.398   3.209   11.739  1.00 47.35  ? 35  ALA A CA  1 
ATOM   276  C C   . ALA A 1 35  ? 8.373   2.745   10.281  1.00 52.79  ? 35  ALA A C   1 
ATOM   277  O O   . ALA A 1 35  ? 8.627   1.566   10.007  1.00 56.01  ? 35  ALA A O   1 
ATOM   278  C CB  . ALA A 1 35  ? 7.033   2.973   12.388  1.00 37.08  ? 35  ALA A CB  1 
ATOM   279  N N   . ALA A 1 36  ? 8.084   3.648   9.333   1.00 53.82  ? 36  ALA A N   1 
ATOM   280  C CA  . ALA A 1 36  ? 8.051   3.285   7.916   1.00 51.16  ? 36  ALA A CA  1 
ATOM   281  C C   . ALA A 1 36  ? 9.423   2.976   7.346   1.00 55.84  ? 36  ALA A C   1 
ATOM   282  O O   . ALA A 1 36  ? 9.509   2.420   6.248   1.00 55.75  ? 36  ALA A O   1 
ATOM   283  C CB  . ALA A 1 36  ? 7.414   4.393   7.085   1.00 47.36  ? 36  ALA A CB  1 
ATOM   284  N N   . SER A 1 37  ? 10.492  3.313   8.056   1.00 55.12  ? 37  SER A N   1 
ATOM   285  C CA  . SER A 1 37  ? 11.822  2.943   7.597   1.00 56.38  ? 37  SER A CA  1 
ATOM   286  C C   . SER A 1 37  ? 12.083  1.443   7.713   1.00 58.04  ? 37  SER A C   1 
ATOM   287  O O   . SER A 1 37  ? 13.074  0.961   7.153   1.00 53.93  ? 37  SER A O   1 
ATOM   288  C CB  . SER A 1 37  ? 12.860  3.750   8.378   1.00 47.20  ? 37  SER A CB  1 
ATOM   289  O OG  . SER A 1 37  ? 14.098  3.089   8.454   0.69 61.59  ? 37  SER A OG  1 
ATOM   290  N N   . LYS A 1 38  ? 11.211  0.689   8.400   1.00 52.93  ? 38  LYS A N   1 
ATOM   291  C CA  . LYS A 1 38  ? 11.314  -0.766  8.475   1.00 54.89  ? 38  LYS A CA  1 
ATOM   292  C C   . LYS A 1 38  ? 10.162  -1.477  7.751   1.00 52.12  ? 38  LYS A C   1 
ATOM   293  O O   . LYS A 1 38  ? 9.824   -2.613  8.094   1.00 56.76  ? 38  LYS A O   1 
ATOM   294  C CB  . LYS A 1 38  ? 11.387  -1.221  9.935   1.00 59.44  ? 38  LYS A CB  1 
ATOM   295  C CG  . LYS A 1 38  ? 12.638  -0.761  10.702  1.00 63.14  ? 38  LYS A CG  1 
ATOM   296  C CD  . LYS A 1 38  ? 13.943  -1.235  10.042  0.92 70.49  ? 38  LYS A CD  1 
ATOM   297  C CE  . LYS A 1 38  ? 15.166  -0.539  10.672  0.74 69.83  ? 38  LYS A CE  1 
ATOM   298  N NZ  . LYS A 1 38  ? 16.342  -0.408  9.750   1.00 75.07  ? 38  LYS A NZ  1 
ATOM   299  N N   . TYR A 1 39  ? 9.544   -0.837  6.750   1.00 46.46  ? 39  TYR A N   1 
ATOM   300  C CA  . TYR A 1 39  ? 8.498   -1.528  5.993   1.00 46.70  ? 39  TYR A CA  1 
ATOM   301  C C   . TYR A 1 39  ? 9.100   -2.696  5.241   1.00 38.83  ? 39  TYR A C   1 
ATOM   302  O O   . TYR A 1 39  ? 10.088  -2.539  4.520   1.00 44.26  ? 39  TYR A O   1 
ATOM   303  C CB  . TYR A 1 39  ? 7.805   -0.609  4.988   1.00 38.25  ? 39  TYR A CB  1 
ATOM   304  C CG  . TYR A 1 39  ? 6.581   0.063   5.518   1.00 45.85  ? 39  TYR A CG  1 
ATOM   305  C CD1 . TYR A 1 39  ? 6.398   1.430   5.346   1.00 59.23  ? 39  TYR A CD1 1 
ATOM   306  C CD2 . TYR A 1 39  ? 5.618   -0.640  6.206   1.00 48.69  ? 39  TYR A CD2 1 
ATOM   307  C CE1 . TYR A 1 39  ? 5.288   2.070   5.844   1.00 55.16  ? 39  TYR A CE1 1 
ATOM   308  C CE2 . TYR A 1 39  ? 4.488   -0.007  6.698   1.00 52.38  ? 39  TYR A CE2 1 
ATOM   309  C CZ  . TYR A 1 39  ? 4.334   1.350   6.518   1.00 56.96  ? 39  TYR A CZ  1 
ATOM   310  O OH  . TYR A 1 39  ? 3.228   2.003   7.008   1.00 56.80  ? 39  TYR A OH  1 
ATOM   311  N N   . ALA A 1 40  ? 8.490   -3.859  5.409   1.00 45.03  ? 40  ALA A N   1 
ATOM   312  C CA  . ALA A 1 40  ? 8.814   -5.061  4.660   1.00 47.51  ? 40  ALA A CA  1 
ATOM   313  C C   . ALA A 1 40  ? 7.533   -5.593  4.026   1.00 47.83  ? 40  ALA A C   1 
ATOM   314  O O   . ALA A 1 40  ? 6.469   -5.576  4.653   1.00 50.01  ? 40  ALA A O   1 
ATOM   315  C CB  . ALA A 1 40  ? 9.444   -6.115  5.581   1.00 39.91  ? 40  ALA A CB  1 
ATOM   316  N N   . VAL A 1 41  ? 7.623   -6.054  2.781   1.00 43.01  ? 41  VAL A N   1 
ATOM   317  C CA  . VAL A 1 41  ? 6.455   -6.517  2.038   1.00 39.68  ? 41  VAL A CA  1 
ATOM   318  C C   . VAL A 1 41  ? 6.731   -7.924  1.526   1.00 49.63  ? 41  VAL A C   1 
ATOM   319  O O   . VAL A 1 41  ? 7.742   -8.159  0.856   1.00 52.13  ? 41  VAL A O   1 
ATOM   320  C CB  . VAL A 1 41  ? 6.112   -5.586  0.859   1.00 53.12  ? 41  VAL A CB  1 
ATOM   321  C CG1 . VAL A 1 41  ? 4.989   -6.172  0.026   1.00 42.99  ? 41  VAL A CG1 1 
ATOM   322  C CG2 . VAL A 1 41  ? 5.750   -4.179  1.341   1.00 44.81  ? 41  VAL A CG2 1 
ATOM   323  N N   . GLU A 1 42  ? 5.830   -8.858  1.831   1.00 49.90  ? 42  GLU A N   1 
ATOM   324  C CA  . GLU A 1 42  ? 5.921   -10.221 1.329   1.00 47.32  ? 42  GLU A CA  1 
ATOM   325  C C   . GLU A 1 42  ? 4.731   -10.484 0.411   1.00 52.92  ? 42  GLU A C   1 
ATOM   326  O O   . GLU A 1 42  ? 3.576   -10.248 0.784   1.00 48.40  ? 42  GLU A O   1 
ATOM   327  C CB  . GLU A 1 42  ? 5.964   -11.253 2.464   1.00 48.95  ? 42  GLU A CB  1 
ATOM   328  C CG  . GLU A 1 42  ? 6.167   -12.685 1.916   0.80 62.84  ? 42  GLU A CG  1 
ATOM   329  C CD  . GLU A 1 42  ? 5.981   -13.816 2.937   1.00 80.68  ? 42  GLU A CD  1 
ATOM   330  O OE1 . GLU A 1 42  ? 5.726   -13.551 4.135   1.00 79.79  ? 42  GLU A OE1 1 
ATOM   331  O OE2 . GLU A 1 42  ? 6.089   -14.992 2.521   1.00 85.20  ? 42  GLU A OE2 1 
ATOM   332  N N   . ILE A 1 43  ? 5.010   -10.961 -0.794  1.00 50.95  ? 43  ILE A N   1 
ATOM   333  C CA  . ILE A 1 43  ? 3.979   -11.154 -1.805  1.00 52.62  ? 43  ILE A CA  1 
ATOM   334  C C   . ILE A 1 43  ? 4.030   -12.600 -2.290  1.00 54.11  ? 43  ILE A C   1 
ATOM   335  O O   . ILE A 1 43  ? 5.107   -13.125 -2.602  1.00 52.17  ? 43  ILE A O   1 
ATOM   336  C CB  . ILE A 1 43  ? 4.153   -10.165 -2.973  1.00 42.59  ? 43  ILE A CB  1 
ATOM   337  C CG1 . ILE A 1 43  ? 4.143   -8.728  -2.443  1.00 42.72  ? 43  ILE A CG1 1 
ATOM   338  C CG2 . ILE A 1 43  ? 3.032   -10.328 -3.947  1.00 48.59  ? 43  ILE A CG2 1 
ATOM   339  C CD1 . ILE A 1 43  ? 4.153   -7.661  -3.534  1.00 35.55  ? 43  ILE A CD1 1 
ATOM   340  N N   . LYS A 1 44  ? 2.870   -13.245 -2.336  1.00 44.47  ? 44  LYS A N   1 
ATOM   341  C CA  . LYS A 1 44  ? 2.704   -14.524 -3.023  1.00 49.77  ? 44  LYS A CA  1 
ATOM   342  C C   . LYS A 1 44  ? 1.613   -14.310 -4.065  1.00 46.84  ? 44  LYS A C   1 
ATOM   343  O O   . LYS A 1 44  ? 0.475   -13.969 -3.721  1.00 48.48  ? 44  LYS A O   1 
ATOM   344  C CB  . LYS A 1 44  ? 2.355   -15.645 -2.044  1.00 51.64  ? 44  LYS A CB  1 
ATOM   345  C CG  . LYS A 1 44  ? 3.203   -15.602 -0.767  0.38 59.03  ? 44  LYS A CG  1 
ATOM   346  C CD  . LYS A 1 44  ? 2.885   -16.729 0.209   1.00 63.00  ? 44  LYS A CD  1 
ATOM   347  C CE  . LYS A 1 44  ? 4.123   -17.580 0.471   0.96 70.44  ? 44  LYS A CE  1 
ATOM   348  N NZ  . LYS A 1 44  ? 3.804   -18.783 1.293   1.00 73.84  ? 44  LYS A NZ  1 
ATOM   349  N N   . GLN A 1 45  ? 1.979   -14.439 -5.335  1.00 48.18  ? 45  GLN A N   1 
ATOM   350  C CA  . GLN A 1 45  ? 1.073   -14.217 -6.451  1.00 49.03  ? 45  GLN A CA  1 
ATOM   351  C C   . GLN A 1 45  ? 0.890   -15.513 -7.233  1.00 53.74  ? 45  GLN A C   1 
ATOM   352  O O   . GLN A 1 45  ? 1.852   -16.255 -7.453  1.00 53.37  ? 45  GLN A O   1 
ATOM   353  C CB  . GLN A 1 45  ? 1.600   -13.127 -7.382  1.00 46.51  ? 45  GLN A CB  1 
ATOM   354  C CG  . GLN A 1 45  ? 0.875   -13.061 -8.720  1.00 46.08  ? 45  GLN A CG  1 
ATOM   355  C CD  . GLN A 1 45  ? 1.530   -12.104 -9.693  1.00 57.57  ? 45  GLN A CD  1 
ATOM   356  O OE1 . GLN A 1 45  ? 2.642   -11.612 -9.457  1.00 59.62  ? 45  GLN A OE1 1 
ATOM   357  N NE2 . GLN A 1 45  ? 0.841   -11.822 -10.791 1.00 38.30  ? 45  GLN A NE2 1 
ATOM   358  N N   . GLU A 1 46  ? -0.341  -15.776 -7.667  1.00 53.66  ? 46  GLU A N   1 
ATOM   359  C CA  . GLU A 1 46  ? -0.612  -16.961 -8.487  1.00 61.33  ? 46  GLU A CA  1 
ATOM   360  C C   . GLU A 1 46  ? -1.702  -16.590 -9.477  1.00 49.10  ? 46  GLU A C   1 
ATOM   361  O O   . GLU A 1 46  ? -2.857  -16.395 -9.079  1.00 51.33  ? 46  GLU A O   1 
ATOM   362  C CB  . GLU A 1 46  ? -1.026  -18.150 -7.620  1.00 52.26  ? 46  GLU A CB  1 
ATOM   363  C CG  . GLU A 1 46  ? -0.734  -19.523 -8.209  0.92 74.28  ? 46  GLU A CG  1 
ATOM   364  C CD  . GLU A 1 46  ? 0.748   -19.886 -8.121  0.03 72.07  ? 46  GLU A CD  1 
ATOM   365  O OE1 . GLU A 1 46  ? 1.618   -19.052 -8.469  1.00 81.54  ? 46  GLU A OE1 1 
ATOM   366  O OE2 . GLU A 1 46  ? 1.031   -21.009 -7.655  0.67 84.14  ? 46  GLU A OE2 1 
ATOM   367  N N   . GLY A 1 47  ? -1.340  -16.473 -10.749 1.00 48.77  ? 47  GLY A N   1 
ATOM   368  C CA  . GLY A 1 47  ? -2.314  -15.974 -11.712 1.00 48.49  ? 47  GLY A CA  1 
ATOM   369  C C   . GLY A 1 47  ? -2.659  -14.542 -11.337 1.00 59.52  ? 47  GLY A C   1 
ATOM   370  O O   . GLY A 1 47  ? -1.777  -13.675 -11.247 1.00 57.37  ? 47  GLY A O   1 
ATOM   371  N N   . ASP A 1 48  ? -3.943  -14.268 -11.084 1.00 51.58  ? 48  ASP A N   1 
ATOM   372  C CA  . ASP A 1 48  ? -4.385  -12.930 -10.700 1.00 54.27  ? 48  ASP A CA  1 
ATOM   373  C C   . ASP A 1 48  ? -4.936  -12.904 -9.269  1.00 57.40  ? 48  ASP A C   1 
ATOM   374  O O   . ASP A 1 48  ? -5.776  -12.057 -8.925  1.00 52.70  ? 48  ASP A O   1 
ATOM   375  C CB  . ASP A 1 48  ? -5.415  -12.390 -11.694 1.00 55.71  ? 48  ASP A CB  1 
ATOM   376  C CG  . ASP A 1 48  ? -6.763  -13.083 -11.573 1.00 59.41  ? 48  ASP A CG  1 
ATOM   377  O OD1 . ASP A 1 48  ? -6.780  -14.226 -11.045 1.00 60.59  ? 48  ASP A OD1 1 
ATOM   378  O OD2 . ASP A 1 48  ? -7.793  -12.480 -11.994 1.00 56.09  ? 48  ASP A OD2 1 
ATOM   379  N N   . THR A 1 49  ? -4.476  -13.846 -8.442  1.00 48.85  ? 49  THR A N   1 
ATOM   380  C CA  . THR A 1 49  ? -4.795  -13.937 -7.021  1.00 54.72  ? 49  THR A CA  1 
ATOM   381  C C   . THR A 1 49  ? -3.554  -13.579 -6.208  1.00 46.04  ? 49  THR A C   1 
ATOM   382  O O   . THR A 1 49  ? -2.440  -13.952 -6.577  1.00 49.43  ? 49  THR A O   1 
ATOM   383  C CB  . THR A 1 49  ? -5.278  -15.353 -6.661  1.00 51.47  ? 49  THR A CB  1 
ATOM   384  O OG1 . THR A 1 49  ? -6.597  -15.556 -7.187  1.00 66.04  ? 49  THR A OG1 1 
ATOM   385  C CG2 . THR A 1 49  ? -5.313  -15.551 -5.159  1.00 49.04  ? 49  THR A CG2 1 
ATOM   386  N N   . PHE A 1 50  ? -3.739  -12.869 -5.097  1.00 43.37  ? 50  PHE A N   1 
ATOM   387  C CA  . PHE A 1 50  ? -2.603  -12.314 -4.366  1.00 42.87  ? 50  PHE A CA  1 
ATOM   388  C C   . PHE A 1 50  ? -2.774  -12.469 -2.869  1.00 38.98  ? 50  PHE A C   1 
ATOM   389  O O   . PHE A 1 50  ? -3.841  -12.168 -2.323  1.00 44.44  ? 50  PHE A O   1 
ATOM   390  C CB  . PHE A 1 50  ? -2.422  -10.813 -4.653  1.00 39.54  ? 50  PHE A CB  1 
ATOM   391  C CG  . PHE A 1 50  ? -1.856  -10.498 -6.008  1.00 44.21  ? 50  PHE A CG  1 
ATOM   392  C CD1 . PHE A 1 50  ? -2.692  -10.333 -7.102  1.00 50.64  ? 50  PHE A CD1 1 
ATOM   393  C CD2 . PHE A 1 50  ? -0.496  -10.302 -6.177  1.00 40.89  ? 50  PHE A CD2 1 
ATOM   394  C CE1 . PHE A 1 50  ? -2.177  -9.995  -8.348  1.00 51.25  ? 50  PHE A CE1 1 
ATOM   395  C CE2 . PHE A 1 50  ? 0.022   -9.956  -7.411  1.00 48.45  ? 50  PHE A CE2 1 
ATOM   396  C CZ  . PHE A 1 50  ? -0.817  -9.805  -8.502  1.00 46.54  ? 50  PHE A CZ  1 
ATOM   397  N N   . TYR A 1 51  ? -1.697  -12.880 -2.212  1.00 41.64  ? 51  TYR A N   1 
ATOM   398  C CA  . TYR A 1 51  ? -1.529  -12.715 -0.777  1.00 46.94  ? 51  TYR A CA  1 
ATOM   399  C C   . TYR A 1 51  ? -0.422  -11.692 -0.556  1.00 49.58  ? 51  TYR A C   1 
ATOM   400  O O   . TYR A 1 51  ? 0.664   -11.825 -1.132  1.00 48.35  ? 51  TYR A O   1 
ATOM   401  C CB  . TYR A 1 51  ? -1.169  -14.042 -0.107  1.00 37.90  ? 51  TYR A CB  1 
ATOM   402  C CG  . TYR A 1 51  ? -0.548  -13.901 1.271   1.00 51.02  ? 51  TYR A CG  1 
ATOM   403  C CD1 . TYR A 1 51  ? 0.840   -13.949 1.453   1.00 56.46  ? 51  TYR A CD1 1 
ATOM   404  C CD2 . TYR A 1 51  ? -1.350  -13.730 2.400   1.00 64.57  ? 51  TYR A CD2 1 
ATOM   405  C CE1 . TYR A 1 51  ? 1.406   -13.822 2.729   1.00 55.36  ? 51  TYR A CE1 1 
ATOM   406  C CE2 . TYR A 1 51  ? -0.798  -13.603 3.673   1.00 67.41  ? 51  TYR A CE2 1 
ATOM   407  C CZ  . TYR A 1 51  ? 0.576   -13.652 3.833   1.00 62.94  ? 51  TYR A CZ  1 
ATOM   408  O OH  . TYR A 1 51  ? 1.098   -13.534 5.107   1.00 68.69  ? 51  TYR A OH  1 
ATOM   409  N N   . ILE A 1 52  ? -0.687  -10.679 0.272   1.00 46.99  ? 52  ILE A N   1 
ATOM   410  C CA  . ILE A 1 52  ? 0.274   -9.601  0.505   1.00 45.43  ? 52  ILE A CA  1 
ATOM   411  C C   . ILE A 1 52  ? 0.319   -9.281  1.992   1.00 48.97  ? 52  ILE A C   1 
ATOM   412  O O   . ILE A 1 52  ? -0.712  -8.965  2.595   1.00 44.60  ? 52  ILE A O   1 
ATOM   413  C CB  . ILE A 1 52  ? -0.058  -8.333  -0.294  1.00 41.97  ? 52  ILE A CB  1 
ATOM   414  C CG1 . ILE A 1 52  ? -0.030  -8.628  -1.784  1.00 45.12  ? 52  ILE A CG1 1 
ATOM   415  C CG2 . ILE A 1 52  ? 0.961   -7.273  -0.009  1.00 37.67  ? 52  ILE A CG2 1 
ATOM   416  C CD1 . ILE A 1 52  ? -0.378  -7.442  -2.646  1.00 37.22  ? 52  ILE A CD1 1 
ATOM   417  N N   . LYS A 1 53  ? 1.513   -9.349  2.576   1.00 43.07  ? 53  LYS A N   1 
ATOM   418  C CA  . LYS A 1 53  ? 1.736   -9.062  3.984   1.00 40.82  ? 53  LYS A CA  1 
ATOM   419  C C   . LYS A 1 53  ? 2.667   -7.855  4.107   1.00 53.33  ? 53  LYS A C   1 
ATOM   420  O O   . LYS A 1 53  ? 3.816   -7.907  3.656   1.00 46.80  ? 53  LYS A O   1 
ATOM   421  C CB  . LYS A 1 53  ? 2.341   -10.269 4.689   1.00 42.30  ? 53  LYS A CB  1 
ATOM   422  C CG  . LYS A 1 53  ? 2.826   -9.970  6.084   1.00 50.84  ? 53  LYS A CG  1 
ATOM   423  C CD  . LYS A 1 53  ? 2.855   -11.225 6.935   1.00 51.51  ? 53  LYS A CD  1 
ATOM   424  C CE  . LYS A 1 53  ? 3.822   -12.251 6.369   1.00 67.08  ? 53  LYS A CE  1 
ATOM   425  N NZ  . LYS A 1 53  ? 5.243   -11.794 6.407   1.00 69.61  ? 53  LYS A NZ  1 
ATOM   426  N N   . VAL A 1 54  ? 2.179   -6.782  4.728   1.00 47.36  ? 54  VAL A N   1 
ATOM   427  C CA  . VAL A 1 54  ? 2.954   -5.567  4.962   1.00 45.56  ? 54  VAL A CA  1 
ATOM   428  C C   . VAL A 1 54  ? 3.237   -5.482  6.451   1.00 42.87  ? 54  VAL A C   1 
ATOM   429  O O   . VAL A 1 54  ? 2.309   -5.507  7.267   1.00 51.49  ? 54  VAL A O   1 
ATOM   430  C CB  . VAL A 1 54  ? 2.212   -4.315  4.474   1.00 47.32  ? 54  VAL A CB  1 
ATOM   431  C CG1 . VAL A 1 54  ? 3.016   -3.055  4.810   1.00 48.77  ? 54  VAL A CG1 1 
ATOM   432  C CG2 . VAL A 1 54  ? 1.944   -4.416  2.985   1.00 37.80  ? 54  VAL A CG2 1 
ATOM   433  N N   . SER A 1 55  ? 4.509   -5.382  6.811   1.00 44.50  ? 55  SER A N   1 
ATOM   434  C CA  A SER A 1 55  ? 4.914   -5.415  8.206   0.65 46.98  ? 55  SER A CA  1 
ATOM   435  C CA  B SER A 1 55  ? 4.908   -5.411  8.207   0.35 46.56  ? 55  SER A CA  1 
ATOM   436  C C   . SER A 1 55  ? 5.856   -4.262  8.522   1.00 53.87  ? 55  SER A C   1 
ATOM   437  O O   . SER A 1 55  ? 6.564   -3.748  7.646   1.00 47.30  ? 55  SER A O   1 
ATOM   438  C CB  A SER A 1 55  ? 5.622   -6.712  8.556   0.65 46.93  ? 55  SER A CB  1 
ATOM   439  C CB  B SER A 1 55  ? 5.575   -6.744  8.567   0.35 47.63  ? 55  SER A CB  1 
ATOM   440  O OG  A SER A 1 55  ? 6.971   -6.638  8.132   0.65 53.98  ? 55  SER A OG  1 
ATOM   441  O OG  B SER A 1 55  ? 4.927   -7.829  7.919   0.35 51.58  ? 55  SER A OG  1 
ATOM   442  N N   . THR A 1 56  ? 5.841   -3.861  9.789   1.00 51.34  ? 56  THR A N   1 
ATOM   443  C CA  A THR A 1 56  ? 6.855   -3.008  10.394  0.69 51.11  ? 56  THR A CA  1 
ATOM   444  C CA  B THR A 1 56  ? 6.881   -3.030  10.370  0.31 50.72  ? 56  THR A CA  1 
ATOM   445  C C   . THR A 1 56  ? 7.395   -3.737  11.617  1.00 54.16  ? 56  THR A C   1 
ATOM   446  O O   . THR A 1 56  ? 7.085   -4.913  11.849  1.00 47.17  ? 56  THR A O   1 
ATOM   447  C CB  A THR A 1 56  ? 6.303   -1.634  10.779  0.69 46.39  ? 56  THR A CB  1 
ATOM   448  C CB  B THR A 1 56  ? 6.362   -1.624  10.698  0.31 45.98  ? 56  THR A CB  1 
ATOM   449  O OG1 A THR A 1 56  ? 5.123   -1.787  11.577  0.69 45.29  ? 56  THR A OG1 1 
ATOM   450  O OG1 B THR A 1 56  ? 7.380   -0.876  11.380  0.31 53.39  ? 56  THR A OG1 1 
ATOM   451  C CG2 A THR A 1 56  ? 5.987   -0.834  9.570   0.69 45.05  ? 56  THR A CG2 1 
ATOM   452  C CG2 B THR A 1 56  ? 5.130   -1.707  11.578  0.31 45.34  ? 56  THR A CG2 1 
ATOM   453  N N   . THR A 1 57  ? 8.177   -3.027  12.421  1.00 43.03  ? 57  THR A N   1 
ATOM   454  C CA  . THR A 1 57  ? 8.782   -3.663  13.582  1.00 48.33  ? 57  THR A CA  1 
ATOM   455  C C   . THR A 1 57  ? 7.726   -4.260  14.521  1.00 48.16  ? 57  THR A C   1 
ATOM   456  O O   . THR A 1 57  ? 7.912   -5.364  15.044  1.00 45.49  ? 57  THR A O   1 
ATOM   457  C CB  . THR A 1 57  ? 9.683   -2.655  14.301  1.00 53.41  ? 57  THR A CB  1 
ATOM   458  O OG1 . THR A 1 57  ? 10.772  -2.314  13.433  1.00 52.08  ? 57  THR A OG1 1 
ATOM   459  C CG2 . THR A 1 57  ? 10.242  -3.240  15.585  1.00 51.19  ? 57  THR A CG2 1 
ATOM   460  N N   . VAL A 1 58  ? 6.605   -3.572  14.731  1.00 38.75  ? 58  VAL A N   1 
ATOM   461  C CA  . VAL A 1 58  ? 5.653   -3.996  15.750  1.00 39.20  ? 58  VAL A CA  1 
ATOM   462  C C   . VAL A 1 58  ? 4.277   -4.354  15.186  1.00 53.50  ? 58  VAL A C   1 
ATOM   463  O O   . VAL A 1 58  ? 3.411   -4.794  15.945  1.00 47.91  ? 58  VAL A O   1 
ATOM   464  C CB  . VAL A 1 58  ? 5.522   -2.940  16.871  1.00 48.04  ? 58  VAL A CB  1 
ATOM   465  C CG1 . VAL A 1 58  ? 6.927   -2.554  17.436  1.00 36.06  ? 58  VAL A CG1 1 
ATOM   466  C CG2 . VAL A 1 58  ? 4.736   -1.718  16.391  1.00 34.98  ? 58  VAL A CG2 1 
ATOM   467  N N   . TYR A 1 59  ? 4.049   -4.212  13.881  1.00 49.22  ? 59  TYR A N   1 
ATOM   468  C CA  . TYR A 1 59  ? 2.706   -4.323  13.331  1.00 44.15  ? 59  TYR A CA  1 
ATOM   469  C C   . TYR A 1 59  ? 2.749   -5.009  11.975  1.00 52.35  ? 59  TYR A C   1 
ATOM   470  O O   . TYR A 1 59  ? 3.627   -4.718  11.157  1.00 46.89  ? 59  TYR A O   1 
ATOM   471  C CB  . TYR A 1 59  ? 2.044   -2.938  13.181  1.00 52.91  ? 59  TYR A CB  1 
ATOM   472  C CG  . TYR A 1 59  ? 0.542   -3.004  13.165  1.00 49.82  ? 59  TYR A CG  1 
ATOM   473  C CD1 . TYR A 1 59  ? -0.181  -3.045  14.354  1.00 48.28  ? 59  TYR A CD1 1 
ATOM   474  C CD2 . TYR A 1 59  ? -0.155  -3.048  11.967  1.00 54.21  ? 59  TYR A CD2 1 
ATOM   475  C CE1 . TYR A 1 59  ? -1.557  -3.135  14.348  1.00 60.56  ? 59  TYR A CE1 1 
ATOM   476  C CE2 . TYR A 1 59  ? -1.537  -3.128  11.950  1.00 58.81  ? 59  TYR A CE2 1 
ATOM   477  C CZ  . TYR A 1 59  ? -2.233  -3.174  13.145  1.00 62.46  ? 59  TYR A CZ  1 
ATOM   478  O OH  . TYR A 1 59  ? -3.607  -3.265  13.138  1.00 66.50  ? 59  TYR A OH  1 
ATOM   479  N N   . THR A 1 60  ? 1.789   -5.906  11.731  1.00 45.49  ? 60  THR A N   1 
ATOM   480  C CA  . THR A 1 60  ? 1.751   -6.624  10.464  1.00 48.36  ? 60  THR A CA  1 
ATOM   481  C C   . THR A 1 60  ? 0.310   -6.839  10.031  1.00 46.71  ? 60  THR A C   1 
ATOM   482  O O   . THR A 1 60  ? -0.562  -7.092  10.865  1.00 51.16  ? 60  THR A O   1 
ATOM   483  C CB  . THR A 1 60  ? 2.484   -7.959  10.572  1.00 45.50  ? 60  THR A CB  1 
ATOM   484  O OG1 . THR A 1 60  ? 2.587   -8.555  9.274   1.00 53.50  ? 60  THR A OG1 1 
ATOM   485  C CG2 . THR A 1 60  ? 1.765   -8.894  11.517  1.00 40.67  ? 60  THR A CG2 1 
ATOM   486  N N   . THR A 1 61  ? 0.056   -6.699  8.731   1.00 40.10  ? 61  THR A N   1 
ATOM   487  C CA  . THR A 1 61  ? -1.268  -6.929  8.165   1.00 52.89  ? 61  THR A CA  1 
ATOM   488  C C   . THR A 1 61  ? -1.160  -7.815  6.930   1.00 56.13  ? 61  THR A C   1 
ATOM   489  O O   . THR A 1 61  ? -0.215  -7.677  6.148   1.00 50.15  ? 61  THR A O   1 
ATOM   490  C CB  . THR A 1 61  ? -1.945  -5.632  7.750   1.00 46.90  ? 61  THR A CB  1 
ATOM   491  O OG1 . THR A 1 61  ? -1.096  -4.943  6.834   1.00 71.43  ? 61  THR A OG1 1 
ATOM   492  C CG2 . THR A 1 61  ? -2.184  -4.754  8.950   1.00 55.13  ? 61  THR A CG2 1 
ATOM   493  N N   . GLU A 1 62  ? -2.137  -8.702  6.731   1.00 55.48  ? 62  GLU A N   1 
ATOM   494  C CA  . GLU A 1 62  ? -2.171  -9.530  5.531   1.00 53.59  ? 62  GLU A CA  1 
ATOM   495  C C   . GLU A 1 62  ? -3.454  -9.295  4.744   1.00 53.75  ? 62  GLU A C   1 
ATOM   496  O O   . GLU A 1 62  ? -4.554  -9.283  5.302   1.00 54.91  ? 62  GLU A O   1 
ATOM   497  C CB  . GLU A 1 62  ? -1.989  -11.011 5.850   1.00 54.23  ? 62  GLU A CB  1 
ATOM   498  C CG  . GLU A 1 62  ? -2.645  -11.505 7.107   1.00 70.84  ? 62  GLU A CG  1 
ATOM   499  C CD  . GLU A 1 62  ? -2.099  -12.861 7.532   0.48 67.31  ? 62  GLU A CD  1 
ATOM   500  O OE1 . GLU A 1 62  ? -1.044  -13.289 6.999   1.00 63.38  ? 62  GLU A OE1 1 
ATOM   501  O OE2 . GLU A 1 62  ? -2.736  -13.505 8.390   1.00 76.65  ? 62  GLU A OE2 1 
ATOM   502  N N   . ILE A 1 63  ? -3.285  -9.099  3.445   1.00 51.36  ? 63  ILE A N   1 
ATOM   503  C CA  . ILE A 1 63  ? -4.306  -8.785  2.459   1.00 48.84  ? 63  ILE A CA  1 
ATOM   504  C C   . ILE A 1 63  ? -4.411  -9.992  1.525   1.00 52.05  ? 63  ILE A C   1 
ATOM   505  O O   . ILE A 1 63  ? -3.412  -10.679 1.272   1.00 50.22  ? 63  ILE A O   1 
ATOM   506  C CB  . ILE A 1 63  ? -3.874  -7.475  1.737   1.00 53.04  ? 63  ILE A CB  1 
ATOM   507  C CG1 . ILE A 1 63  ? -4.266  -6.274  2.584   1.00 72.87  ? 63  ILE A CG1 1 
ATOM   508  C CG2 . ILE A 1 63  ? -4.457  -7.297  0.382   1.00 61.01  ? 63  ILE A CG2 1 
ATOM   509  C CD1 . ILE A 1 63  ? -5.710  -6.265  2.949   1.00 76.07  ? 63  ILE A CD1 1 
ATOM   510  N N   . ASN A 1 64  ? -5.624  -10.285 1.045   1.00 51.91  ? 64  ASN A N   1 
ATOM   511  C CA  . ASN A 1 64  ? -5.873  -11.427 0.150   1.00 56.69  ? 64  ASN A CA  1 
ATOM   512  C C   . ASN A 1 64  ? -6.893  -11.010 -0.891  1.00 45.75  ? 64  ASN A C   1 
ATOM   513  O O   . ASN A 1 64  ? -7.995  -10.595 -0.532  1.00 48.82  ? 64  ASN A O   1 
ATOM   514  C CB  . ASN A 1 64  ? -6.405  -12.652 0.902   1.00 50.60  ? 64  ASN A CB  1 
ATOM   515  C CG  . ASN A 1 64  ? -5.320  -13.650 1.251   1.00 62.55  ? 64  ASN A CG  1 
ATOM   516  O OD1 . ASN A 1 64  ? -4.930  -14.488 0.424   1.00 67.52  ? 64  ASN A OD1 1 
ATOM   517  N ND2 . ASN A 1 64  ? -4.841  -13.586 2.490   1.00 56.05  ? 64  ASN A ND2 1 
ATOM   518  N N   . PHE A 1 65  ? -6.553  -11.108 -2.170  1.00 41.71  ? 65  PHE A N   1 
ATOM   519  C CA  . PHE A 1 65  ? -7.510  -10.602 -3.140  1.00 44.95  ? 65  PHE A CA  1 
ATOM   520  C C   . PHE A 1 65  ? -7.282  -11.231 -4.504  1.00 46.54  ? 65  PHE A C   1 
ATOM   521  O O   . PHE A 1 65  ? -6.243  -11.840 -4.785  1.00 45.47  ? 65  PHE A O   1 
ATOM   522  C CB  . PHE A 1 65  ? -7.472  -9.067  -3.233  1.00 51.71  ? 65  PHE A CB  1 
ATOM   523  C CG  . PHE A 1 65  ? -6.164  -8.510  -3.722  1.00 57.16  ? 65  PHE A CG  1 
ATOM   524  C CD1 . PHE A 1 65  ? -5.917  -8.348  -5.086  1.00 54.19  ? 65  PHE A CD1 1 
ATOM   525  C CD2 . PHE A 1 65  ? -5.192  -8.126  -2.822  1.00 51.82  ? 65  PHE A CD2 1 
ATOM   526  C CE1 . PHE A 1 65  ? -4.709  -7.821  -5.535  1.00 53.09  ? 65  PHE A CE1 1 
ATOM   527  C CE2 . PHE A 1 65  ? -3.987  -7.595  -3.262  1.00 56.98  ? 65  PHE A CE2 1 
ATOM   528  C CZ  . PHE A 1 65  ? -3.743  -7.447  -4.622  1.00 52.17  ? 65  PHE A CZ  1 
ATOM   529  N N   . LYS A 1 66  ? -8.300  -11.080 -5.341  1.00 43.59  ? 66  LYS A N   1 
ATOM   530  C CA  . LYS A 1 66  ? -8.261  -11.446 -6.743  1.00 55.59  ? 66  LYS A CA  1 
ATOM   531  C C   . LYS A 1 66  ? -8.553  -10.191 -7.545  1.00 53.50  ? 66  LYS A C   1 
ATOM   532  O O   . LYS A 1 66  ? -9.430  -9.393  -7.175  1.00 48.61  ? 66  LYS A O   1 
ATOM   533  C CB  . LYS A 1 66  ? -9.286  -12.555 -7.048  1.00 52.20  ? 66  LYS A CB  1 
ATOM   534  C CG  . LYS A 1 66  ? -9.129  -13.268 -8.371  1.00 56.53  ? 66  LYS A CG  1 
ATOM   535  C CD  . LYS A 1 66  ? -10.077 -14.468 -8.432  1.00 63.13  ? 66  LYS A CD  1 
ATOM   536  C CE  . LYS A 1 66  ? -10.347 -14.913 -9.865  1.00 64.74  ? 66  LYS A CE  1 
ATOM   537  N NZ  . LYS A 1 66  ? -11.376 -14.065 -10.536 1.00 73.13  ? 66  LYS A NZ  1 
ATOM   538  N N   . VAL A 1 67  ? -7.799  -10.004 -8.629  1.00 48.99  ? 67  VAL A N   1 
ATOM   539  C CA  . VAL A 1 67  ? -8.036  -8.846  -9.472  1.00 48.21  ? 67  VAL A CA  1 
ATOM   540  C C   . VAL A 1 67  ? -9.470  -8.886  -9.971  1.00 43.71  ? 67  VAL A C   1 
ATOM   541  O O   . VAL A 1 67  ? -9.979  -9.937  -10.364 1.00 54.51  ? 67  VAL A O   1 
ATOM   542  C CB  . VAL A 1 67  ? -7.034  -8.820  -10.633 1.00 50.53  ? 67  VAL A CB  1 
ATOM   543  C CG1 . VAL A 1 67  ? -7.325  -7.641  -11.540 1.00 47.78  ? 67  VAL A CG1 1 
ATOM   544  C CG2 . VAL A 1 67  ? -5.621  -8.763  -10.083 1.00 43.03  ? 67  VAL A CG2 1 
ATOM   545  N N   . GLY A 1 68  ? -10.132 -7.738  -9.939  1.00 44.11  ? 68  GLY A N   1 
ATOM   546  C CA  . GLY A 1 68  ? -11.497 -7.621  -10.391 1.00 47.35  ? 68  GLY A CA  1 
ATOM   547  C C   . GLY A 1 68  ? -12.551 -7.952  -9.355  1.00 49.26  ? 68  GLY A C   1 
ATOM   548  O O   . GLY A 1 68  ? -13.736 -7.711  -9.611  1.00 52.07  ? 68  GLY A O   1 
ATOM   549  N N   . GLU A 1 69  ? -12.162 -8.455  -8.186  1.00 51.36  ? 69  GLU A N   1 
ATOM   550  C CA  . GLU A 1 69  ? -13.094 -8.942  -7.173  1.00 51.76  ? 69  GLU A CA  1 
ATOM   551  C C   . GLU A 1 69  ? -13.018 -8.067  -5.930  1.00 56.29  ? 69  GLU A C   1 
ATOM   552  O O   . GLU A 1 69  ? -11.963 -7.989  -5.289  1.00 51.95  ? 69  GLU A O   1 
ATOM   553  C CB  . GLU A 1 69  ? -12.757 -10.383 -6.825  1.00 49.36  ? 69  GLU A CB  1 
ATOM   554  C CG  . GLU A 1 69  ? -13.573 -11.022 -5.758  1.00 61.34  ? 69  GLU A CG  1 
ATOM   555  C CD  . GLU A 1 69  ? -13.231 -12.488 -5.680  0.50 61.42  ? 69  GLU A CD  1 
ATOM   556  O OE1 . GLU A 1 69  ? -12.533 -12.884 -4.719  1.00 61.54  ? 69  GLU A OE1 1 
ATOM   557  O OE2 . GLU A 1 69  ? -13.611 -13.223 -6.621  1.00 57.67  ? 69  GLU A OE2 1 
ATOM   558  N N   . GLU A 1 70  ? -14.136 -7.440  -5.567  1.00 51.35  ? 70  GLU A N   1 
ATOM   559  C CA  . GLU A 1 70  ? -14.123 -6.567  -4.404  1.00 54.62  ? 70  GLU A CA  1 
ATOM   560  C C   . GLU A 1 70  ? -13.749 -7.333  -3.146  1.00 48.79  ? 70  GLU A C   1 
ATOM   561  O O   . GLU A 1 70  ? -14.057 -8.517  -2.993  1.00 56.56  ? 70  GLU A O   1 
ATOM   562  C CB  . GLU A 1 70  ? -15.468 -5.868  -4.209  1.00 57.82  ? 70  GLU A CB  1 
ATOM   563  C CG  . GLU A 1 70  ? -15.265 -4.433  -3.760  0.81 68.95  ? 70  GLU A CG  1 
ATOM   564  C CD  . GLU A 1 70  ? -16.476 -3.564  -3.962  0.40 75.84  ? 70  GLU A CD  1 
ATOM   565  O OE1 . GLU A 1 70  ? -16.354 -2.522  -4.654  0.82 76.97  ? 70  GLU A OE1 1 
ATOM   566  O OE2 . GLU A 1 70  ? -17.539 -3.927  -3.414  0.96 76.65  ? 70  GLU A OE2 1 
ATOM   567  N N   . PHE A 1 71  ? -13.038 -6.649  -2.256  1.00 54.49  ? 71  PHE A N   1 
ATOM   568  C CA  . PHE A 1 71  ? -12.605 -7.238  -0.999  1.00 48.98  ? 71  PHE A CA  1 
ATOM   569  C C   . PHE A 1 71  ? -12.504 -6.097  -0.001  1.00 54.06  ? 71  PHE A C   1 
ATOM   570  O O   . PHE A 1 71  ? -12.573 -4.922  -0.366  1.00 62.29  ? 71  PHE A O   1 
ATOM   571  C CB  . PHE A 1 71  ? -11.285 -8.008  -1.146  1.00 42.16  ? 71  PHE A CB  1 
ATOM   572  C CG  . PHE A 1 71  ? -10.078 -7.118  -1.351  1.00 50.80  ? 71  PHE A CG  1 
ATOM   573  C CD1 . PHE A 1 71  ? -9.816  -6.545  -2.588  1.00 48.41  ? 71  PHE A CD1 1 
ATOM   574  C CD2 . PHE A 1 71  ? -9.217  -6.849  -0.298  1.00 53.77  ? 71  PHE A CD2 1 
ATOM   575  C CE1 . PHE A 1 71  ? -8.709  -5.726  -2.781  1.00 57.62  ? 71  PHE A CE1 1 
ATOM   576  C CE2 . PHE A 1 71  ? -8.107  -6.026  -0.480  1.00 62.47  ? 71  PHE A CE2 1 
ATOM   577  C CZ  . PHE A 1 71  ? -7.856  -5.459  -1.725  1.00 57.44  ? 71  PHE A CZ  1 
ATOM   578  N N   . GLU A 1 72  ? -12.365 -6.446  1.267   1.00 54.19  ? 72  GLU A N   1 
ATOM   579  C CA  . GLU A 1 72  ? -12.402 -5.453  2.325   0.91 60.81  ? 72  GLU A CA  1 
ATOM   580  C C   . GLU A 1 72  ? -11.049 -5.379  3.021   1.00 59.43  ? 72  GLU A C   1 
ATOM   581  O O   . GLU A 1 72  ? -10.392 -6.400  3.259   1.00 56.69  ? 72  GLU A O   1 
ATOM   582  C CB  . GLU A 1 72  ? -13.513 -5.770  3.327   1.00 61.53  ? 72  GLU A CB  1 
ATOM   583  C CG  . GLU A 1 72  ? -13.589 -4.784  4.478   0.43 62.32  ? 72  GLU A CG  1 
ATOM   584  C CD  . GLU A 1 72  ? -14.749 -5.064  5.403   0.11 63.86  ? 72  GLU A CD  1 
ATOM   585  O OE1 . GLU A 1 72  ? -15.783 -5.590  4.928   0.98 62.35  ? 72  GLU A OE1 1 
ATOM   586  O OE2 . GLU A 1 72  ? -14.622 -4.754  6.605   0.92 67.03  ? 72  GLU A OE2 1 
ATOM   587  N N   . GLU A 1 73  ? -10.626 -4.159  3.318   1.00 50.32  ? 73  GLU A N   1 
ATOM   588  C CA  . GLU A 1 73  ? -9.369  -3.945  4.011   1.00 60.26  ? 73  GLU A CA  1 
ATOM   589  C C   . GLU A 1 73  ? -9.507  -2.642  4.792   1.00 64.41  ? 73  GLU A C   1 
ATOM   590  O O   . GLU A 1 73  ? -10.623 -2.200  5.088   1.00 64.45  ? 73  GLU A O   1 
ATOM   591  C CB  . GLU A 1 73  ? -8.199  -3.960  3.007   1.00 58.36  ? 73  GLU A CB  1 
ATOM   592  C CG  . GLU A 1 73  ? -8.324  -2.963  1.850   1.00 66.32  ? 73  GLU A CG  1 
ATOM   593  C CD  . GLU A 1 73  ? -6.989  -2.698  1.130   1.00 65.43  ? 73  GLU A CD  1 
ATOM   594  O OE1 . GLU A 1 73  ? -5.936  -3.211  1.576   1.00 65.75  ? 73  GLU A OE1 1 
ATOM   595  O OE2 . GLU A 1 73  ? -6.993  -1.972  0.113   1.00 47.86  ? 73  GLU A OE2 1 
ATOM   596  N N   . GLN A 1 74  ? -8.379  -2.022  5.121   1.00 62.39  ? 74  GLN A N   1 
ATOM   597  C CA  . GLN A 1 74  ? -8.369  -0.768  5.855   1.00 61.91  ? 74  GLN A CA  1 
ATOM   598  C C   . GLN A 1 74  ? -7.511  0.236   5.110   1.00 66.75  ? 74  GLN A C   1 
ATOM   599  O O   . GLN A 1 74  ? -6.522  -0.138  4.473   1.00 67.08  ? 74  GLN A O   1 
ATOM   600  C CB  . GLN A 1 74  ? -7.830  -0.953  7.269   1.00 60.90  ? 74  GLN A CB  1 
ATOM   601  C CG  . GLN A 1 74  ? -8.754  -1.749  8.160   1.00 70.00  ? 74  GLN A CG  1 
ATOM   602  C CD  . GLN A 1 74  ? -8.422  -1.600  9.627   0.89 73.05  ? 74  GLN A CD  1 
ATOM   603  O OE1 . GLN A 1 74  ? -9.296  -1.308  10.443  0.62 78.16  ? 74  GLN A OE1 1 
ATOM   604  N NE2 . GLN A 1 74  ? -7.154  -1.806  9.974   1.00 80.72  ? 74  GLN A NE2 1 
ATOM   605  N N   . THR A 1 75  ? -7.902  1.508   5.189   1.00 69.47  ? 75  THR A N   1 
ATOM   606  C CA  . THR A 1 75  ? -7.092  2.590   4.659   1.00 60.35  ? 75  THR A CA  1 
ATOM   607  C C   . THR A 1 75  ? -5.785  2.703   5.440   1.00 61.93  ? 75  THR A C   1 
ATOM   608  O O   . THR A 1 75  ? -5.588  2.051   6.472   1.00 61.98  ? 75  THR A O   1 
ATOM   609  C CB  . THR A 1 75  ? -7.847  3.910   4.733   1.00 70.58  ? 75  THR A CB  1 
ATOM   610  O OG1 . THR A 1 75  ? -8.005  4.282   6.109   1.00 69.65  ? 75  THR A OG1 1 
ATOM   611  C CG2 . THR A 1 75  ? -9.221  3.776   4.056   1.00 67.82  ? 75  THR A CG2 1 
ATOM   612  N N   . VAL A 1 76  ? -4.884  3.550   4.926   1.00 65.35  ? 76  VAL A N   1 
ATOM   613  C CA  . VAL A 1 76  ? -3.608  3.801   5.600   1.00 63.56  ? 76  VAL A CA  1 
ATOM   614  C C   . VAL A 1 76  ? -3.833  4.174   7.066   1.00 65.45  ? 76  VAL A C   1 
ATOM   615  O O   . VAL A 1 76  ? -3.134  3.687   7.966   1.00 51.38  ? 76  VAL A O   1 
ATOM   616  C CB  . VAL A 1 76  ? -2.822  4.896   4.853   0.75 64.40  ? 76  VAL A CB  1 
ATOM   617  C CG1 . VAL A 1 76  ? -1.575  5.306   5.642   1.00 60.49  ? 76  VAL A CG1 1 
ATOM   618  C CG2 . VAL A 1 76  ? -2.445  4.416   3.472   1.00 54.41  ? 76  VAL A CG2 1 
ATOM   619  N N   . ASP A 1 77  ? -4.829  5.019   7.330   1.00 61.61  ? 77  ASP A N   1 
ATOM   620  C CA  . ASP A 1 77  ? -5.107  5.467   8.684   1.00 67.99  ? 77  ASP A CA  1 
ATOM   621  C C   . ASP A 1 77  ? -6.097  4.570   9.413   1.00 68.73  ? 77  ASP A C   1 
ATOM   622  O O   . ASP A 1 77  ? -6.625  4.974   10.449  1.00 71.10  ? 77  ASP A O   1 
ATOM   623  C CB  . ASP A 1 77  ? -5.601  6.922   8.673   0.55 69.13  ? 77  ASP A CB  1 
ATOM   624  C CG  . ASP A 1 77  ? -7.019  7.071   8.140   1.00 75.54  ? 77  ASP A CG  1 
ATOM   625  O OD1 . ASP A 1 77  ? -7.385  6.359   7.174   0.89 69.75  ? 77  ASP A OD1 1 
ATOM   626  O OD2 . ASP A 1 77  ? -7.760  7.923   8.684   0.97 76.58  ? 77  ASP A OD2 1 
ATOM   627  N N   . GLY A 1 78  ? -6.366  3.367   8.897   1.00 69.56  ? 78  GLY A N   1 
ATOM   628  C CA  . GLY A 1 78  ? -7.040  2.337   9.663   1.00 62.07  ? 78  GLY A CA  1 
ATOM   629  C C   . GLY A 1 78  ? -8.546  2.261   9.519   1.00 70.78  ? 78  GLY A C   1 
ATOM   630  O O   . GLY A 1 78  ? -9.174  1.458   10.217  1.00 72.80  ? 78  GLY A O   1 
ATOM   631  N N   . ARG A 1 79  ? -9.141  3.039   8.644   1.00 72.30  ? 79  ARG A N   1 
ATOM   632  C CA  A ARG A 1 79  ? -10.597 3.005   8.507   0.54 69.41  ? 79  ARG A CA  1 
ATOM   633  C CA  B ARG A 1 79  ? -10.597 3.005   8.505   0.46 69.43  ? 79  ARG A CA  1 
ATOM   634  C C   . ARG A 1 79  ? -11.000 1.933   7.504   1.00 71.55  ? 79  ARG A C   1 
ATOM   635  O O   . ARG A 1 79  ? -10.428 1.854   6.411   1.00 73.51  ? 79  ARG A O   1 
ATOM   636  C CB  A ARG A 1 79  ? -11.127 4.364   8.059   0.54 70.96  ? 79  ARG A CB  1 
ATOM   637  C CB  B ARG A 1 79  ? -11.118 4.366   8.055   0.46 70.97  ? 79  ARG A CB  1 
ATOM   638  C CG  A ARG A 1 79  ? -10.777 5.514   9.003   0.54 64.51  ? 79  ARG A CG  1 
ATOM   639  C CG  B ARG A 1 79  ? -10.555 5.535   8.855   0.46 64.67  ? 79  ARG A CG  1 
ATOM   640  C CD  A ARG A 1 79  ? -11.346 6.836   8.514   0.54 66.42  ? 79  ARG A CD  1 
ATOM   641  C CD  B ARG A 1 79  ? -10.805 6.865   8.169   0.46 66.92  ? 79  ARG A CD  1 
ATOM   642  N NE  A ARG A 1 79  ? -12.807 6.838   8.481   0.54 66.23  ? 79  ARG A NE  1 
ATOM   643  N NE  B ARG A 1 79  ? -10.297 6.880   6.800   0.46 67.92  ? 79  ARG A NE  1 
ATOM   644  C CZ  A ARG A 1 79  ? -13.537 7.781   7.890   0.54 68.77  ? 79  ARG A CZ  1 
ATOM   645  C CZ  B ARG A 1 79  ? -10.114 7.985   6.086   0.46 67.83  ? 79  ARG A CZ  1 
ATOM   646  N NH1 A ARG A 1 79  ? -14.863 7.702   7.911   0.54 66.09  ? 79  ARG A NH1 1 
ATOM   647  N NH1 B ARG A 1 79  ? -9.650  7.909   4.845   0.46 67.97  ? 79  ARG A NH1 1 
ATOM   648  N NH2 A ARG A 1 79  ? -12.941 8.800   7.274   0.54 55.46  ? 79  ARG A NH2 1 
ATOM   649  N NH2 B ARG A 1 79  ? -10.396 9.164   6.615   0.46 66.08  ? 79  ARG A NH2 1 
ATOM   650  N N   . PRO A 1 80  ? -11.981 1.077   7.832   1.00 73.95  ? 80  PRO A N   1 
ATOM   651  C CA  . PRO A 1 80  ? -12.343 -0.015  6.923   1.00 65.63  ? 80  PRO A CA  1 
ATOM   652  C C   . PRO A 1 80  ? -12.905 0.490   5.603   1.00 69.33  ? 80  PRO A C   1 
ATOM   653  O O   . PRO A 1 80  ? -13.561 1.531   5.527   1.00 70.12  ? 80  PRO A O   1 
ATOM   654  C CB  . PRO A 1 80  ? -13.400 -0.796  7.714   1.00 72.97  ? 80  PRO A CB  1 
ATOM   655  C CG  . PRO A 1 80  ? -13.101 -0.471  9.148   1.00 71.37  ? 80  PRO A CG  1 
ATOM   656  C CD  . PRO A 1 80  ? -12.666 0.964   9.129   1.00 76.82  ? 80  PRO A CD  1 
ATOM   657  N N   . CYS A 1 81  ? -12.643 -0.274  4.551   1.00 64.84  ? 81  CYS A N   1 
ATOM   658  C CA  . CYS A 1 81  ? -12.973 0.154   3.203   1.00 66.82  ? 81  CYS A CA  1 
ATOM   659  C C   . CYS A 1 81  ? -13.207 -1.077  2.349   1.00 59.53  ? 81  CYS A C   1 
ATOM   660  O O   . CYS A 1 81  ? -12.743 -2.175  2.668   1.00 60.98  ? 81  CYS A O   1 
ATOM   661  C CB  . CYS A 1 81  ? -11.854 1.010   2.598   1.00 70.74  ? 81  CYS A CB  1 
ATOM   662  S SG  . CYS A 1 81  ? -10.251 0.127   2.451   1.00 65.67  ? 81  CYS A SG  1 
ATOM   663  N N   . LYS A 1 82  ? -13.934 -0.886  1.257   1.00 66.05  ? 82  LYS A N   1 
ATOM   664  C CA  . LYS A 1 82  ? -14.076 -1.923  0.246   1.00 63.52  ? 82  LYS A CA  1 
ATOM   665  C C   . LYS A 1 82  ? -13.155 -1.561  -0.914  1.00 61.94  ? 82  LYS A C   1 
ATOM   666  O O   . LYS A 1 82  ? -13.131 -0.407  -1.366  1.00 58.80  ? 82  LYS A O   1 
ATOM   667  C CB  . LYS A 1 82  ? -15.540 -2.090  -0.190  1.00 63.49  ? 82  LYS A CB  1 
ATOM   668  C CG  . LYS A 1 82  ? -16.074 -1.180  -1.291  0.43 73.63  ? 82  LYS A CG  1 
ATOM   669  C CD  . LYS A 1 82  ? -17.574 -1.420  -1.500  0.69 80.01  ? 82  LYS A CD  1 
ATOM   670  C CE  . LYS A 1 82  ? -18.208 -0.398  -2.445  0.96 86.79  ? 82  LYS A CE  1 
ATOM   671  N NZ  . LYS A 1 82  ? -19.522 0.124   -1.956  1.00 88.25  ? 82  LYS A NZ  1 
ATOM   672  N N   . SER A 1 83  ? -12.341 -2.523  -1.333  1.00 48.99  ? 83  SER A N   1 
ATOM   673  C CA  . SER A 1 83  ? -11.276 -2.283  -2.292  1.00 55.32  ? 83  SER A CA  1 
ATOM   674  C C   . SER A 1 83  ? -11.491 -3.117  -3.547  1.00 59.26  ? 83  SER A C   1 
ATOM   675  O O   . SER A 1 83  ? -12.008 -4.240  -3.487  1.00 50.68  ? 83  SER A O   1 
ATOM   676  C CB  . SER A 1 83  ? -9.919  -2.605  -1.680  1.00 58.15  ? 83  SER A CB  1 
ATOM   677  O OG  . SER A 1 83  ? -9.444  -1.494  -0.933  1.00 58.98  ? 83  SER A OG  1 
ATOM   678  N N   . LEU A 1 84  ? -11.078 -2.551  -4.685  1.00 54.87  ? 84  LEU A N   1 
ATOM   679  C CA  . LEU A 1 84  ? -11.185 -3.222  -5.976  1.00 53.11  ? 84  LEU A CA  1 
ATOM   680  C C   . LEU A 1 84  ? -9.930  -2.952  -6.799  1.00 52.45  ? 84  LEU A C   1 
ATOM   681  O O   . LEU A 1 84  ? -9.592  -1.797  -7.076  1.00 49.67  ? 84  LEU A O   1 
ATOM   682  C CB  . LEU A 1 84  ? -12.433 -2.770  -6.731  1.00 54.26  ? 84  LEU A CB  1 
ATOM   683  C CG  . LEU A 1 84  ? -12.586 -3.502  -8.057  1.00 55.28  ? 84  LEU A CG  1 
ATOM   684  C CD1 . LEU A 1 84  ? -12.957 -4.956  -7.811  1.00 52.02  ? 84  LEU A CD1 1 
ATOM   685  C CD2 . LEU A 1 84  ? -13.618 -2.794  -8.902  1.00 54.53  ? 84  LEU A CD2 1 
ATOM   686  N N   . VAL A 1 85  ? -9.259  -4.024  -7.211  1.00 45.45  ? 85  VAL A N   1 
ATOM   687  C CA  . VAL A 1 85  ? -7.946  -3.972  -7.845  1.00 45.15  ? 85  VAL A CA  1 
ATOM   688  C C   . VAL A 1 85  ? -8.070  -4.330  -9.319  1.00 50.99  ? 85  VAL A C   1 
ATOM   689  O O   . VAL A 1 85  ? -8.700  -5.330  -9.675  1.00 46.90  ? 85  VAL A O   1 
ATOM   690  C CB  . VAL A 1 85  ? -6.975  -4.932  -7.128  1.00 56.07  ? 85  VAL A CB  1 
ATOM   691  C CG1 . VAL A 1 85  ? -5.645  -5.039  -7.849  1.00 53.21  ? 85  VAL A CG1 1 
ATOM   692  C CG2 . VAL A 1 85  ? -6.789  -4.525  -5.677  1.00 59.62  ? 85  VAL A CG2 1 
ATOM   693  N N   . LYS A 1 86  ? -7.466  -3.512  -10.175 1.00 44.86  ? 86  LYS A N   1 
ATOM   694  C CA  . LYS A 1 86  ? -7.458  -3.762  -11.606 1.00 46.96  ? 86  LYS A CA  1 
ATOM   695  C C   . LYS A 1 86  ? -6.036  -3.655  -12.131 1.00 51.32  ? 86  LYS A C   1 
ATOM   696  O O   . LYS A 1 86  ? -5.169  -3.041  -11.502 1.00 48.72  ? 86  LYS A O   1 
ATOM   697  C CB  . LYS A 1 86  ? -8.374  -2.789  -12.349 1.00 39.45  ? 86  LYS A CB  1 
ATOM   698  C CG  . LYS A 1 86  ? -9.792  -2.810  -11.809 1.00 43.90  ? 86  LYS A CG  1 
ATOM   699  C CD  . LYS A 1 86  ? -10.726 -2.065  -12.736 1.00 50.41  ? 86  LYS A CD  1 
ATOM   700  C CE  . LYS A 1 86  ? -12.138 -2.078  -12.184 1.00 46.84  ? 86  LYS A CE  1 
ATOM   701  N NZ  . LYS A 1 86  ? -13.108 -1.513  -13.168 1.00 57.75  ? 86  LYS A NZ  1 
ATOM   702  N N   . TRP A 1 87  ? -5.795  -4.303  -13.276 1.00 41.72  ? 87  TRP A N   1 
ATOM   703  C CA  . TRP A 1 87  ? -4.522  -4.176  -13.975 1.00 42.85  ? 87  TRP A CA  1 
ATOM   704  C C   . TRP A 1 87  ? -4.516  -2.899  -14.797 1.00 52.24  ? 87  TRP A C   1 
ATOM   705  O O   . TRP A 1 87  ? -5.521  -2.549  -15.428 1.00 47.80  ? 87  TRP A O   1 
ATOM   706  C CB  . TRP A 1 87  ? -4.273  -5.346  -14.924 1.00 51.96  ? 87  TRP A CB  1 
ATOM   707  C CG  . TRP A 1 87  ? -4.130  -6.705  -14.297 1.00 53.79  ? 87  TRP A CG  1 
ATOM   708  C CD1 . TRP A 1 87  ? -5.028  -7.718  -14.347 1.00 44.02  ? 87  TRP A CD1 1 
ATOM   709  C CD2 . TRP A 1 87  ? -2.998  -7.203  -13.566 1.00 60.64  ? 87  TRP A CD2 1 
ATOM   710  N NE1 . TRP A 1 87  ? -4.543  -8.820  -13.680 1.00 52.44  ? 87  TRP A NE1 1 
ATOM   711  C CE2 . TRP A 1 87  ? -3.296  -8.533  -13.195 1.00 45.23  ? 87  TRP A CE2 1 
ATOM   712  C CE3 . TRP A 1 87  ? -1.764  -6.650  -13.180 1.00 46.69  ? 87  TRP A CE3 1 
ATOM   713  C CZ2 . TRP A 1 87  ? -2.411  -9.323  -12.463 1.00 43.83  ? 87  TRP A CZ2 1 
ATOM   714  C CZ3 . TRP A 1 87  ? -0.887  -7.437  -12.448 1.00 49.98  ? 87  TRP A CZ3 1 
ATOM   715  C CH2 . TRP A 1 87  ? -1.212  -8.753  -12.093 1.00 50.35  ? 87  TRP A CH2 1 
ATOM   716  N N   . GLU A 1 88  ? -3.360  -2.221  -14.806 1.00 45.71  ? 88  GLU A N   1 
ATOM   717  C CA  . GLU A 1 88  ? -3.110  -1.076  -15.667 1.00 46.23  ? 88  GLU A CA  1 
ATOM   718  C C   . GLU A 1 88  ? -2.083  -1.362  -16.755 1.00 50.28  ? 88  GLU A C   1 
ATOM   719  O O   . GLU A 1 88  ? -2.069  -0.660  -17.769 1.00 51.51  ? 88  GLU A O   1 
ATOM   720  C CB  . GLU A 1 88  ? -2.643  0.112   -14.818 1.00 43.02  ? 88  GLU A CB  1 
ATOM   721  C CG  . GLU A 1 88  ? -2.662  1.455   -15.500 1.00 72.71  ? 88  GLU A CG  1 
ATOM   722  C CD  . GLU A 1 88  ? -1.915  2.510   -14.683 1.00 79.24  ? 88  GLU A CD  1 
ATOM   723  O OE1 . GLU A 1 88  ? -2.515  3.061   -13.735 1.00 67.89  ? 88  GLU A OE1 1 
ATOM   724  O OE2 . GLU A 1 88  ? -0.726  2.771   -14.983 1.00 78.13  ? 88  GLU A OE2 1 
ATOM   725  N N   . SER A 1 89  ? -1.253  -2.385  -16.578 1.00 44.07  ? 89  SER A N   1 
ATOM   726  C CA  . SER A 1 89  ? -0.287  -2.860  -17.570 1.00 45.30  ? 89  SER A CA  1 
ATOM   727  C C   . SER A 1 89  ? 0.238   -4.192  -17.055 1.00 47.94  ? 89  SER A C   1 
ATOM   728  O O   . SER A 1 89  ? -0.240  -4.704  -16.035 1.00 55.47  ? 89  SER A O   1 
ATOM   729  C CB  . SER A 1 89  ? 0.851   -1.861  -17.778 1.00 46.39  ? 89  SER A CB  1 
ATOM   730  O OG  . SER A 1 89  ? 1.453   -1.567  -16.528 1.00 46.69  ? 89  SER A OG  1 
ATOM   731  N N   . GLU A 1 90  ? 1.255   -4.742  -17.717 1.00 48.88  ? 90  GLU A N   1 
ATOM   732  C CA  . GLU A 1 90  ? 1.673   -6.094  -17.373 1.00 52.44  ? 90  GLU A CA  1 
ATOM   733  C C   . GLU A 1 90  ? 2.059   -6.196  -15.904 1.00 50.23  ? 90  GLU A C   1 
ATOM   734  O O   . GLU A 1 90  ? 1.773   -7.206  -15.250 1.00 59.04  ? 90  GLU A O   1 
ATOM   735  C CB  . GLU A 1 90  ? 2.822   -6.548  -18.270 1.00 60.84  ? 90  GLU A CB  1 
ATOM   736  C CG  . GLU A 1 90  ? 3.454   -7.881  -17.837 1.00 57.40  ? 90  GLU A CG  1 
ATOM   737  C CD  . GLU A 1 90  ? 4.484   -8.391  -18.840 1.00 67.48  ? 90  GLU A CD  1 
ATOM   738  O OE1 . GLU A 1 90  ? 4.386   -8.010  -20.030 1.00 71.35  ? 90  GLU A OE1 1 
ATOM   739  O OE2 . GLU A 1 90  ? 5.383   -9.175  -18.447 1.00 69.24  ? 90  GLU A OE2 1 
ATOM   740  N N   . ASN A 1 91  ? 2.670   -5.150  -15.351 1.00 57.50  ? 91  ASN A N   1 
ATOM   741  C CA  . ASN A 1 91  ? 3.242   -5.242  -14.012 1.00 57.59  ? 91  ASN A CA  1 
ATOM   742  C C   . ASN A 1 91  ? 2.791   -4.100  -13.106 1.00 48.40  ? 91  ASN A C   1 
ATOM   743  O O   . ASN A 1 91  ? 3.514   -3.715  -12.187 1.00 51.82  ? 91  ASN A O   1 
ATOM   744  C CB  . ASN A 1 91  ? 4.768   -5.297  -14.087 1.00 62.54  ? 91  ASN A CB  1 
ATOM   745  C CG  . ASN A 1 91  ? 5.279   -6.630  -14.623 1.00 71.15  ? 91  ASN A CG  1 
ATOM   746  O OD1 . ASN A 1 91  ? 4.859   -7.705  -14.172 1.00 56.28  ? 91  ASN A OD1 1 
ATOM   747  N ND2 . ASN A 1 91  ? 6.177   -6.565  -15.601 1.00 69.93  ? 91  ASN A ND2 1 
ATOM   748  N N   . LYS A 1 92  ? 1.596   -3.559  -13.327 1.00 46.73  ? 92  LYS A N   1 
ATOM   749  C CA  . LYS A 1 92  ? 1.055   -2.522  -12.458 1.00 51.26  ? 92  LYS A CA  1 
ATOM   750  C C   . LYS A 1 92  ? -0.415  -2.780  -12.164 1.00 41.89  ? 92  LYS A C   1 
ATOM   751  O O   . LYS A 1 92  ? -1.207  -2.972  -13.091 1.00 42.42  ? 92  LYS A O   1 
ATOM   752  C CB  . LYS A 1 92  ? 1.215   -1.131  -13.080 1.00 45.46  ? 92  LYS A CB  1 
ATOM   753  C CG  . LYS A 1 92  ? 0.897   0.010   -12.109 1.00 53.33  ? 92  LYS A CG  1 
ATOM   754  C CD  . LYS A 1 92  ? 1.249   1.356   -12.710 1.00 57.83  ? 92  LYS A CD  1 
ATOM   755  C CE  . LYS A 1 92  ? 1.066   2.507   -11.717 1.00 61.36  ? 92  LYS A CE  1 
ATOM   756  N NZ  . LYS A 1 92  ? 1.484   3.822   -12.318 1.00 59.24  ? 92  LYS A NZ  1 
ATOM   757  N N   . MET A 1 93  ? -0.768  -2.759  -10.877 1.00 45.41  ? 93  MET A N   1 
ATOM   758  C CA  A MET A 1 93  ? -2.144  -2.820  -10.401 0.43 47.30  ? 93  MET A CA  1 
ATOM   759  C CA  B MET A 1 93  ? -2.152  -2.802  -10.428 0.57 47.27  ? 93  MET A CA  1 
ATOM   760  C C   . MET A 1 93  ? -2.513  -1.511  -9.712  1.00 46.09  ? 93  MET A C   1 
ATOM   761  O O   . MET A 1 93  ? -1.691  -0.929  -8.989  1.00 48.24  ? 93  MET A O   1 
ATOM   762  C CB  A MET A 1 93  ? -2.346  -3.970  -9.409  0.43 47.62  ? 93  MET A CB  1 
ATOM   763  C CB  B MET A 1 93  ? -2.430  -3.963  -9.481  0.57 47.37  ? 93  MET A CB  1 
ATOM   764  C CG  A MET A 1 93  ? -1.344  -5.109  -9.537  0.43 56.92  ? 93  MET A CG  1 
ATOM   765  C CG  B MET A 1 93  ? -1.444  -5.095  -9.506  0.57 56.97  ? 93  MET A CG  1 
ATOM   766  S SD  A MET A 1 93  ? -0.937  -5.887  -7.947  0.43 58.92  ? 93  MET A SD  1 
ATOM   767  S SD  B MET A 1 93  ? -1.764  -6.182  -8.097  0.57 59.44  ? 93  MET A SD  1 
ATOM   768  C CE  A MET A 1 93  ? -2.280  -5.327  -6.927  0.43 46.86  ? 93  MET A CE  1 
ATOM   769  C CE  B MET A 1 93  ? -1.497  -5.064  -6.742  0.57 46.31  ? 93  MET A CE  1 
ATOM   770  N N   . VAL A 1 94  ? -3.751  -1.069  -9.919  1.00 48.69  ? 94  VAL A N   1 
ATOM   771  C CA  A VAL A 1 94  ? -4.325  0.094   -9.246  0.69 50.36  ? 94  VAL A CA  1 
ATOM   772  C CA  B VAL A 1 94  ? -4.304  0.086   -9.225  0.31 50.18  ? 94  VAL A CA  1 
ATOM   773  C C   . VAL A 1 94  ? -5.488  -0.385  -8.393  1.00 56.38  ? 94  VAL A C   1 
ATOM   774  O O   . VAL A 1 94  ? -6.261  -1.252  -8.816  1.00 50.82  ? 94  VAL A O   1 
ATOM   775  C CB  A VAL A 1 94  ? -4.814  1.163   -10.243 0.69 46.96  ? 94  VAL A CB  1 
ATOM   776  C CB  B VAL A 1 94  ? -4.724  1.203   -10.203 0.31 47.64  ? 94  VAL A CB  1 
ATOM   777  C CG1 A VAL A 1 94  ? -5.194  2.440   -9.498  0.69 45.33  ? 94  VAL A CG1 1 
ATOM   778  C CG1 B VAL A 1 94  ? -3.505  1.768   -10.919 0.31 51.77  ? 94  VAL A CG1 1 
ATOM   779  C CG2 A VAL A 1 94  ? -3.767  1.426   -11.310 0.69 51.72  ? 94  VAL A CG2 1 
ATOM   780  C CG2 B VAL A 1 94  ? -5.740  0.689   -11.204 0.31 45.58  ? 94  VAL A CG2 1 
ATOM   781  N N   . CYS A 1 95  ? -5.624  0.177   -7.198  1.00 44.06  ? 95  CYS A N   1 
ATOM   782  C CA  . CYS A 1 95  ? -6.704  -0.202  -6.300  1.00 49.64  ? 95  CYS A CA  1 
ATOM   783  C C   . CYS A 1 95  ? -7.473  1.043   -5.896  1.00 51.74  ? 95  CYS A C   1 
ATOM   784  O O   . CYS A 1 95  ? -6.891  1.980   -5.345  1.00 53.19  ? 95  CYS A O   1 
ATOM   785  C CB  . CYS A 1 95  ? -6.165  -0.927  -5.069  1.00 49.22  ? 95  CYS A CB  1 
ATOM   786  S SG  . CYS A 1 95  ? -7.443  -1.410  -3.875  1.00 53.01  ? 95  CYS A SG  1 
ATOM   787  N N   . GLU A 1 96  ? -8.762  1.065   -6.204  1.00 49.16  ? 96  GLU A N   1 
ATOM   788  C CA  . GLU A 1 96  ? -9.680  2.063   -5.691  1.00 56.54  ? 96  GLU A CA  1 
ATOM   789  C C   . GLU A 1 96  ? -10.332 1.545   -4.414  1.00 58.94  ? 96  GLU A C   1 
ATOM   790  O O   . GLU A 1 96  ? -10.602 0.347   -4.268  1.00 62.50  ? 96  GLU A O   1 
ATOM   791  C CB  . GLU A 1 96  ? -10.755 2.416   -6.724  1.00 52.34  ? 96  GLU A CB  1 
ATOM   792  C CG  . GLU A 1 96  ? -10.251 3.192   -7.940  1.00 56.56  ? 96  GLU A CG  1 
ATOM   793  C CD  . GLU A 1 96  ? -9.524  4.475   -7.581  0.17 63.89  ? 96  GLU A CD  1 
ATOM   794  O OE1 . GLU A 1 96  ? -8.496  4.762   -8.237  0.80 68.80  ? 96  GLU A OE1 1 
ATOM   795  O OE2 . GLU A 1 96  ? -9.971  5.193   -6.650  1.00 76.74  ? 96  GLU A OE2 1 
ATOM   796  N N   . GLN A 1 97  ? -10.562 2.465   -3.478  1.00 53.52  ? 97  GLN A N   1 
ATOM   797  C CA  . GLN A 1 97  ? -11.165 2.167   -2.190  1.00 57.12  ? 97  GLN A CA  1 
ATOM   798  C C   . GLN A 1 97  ? -12.359 3.085   -1.973  1.00 53.43  ? 97  GLN A C   1 
ATOM   799  O O   . GLN A 1 97  ? -12.438 4.172   -2.545  1.00 58.01  ? 97  GLN A O   1 
ATOM   800  C CB  . GLN A 1 97  ? -10.167 2.342   -1.032  1.00 57.45  ? 97  GLN A CB  1 
ATOM   801  C CG  . GLN A 1 97  ? -8.865  1.594   -1.206  1.00 47.13  ? 97  GLN A CG  1 
ATOM   802  C CD  . GLN A 1 97  ? -7.872  1.911   -0.112  1.00 59.00  ? 97  GLN A CD  1 
ATOM   803  O OE1 . GLN A 1 97  ? -7.601  3.079   0.178   1.00 55.44  ? 97  GLN A OE1 1 
ATOM   804  N NE2 . GLN A 1 97  ? -7.318  0.867   0.508   1.00 62.99  ? 97  GLN A NE2 1 
ATOM   805  N N   . LYS A 1 98  ? -13.310 2.609   -1.175  1.00 64.54  ? 98  LYS A N   1 
ATOM   806  C CA  . LYS A 1 98  ? -14.475 3.374   -0.757  1.00 66.23  ? 98  LYS A CA  1 
ATOM   807  C C   . LYS A 1 98  ? -14.768 2.988   0.682   1.00 65.54  ? 98  LYS A C   1 
ATOM   808  O O   . LYS A 1 98  ? -14.722 1.804   1.038   1.00 60.26  ? 98  LYS A O   1 
ATOM   809  C CB  . LYS A 1 98  ? -15.707 3.121   -1.655  1.00 67.00  ? 98  LYS A CB  1 
ATOM   810  C CG  . LYS A 1 98  ? -15.410 2.995   -3.160  1.00 85.57  ? 98  LYS A CG  1 
ATOM   811  C CD  . LYS A 1 98  ? -15.850 1.651   -3.736  1.00 92.69  ? 98  LYS A CD  1 
ATOM   812  C CE  . LYS A 1 98  ? -15.136 1.290   -5.040  1.00 88.64  ? 98  LYS A CE  1 
ATOM   813  N NZ  . LYS A 1 98  ? -15.640 -0.019  -5.560  1.00 81.29  ? 98  LYS A NZ  1 
ATOM   814  N N   . LEU A 1 99  ? -15.022 3.997   1.510   1.00 67.36  ? 99  LEU A N   1 
ATOM   815  C CA  . LEU A 1 99  ? -15.198 3.772   2.940   1.00 72.71  ? 99  LEU A CA  1 
ATOM   816  C C   . LEU A 1 99  ? -16.466 2.969   3.234   1.00 67.20  ? 99  LEU A C   1 
ATOM   817  O O   . LEU A 1 99  ? -17.518 3.188   2.632   1.00 74.33  ? 99  LEU A O   1 
ATOM   818  C CB  . LEU A 1 99  ? -15.246 5.112   3.671   1.00 64.34  ? 99  LEU A CB  1 
ATOM   819  C CG  . LEU A 1 99  ? -13.898 5.797   3.893   1.00 64.48  ? 99  LEU A CG  1 
ATOM   820  C CD1 . LEU A 1 99  ? -14.081 7.295   4.018   1.00 68.65  ? 99  LEU A CD1 1 
ATOM   821  C CD2 . LEU A 1 99  ? -13.211 5.236   5.130   1.00 62.00  ? 99  LEU A CD2 1 
ATOM   822  N N   . LEU A 1 100 ? -16.360 2.031   4.176   1.00 68.52  ? 100 LEU A N   1 
ATOM   823  C CA  . LEU A 1 100 ? -17.555 1.357   4.679   1.00 75.10  ? 100 LEU A CA  1 
ATOM   824  C C   . LEU A 1 100 ? -18.497 2.328   5.391   1.00 83.57  ? 100 LEU A C   1 
ATOM   825  O O   . LEU A 1 100 ? -19.721 2.236   5.244   1.00 85.81  ? 100 LEU A O   1 
ATOM   826  C CB  . LEU A 1 100 ? -17.165 0.223   5.625   1.00 68.97  ? 100 LEU A CB  1 
ATOM   827  C CG  . LEU A 1 100 ? -16.512 -1.004  5.000   1.00 68.64  ? 100 LEU A CG  1 
ATOM   828  C CD1 . LEU A 1 100 ? -16.403 -2.129  6.018   1.00 62.57  ? 100 LEU A CD1 1 
ATOM   829  C CD2 . LEU A 1 100 ? -17.302 -1.446  3.794   1.00 66.96  ? 100 LEU A CD2 1 
ATOM   830  N N   . LYS A 1 101 ? -17.950 3.253   6.177   1.00 77.69  ? 101 LYS A N   1 
ATOM   831  C CA  . LYS A 1 101 ? -18.759 4.092   7.046   1.00 81.60  ? 101 LYS A CA  1 
ATOM   832  C C   . LYS A 1 101 ? -18.138 5.471   7.104   1.00 88.12  ? 101 LYS A C   1 
ATOM   833  O O   . LYS A 1 101 ? -16.914 5.623   7.009   1.00 92.05  ? 101 LYS A O   1 
ATOM   834  C CB  . LYS A 1 101 ? -18.864 3.533   8.474   1.00 89.70  ? 101 LYS A CB  1 
ATOM   835  C CG  . LYS A 1 101 ? -19.374 2.107   8.586   1.00 100.32 ? 101 LYS A CG  1 
ATOM   836  C CD  . LYS A 1 101 ? -19.713 1.754   10.030  1.00 101.19 ? 101 LYS A CD  1 
ATOM   837  C CE  . LYS A 1 101 ? -21.213 1.567   10.228  1.00 101.15 ? 101 LYS A CE  1 
ATOM   838  N NZ  . LYS A 1 101 ? -21.903 2.851   10.542  1.00 102.14 ? 101 LYS A NZ  1 
ATOM   839  N N   . GLY A 1 102 ? -18.990 6.474   7.293   1.00 94.99  ? 102 GLY A N   1 
ATOM   840  C CA  . GLY A 1 102 ? -18.472 7.828   7.313   1.00 91.20  ? 102 GLY A CA  1 
ATOM   841  C C   . GLY A 1 102 ? -17.875 8.218   5.967   1.00 88.45  ? 102 GLY A C   1 
ATOM   842  O O   . GLY A 1 102 ? -18.050 7.548   4.943   1.00 88.04  ? 102 GLY A O   1 
ATOM   843  N N   . GLU A 1 103 ? -17.184 9.354   5.968   1.00 87.55  ? 103 GLU A N   1 
ATOM   844  C CA  . GLU A 1 103 ? -16.488 9.809   4.778   1.00 90.31  ? 103 GLU A CA  1 
ATOM   845  C C   . GLU A 1 103 ? -15.136 10.399  5.164   1.00 85.79  ? 103 GLU A C   1 
ATOM   846  O O   . GLU A 1 103 ? -14.742 10.428  6.336   1.00 87.55  ? 103 GLU A O   1 
ATOM   847  C CB  . GLU A 1 103 ? -17.343 10.796  3.968   1.00 96.54  ? 103 GLU A CB  1 
ATOM   848  C CG  . GLU A 1 103 ? -18.820 10.406  3.840   1.00 100.77 ? 103 GLU A CG  1 
ATOM   849  C CD  . GLU A 1 103 ? -19.695 11.505  3.267   1.00 104.58 ? 103 GLU A CD  1 
ATOM   850  O OE1 . GLU A 1 103 ? -19.765 12.595  3.878   1.00 103.18 ? 103 GLU A OE1 1 
ATOM   851  O OE2 . GLU A 1 103 ? -20.313 11.259  2.208   1.00 110.03 ? 103 GLU A OE2 1 
ATOM   852  N N   . GLY A 1 104 ? -14.417 10.836  4.142   1.00 74.65  ? 104 GLY A N   1 
ATOM   853  C CA  . GLY A 1 104 ? -13.052 11.264  4.270   1.00 70.41  ? 104 GLY A CA  1 
ATOM   854  C C   . GLY A 1 104 ? -12.465 11.391  2.888   1.00 70.02  ? 104 GLY A C   1 
ATOM   855  O O   . GLY A 1 104 ? -13.190 11.369  1.888   1.00 78.48  ? 104 GLY A O   1 
ATOM   856  N N   . PRO A 1 105 ? -11.146 11.510  2.794   1.00 72.61  ? 105 PRO A N   1 
ATOM   857  C CA  . PRO A 1 105 ? -10.521 11.698  1.483   1.00 68.90  ? 105 PRO A CA  1 
ATOM   858  C C   . PRO A 1 105 ? -10.591 10.424  0.657   1.00 66.61  ? 105 PRO A C   1 
ATOM   859  O O   . PRO A 1 105 ? -10.638 9.312   1.197   1.00 65.77  ? 105 PRO A O   1 
ATOM   860  C CB  . PRO A 1 105 ? -9.072  12.053  1.830   1.00 63.21  ? 105 PRO A CB  1 
ATOM   861  C CG  . PRO A 1 105 ? -9.049  12.273  3.311   1.00 64.47  ? 105 PRO A CG  1 
ATOM   862  C CD  . PRO A 1 105 ? -10.141 11.432  3.864   1.00 67.51  ? 105 PRO A CD  1 
ATOM   863  N N   . LYS A 1 106 ? -10.616 10.601  -0.671  1.00 72.38  ? 106 LYS A N   1 
ATOM   864  C CA  . LYS A 1 106 ? -10.552 9.476   -1.603  1.00 70.49  ? 106 LYS A CA  1 
ATOM   865  C C   . LYS A 1 106 ? -9.165  8.848   -1.518  1.00 69.96  ? 106 LYS A C   1 
ATOM   866  O O   . LYS A 1 106 ? -8.149  9.532   -1.713  1.00 64.73  ? 106 LYS A O   1 
ATOM   867  C CB  . LYS A 1 106 ? -10.853 9.935   -3.034  1.00 63.90  ? 106 LYS A CB  1 
ATOM   868  C CG  . LYS A 1 106 ? -10.146 11.238  -3.406  1.00 86.55  ? 106 LYS A CG  1 
ATOM   869  C CD  . LYS A 1 106 ? -10.270 11.616  -4.882  0.12 83.77  ? 106 LYS A CD  1 
ATOM   870  C CE  . LYS A 1 106 ? -9.156  12.588  -5.296  1.00 85.40  ? 106 LYS A CE  1 
ATOM   871  N NZ  . LYS A 1 106 ? -9.402  13.975  -4.812  1.00 85.77  ? 106 LYS A NZ  1 
ATOM   872  N N   . THR A 1 107 ? -9.118  7.562   -1.193  1.00 54.37  ? 107 THR A N   1 
ATOM   873  C CA  . THR A 1 107 ? -7.854  6.861   -1.044  1.00 56.10  ? 107 THR A CA  1 
ATOM   874  C C   . THR A 1 107 ? -7.718  5.795   -2.122  1.00 59.72  ? 107 THR A C   1 
ATOM   875  O O   . THR A 1 107 ? -8.708  5.316   -2.682  1.00 63.75  ? 107 THR A O   1 
ATOM   876  C CB  . THR A 1 107 ? -7.713  6.237   0.354   1.00 60.54  ? 107 THR A CB  1 
ATOM   877  O OG1 . THR A 1 107 ? -8.970  5.714   0.789   0.98 62.19  ? 107 THR A OG1 1 
ATOM   878  C CG2 . THR A 1 107 ? -7.259  7.312   1.363   1.00 68.24  ? 107 THR A CG2 1 
ATOM   879  N N   . SER A 1 108 ? -6.472  5.446   -2.420  1.00 60.05  ? 108 SER A N   1 
ATOM   880  C CA  . SER A 1 108 ? -6.166  4.459   -3.443  1.00 48.72  ? 108 SER A CA  1 
ATOM   881  C C   . SER A 1 108 ? -4.704  4.073   -3.283  1.00 49.52  ? 108 SER A C   1 
ATOM   882  O O   . SER A 1 108 ? -3.927  4.790   -2.646  1.00 53.07  ? 108 SER A O   1 
ATOM   883  C CB  . SER A 1 108 ? -6.435  5.002   -4.851  1.00 49.35  ? 108 SER A CB  1 
ATOM   884  O OG  . SER A 1 108 ? -5.620  6.140   -5.117  1.00 52.98  ? 108 SER A OG  1 
ATOM   885  N N   . TRP A 1 109 ? -4.336  2.927   -3.851  1.00 50.87  ? 109 TRP A N   1 
ATOM   886  C CA  . TRP A 1 109 ? -2.937  2.532   -3.872  1.00 45.52  ? 109 TRP A CA  1 
ATOM   887  C C   . TRP A 1 109 ? -2.603  1.879   -5.201  1.00 47.90  ? 109 TRP A C   1 
ATOM   888  O O   . TRP A 1 109 ? -3.482  1.515   -5.981  1.00 52.46  ? 109 TRP A O   1 
ATOM   889  C CB  . TRP A 1 109 ? -2.560  1.601   -2.708  1.00 44.22  ? 109 TRP A CB  1 
ATOM   890  C CG  . TRP A 1 109 ? -3.409  0.365   -2.466  1.00 58.30  ? 109 TRP A CG  1 
ATOM   891  C CD1 . TRP A 1 109 ? -4.401  0.222   -1.531  1.00 55.65  ? 109 TRP A CD1 1 
ATOM   892  C CD2 . TRP A 1 109 ? -3.289  -0.917  -3.116  1.00 49.04  ? 109 TRP A CD2 1 
ATOM   893  N NE1 . TRP A 1 109 ? -4.916  -1.058  -1.574  1.00 56.26  ? 109 TRP A NE1 1 
ATOM   894  C CE2 . TRP A 1 109 ? -4.247  -1.778  -2.530  1.00 55.48  ? 109 TRP A CE2 1 
ATOM   895  C CE3 . TRP A 1 109 ? -2.466  -1.417  -4.129  1.00 53.00  ? 109 TRP A CE3 1 
ATOM   896  C CZ2 . TRP A 1 109 ? -4.419  -3.108  -2.944  1.00 49.14  ? 109 TRP A CZ2 1 
ATOM   897  C CZ3 . TRP A 1 109 ? -2.634  -2.750  -4.535  1.00 51.55  ? 109 TRP A CZ3 1 
ATOM   898  C CH2 . TRP A 1 109 ? -3.603  -3.572  -3.942  1.00 49.36  ? 109 TRP A CH2 1 
ATOM   899  N N   . THR A 1 110 ? -1.301  1.767   -5.462  1.00 46.93  ? 110 THR A N   1 
ATOM   900  C CA  . THR A 1 110 ? -0.790  1.072   -6.630  1.00 43.24  ? 110 THR A CA  1 
ATOM   901  C C   . THR A 1 110 ? 0.432   0.264   -6.232  1.00 45.09  ? 110 THR A C   1 
ATOM   902  O O   . THR A 1 110 ? 1.068   0.510   -5.208  1.00 51.80  ? 110 THR A O   1 
ATOM   903  C CB  . THR A 1 110 ? -0.389  2.015   -7.765  1.00 42.55  ? 110 THR A CB  1 
ATOM   904  O OG1 . THR A 1 110 ? 0.823   2.692   -7.406  1.00 49.10  ? 110 THR A OG1 1 
ATOM   905  C CG2 . THR A 1 110 ? -1.501  3.036   -8.060  1.00 39.12  ? 110 THR A CG2 1 
ATOM   906  N N   . LYS A 1 111 ? 0.739   -0.724  -7.055  1.00 44.72  ? 111 LYS A N   1 
ATOM   907  C CA  . LYS A 1 111 ? 1.934   -1.534  -6.912  1.00 47.65  ? 111 LYS A CA  1 
ATOM   908  C C   . LYS A 1 111 ? 2.454   -1.794  -8.313  1.00 47.83  ? 111 LYS A C   1 
ATOM   909  O O   . LYS A 1 111 ? 1.669   -1.991  -9.245  1.00 48.42  ? 111 LYS A O   1 
ATOM   910  C CB  . LYS A 1 111 ? 1.660   -2.871  -6.185  1.00 47.62  ? 111 LYS A CB  1 
ATOM   911  C CG  . LYS A 1 111 ? 0.973   -2.713  -4.852  1.00 52.31  ? 111 LYS A CG  1 
ATOM   912  C CD  . LYS A 1 111 ? 1.307   -3.860  -3.924  1.00 52.63  ? 111 LYS A CD  1 
ATOM   913  C CE  . LYS A 1 111 ? 0.340   -3.904  -2.741  1.00 51.15  ? 111 LYS A CE  1 
ATOM   914  N NZ  . LYS A 1 111 ? 0.555   -2.884  -1.692  1.00 49.46  ? 111 LYS A NZ  1 
ATOM   915  N N   . GLU A 1 112 ? 3.771   -1.777  -8.458  1.00 44.95  ? 112 GLU A N   1 
ATOM   916  C CA  . GLU A 1 112 ? 4.367   -1.881  -9.775  1.00 51.08  ? 112 GLU A CA  1 
ATOM   917  C C   . GLU A 1 112 ? 5.749   -2.478  -9.654  1.00 52.40  ? 112 GLU A C   1 
ATOM   918  O O   . GLU A 1 112 ? 6.491   -2.163  -8.722  1.00 56.34  ? 112 GLU A O   1 
ATOM   919  C CB  . GLU A 1 112 ? 4.476   -0.524  -10.466 1.00 50.04  ? 112 GLU A CB  1 
ATOM   920  C CG  . GLU A 1 112 ? 5.130   -0.628  -11.836 1.00 57.64  ? 112 GLU A CG  1 
ATOM   921  C CD  . GLU A 1 112 ? 5.243   0.706   -12.544 1.00 68.34  ? 112 GLU A CD  1 
ATOM   922  O OE1 . GLU A 1 112 ? 4.939   1.742   -11.906 1.00 67.14  ? 112 GLU A OE1 1 
ATOM   923  O OE2 . GLU A 1 112 ? 5.632   0.709   -13.737 1.00 60.46  ? 112 GLU A OE2 1 
ATOM   924  N N   . LEU A 1 113 ? 6.070   -3.337  -10.609 1.00 53.41  ? 113 LEU A N   1 
ATOM   925  C CA  . LEU A 1 113 ? 7.406   -3.868  -10.826 1.00 54.53  ? 113 LEU A CA  1 
ATOM   926  C C   . LEU A 1 113 ? 8.069   -3.069  -11.933 1.00 53.97  ? 113 LEU A C   1 
ATOM   927  O O   . LEU A 1 113 ? 7.533   -2.981  -13.043 1.00 59.52  ? 113 LEU A O   1 
ATOM   928  C CB  . LEU A 1 113 ? 7.332   -5.333  -11.234 1.00 63.84  ? 113 LEU A CB  1 
ATOM   929  C CG  . LEU A 1 113 ? 7.456   -6.384  -10.156 1.00 65.45  ? 113 LEU A CG  1 
ATOM   930  C CD1 . LEU A 1 113 ? 6.531   -6.083  -9.010  1.00 67.88  ? 113 LEU A CD1 1 
ATOM   931  C CD2 . LEU A 1 113 ? 7.074   -7.665  -10.825 1.00 67.41  ? 113 LEU A CD2 1 
ATOM   932  N N   . THR A 1 114 ? 9.206   -2.462  -11.626 1.00 60.56  ? 114 THR A N   1 
ATOM   933  C CA  . THR A 1 114 ? 10.020  -1.818  -12.643 1.00 59.72  ? 114 THR A CA  1 
ATOM   934  C C   . THR A 1 114 ? 10.869  -2.876  -13.322 1.00 61.69  ? 114 THR A C   1 
ATOM   935  O O   . THR A 1 114 ? 11.089  -3.960  -12.773 1.00 66.47  ? 114 THR A O   1 
ATOM   936  C CB  . THR A 1 114 ? 10.921  -0.740  -12.033 1.00 63.45  ? 114 THR A CB  1 
ATOM   937  O OG1 . THR A 1 114 ? 12.025  -1.356  -11.355 1.00 65.91  ? 114 THR A OG1 1 
ATOM   938  C CG2 . THR A 1 114 ? 10.153  0.084   -11.044 1.00 62.20  ? 114 THR A CG2 1 
ATOM   939  N N   . ASN A 1 115 ? 11.353  -2.556  -14.529 1.00 75.23  ? 115 ASN A N   1 
ATOM   940  C CA  . ASN A 1 115 ? 12.221  -3.515  -15.197 1.00 77.85  ? 115 ASN A CA  1 
ATOM   941  C C   . ASN A 1 115 ? 13.615  -3.511  -14.593 1.00 77.28  ? 115 ASN A C   1 
ATOM   942  O O   . ASN A 1 115 ? 14.379  -4.451  -14.838 1.00 82.69  ? 115 ASN A O   1 
ATOM   943  C CB  . ASN A 1 115 ? 12.244  -3.244  -16.695 1.00 81.11  ? 115 ASN A CB  1 
ATOM   944  C CG  . ASN A 1 115 ? 11.378  -4.232  -17.462 0.62 84.01  ? 115 ASN A CG  1 
ATOM   945  O OD1 . ASN A 1 115 ? 11.647  -5.440  -17.484 0.74 89.71  ? 115 ASN A OD1 1 
ATOM   946  N ND2 . ASN A 1 115 ? 10.321  -3.719  -18.095 1.00 87.36  ? 115 ASN A ND2 1 
ATOM   947  N N   . ASP A 1 116 ? 13.948  -2.477  -13.807 1.00 79.61  ? 116 ASP A N   1 
ATOM   948  C CA  . ASP A 1 116 ? 15.134  -2.429  -12.957 1.00 75.08  ? 116 ASP A CA  1 
ATOM   949  C C   . ASP A 1 116 ? 15.061  -3.379  -11.764 1.00 72.12  ? 116 ASP A C   1 
ATOM   950  O O   . ASP A 1 116 ? 16.008  -3.399  -10.972 1.00 83.88  ? 116 ASP A O   1 
ATOM   951  C CB  . ASP A 1 116 ? 15.355  -1.009  -12.424 1.00 81.43  ? 116 ASP A CB  1 
ATOM   952  C CG  . ASP A 1 116 ? 16.130  -0.118  -13.387 1.00 95.65  ? 116 ASP A CG  1 
ATOM   953  O OD1 . ASP A 1 116 ? 16.621  -0.618  -14.427 1.00 92.83  ? 116 ASP A OD1 1 
ATOM   954  O OD2 . ASP A 1 116 ? 16.275  1.092   -13.080 1.00 89.51  ? 116 ASP A OD2 1 
ATOM   955  N N   . GLY A 1 117 ? 13.974  -4.128  -11.586 1.00 67.94  ? 117 GLY A N   1 
ATOM   956  C CA  . GLY A 1 117 ? 13.874  -5.043  -10.461 1.00 60.10  ? 117 GLY A CA  1 
ATOM   957  C C   . GLY A 1 117 ? 13.407  -4.447  -9.144  1.00 68.02  ? 117 GLY A C   1 
ATOM   958  O O   . GLY A 1 117 ? 13.625  -5.054  -8.089  1.00 60.36  ? 117 GLY A O   1 
ATOM   959  N N   . GLU A 1 118 ? 12.771  -3.279  -9.162  1.00 60.27  ? 118 GLU A N   1 
ATOM   960  C CA  . GLU A 1 118 ? 12.230  -2.676  -7.955  1.00 58.11  ? 118 GLU A CA  1 
ATOM   961  C C   . GLU A 1 118 ? 10.718  -2.885  -7.884  1.00 55.34  ? 118 GLU A C   1 
ATOM   962  O O   . GLU A 1 118 ? 10.035  -3.003  -8.904  1.00 50.39  ? 118 GLU A O   1 
ATOM   963  C CB  . GLU A 1 118 ? 12.534  -1.175  -7.910  1.00 62.35  ? 118 GLU A CB  1 
ATOM   964  C CG  . GLU A 1 118 ? 14.001  -0.808  -7.761  1.00 65.80  ? 118 GLU A CG  1 
ATOM   965  C CD  . GLU A 1 118 ? 14.247  0.649   -8.085  1.00 71.93  ? 118 GLU A CD  1 
ATOM   966  O OE1 . GLU A 1 118 ? 15.022  1.306   -7.350  1.00 83.55  ? 118 GLU A OE1 1 
ATOM   967  O OE2 . GLU A 1 118 ? 13.653  1.136   -9.076  1.00 77.54  ? 118 GLU A OE2 1 
ATOM   968  N N   . LEU A 1 119 ? 10.200  -2.905  -6.664  1.00 51.19  ? 119 LEU A N   1 
ATOM   969  C CA  . LEU A 1 119 ? 8.775   -2.785  -6.402  1.00 43.28  ? 119 LEU A CA  1 
ATOM   970  C C   . LEU A 1 119 ? 8.465   -1.354  -5.968  1.00 47.79  ? 119 LEU A C   1 
ATOM   971  O O   . LEU A 1 119 ? 9.061   -0.845  -5.011  1.00 50.27  ? 119 LEU A O   1 
ATOM   972  C CB  . LEU A 1 119 ? 8.363   -3.773  -5.318  1.00 44.21  ? 119 LEU A CB  1 
ATOM   973  C CG  . LEU A 1 119 ? 6.939   -3.652  -4.801  1.00 51.44  ? 119 LEU A CG  1 
ATOM   974  C CD1 . LEU A 1 119 ? 5.958   -3.996  -5.911  1.00 47.92  ? 119 LEU A CD1 1 
ATOM   975  C CD2 . LEU A 1 119 ? 6.769   -4.582  -3.603  1.00 49.19  ? 119 LEU A CD2 1 
ATOM   976  N N   . ILE A 1 120 ? 7.518   -0.715  -6.646  1.00 48.27  ? 120 ILE A N   1 
ATOM   977  C CA  . ILE A 1 120 ? 7.103   0.642   -6.314  1.00 47.60  ? 120 ILE A CA  1 
ATOM   978  C C   . ILE A 1 120 ? 5.643   0.631   -5.873  1.00 46.68  ? 120 ILE A C   1 
ATOM   979  O O   . ILE A 1 120 ? 4.755   0.270   -6.656  1.00 49.54  ? 120 ILE A O   1 
ATOM   980  C CB  . ILE A 1 120 ? 7.295   1.596   -7.499  1.00 51.92  ? 120 ILE A CB  1 
ATOM   981  C CG1 . ILE A 1 120 ? 8.739   1.528   -8.000  1.00 52.62  ? 120 ILE A CG1 1 
ATOM   982  C CG2 . ILE A 1 120 ? 6.906   3.003   -7.094  1.00 47.97  ? 120 ILE A CG2 1 
ATOM   983  C CD1 . ILE A 1 120 ? 9.051   2.593   -8.996  1.00 58.60  ? 120 ILE A CD1 1 
ATOM   984  N N   . GLN A 1 121 ? 5.395   1.044   -4.634  1.00 47.24  ? 121 GLN A N   1 
ATOM   985  C CA  . GLN A 1 121 ? 4.053   1.234   -4.096  1.00 43.46  ? 121 GLN A CA  1 
ATOM   986  C C   . GLN A 1 121 ? 3.774   2.721   -3.943  1.00 53.71  ? 121 GLN A C   1 
ATOM   987  O O   . GLN A 1 121 ? 4.610   3.462   -3.408  1.00 48.38  ? 121 GLN A O   1 
ATOM   988  C CB  . GLN A 1 121 ? 3.900   0.536   -2.742  1.00 45.11  ? 121 GLN A CB  1 
ATOM   989  C CG  . GLN A 1 121 ? 4.398   -0.917  -2.757  1.00 52.41  ? 121 GLN A CG  1 
ATOM   990  C CD  . GLN A 1 121 ? 3.778   -1.783  -1.660  1.00 65.58  ? 121 GLN A CD  1 
ATOM   991  O OE1 . GLN A 1 121 ? 3.392   -2.934  -1.898  1.00 64.12  ? 121 GLN A OE1 1 
ATOM   992  N NE2 . GLN A 1 121 ? 3.695   -1.240  -0.455  1.00 51.30  ? 121 GLN A NE2 1 
ATOM   993  N N   . THR A 1 122 ? 2.617   3.160   -4.433  1.00 48.24  ? 122 THR A N   1 
ATOM   994  C CA  . THR A 1 122 ? 2.103   4.488   -4.145  1.00 46.41  ? 122 THR A CA  1 
ATOM   995  C C   . THR A 1 122 ? 0.814   4.366   -3.342  1.00 50.16  ? 122 THR A C   1 
ATOM   996  O O   . THR A 1 122 ? 0.079   3.391   -3.470  1.00 51.99  ? 122 THR A O   1 
ATOM   997  C CB  . THR A 1 122 ? 1.844   5.308   -5.420  1.00 44.13  ? 122 THR A CB  1 
ATOM   998  O OG1 . THR A 1 122 ? 0.677   4.812   -6.095  1.00 54.52  ? 122 THR A OG1 1 
ATOM   999  C CG2 . THR A 1 122 ? 3.056   5.263   -6.361  1.00 41.70  ? 122 THR A CG2 1 
ATOM   1000 N N   . MET A 1 123 ? 0.554   5.365   -2.504  1.00 52.45  ? 123 MET A N   1 
ATOM   1001 C CA  . MET A 1 123 ? -0.708  5.501   -1.793  1.00 43.99  ? 123 MET A CA  1 
ATOM   1002 C C   . MET A 1 123 ? -1.169  6.940   -1.954  1.00 51.16  ? 123 MET A C   1 
ATOM   1003 O O   . MET A 1 123 ? -0.382  7.874   -1.761  1.00 53.28  ? 123 MET A O   1 
ATOM   1004 C CB  . MET A 1 123 ? -0.559  5.150   -0.315  1.00 37.78  ? 123 MET A CB  1 
ATOM   1005 C CG  . MET A 1 123 ? -0.064  3.731   -0.070  1.00 47.41  ? 123 MET A CG  1 
ATOM   1006 S SD  . MET A 1 123 ? 0.533   3.573   1.617   0.83 61.80  ? 123 MET A SD  1 
ATOM   1007 C CE  . MET A 1 123 ? 2.148   4.355   1.452   1.00 48.54  ? 123 MET A CE  1 
ATOM   1008 N N   . THR A 1 124 ? -2.426  7.122   -2.316  1.00 48.12  ? 124 THR A N   1 
ATOM   1009 C CA  . THR A 1 124 ? -2.952  8.438   -2.633  1.00 46.59  ? 124 THR A CA  1 
ATOM   1010 C C   . THR A 1 124 ? -4.086  8.784   -1.686  1.00 55.54  ? 124 THR A C   1 
ATOM   1011 O O   . THR A 1 124 ? -4.956  7.954   -1.410  1.00 56.44  ? 124 THR A O   1 
ATOM   1012 C CB  . THR A 1 124 ? -3.450  8.507   -4.072  1.00 44.80  ? 124 THR A CB  1 
ATOM   1013 O OG1 . THR A 1 124 ? -2.410  8.084   -4.968  0.87 56.36  ? 124 THR A OG1 1 
ATOM   1014 C CG2 . THR A 1 124 ? -3.867  9.914   -4.420  1.00 50.32  ? 124 THR A CG2 1 
ATOM   1015 N N   . ALA A 1 125 ? -4.072  10.014  -1.189  1.00 46.56  ? 125 ALA A N   1 
ATOM   1016 C CA  . ALA A 1 125 ? -5.178  10.556  -0.409  1.00 55.31  ? 125 ALA A CA  1 
ATOM   1017 C C   . ALA A 1 125 ? -5.489  11.937  -0.971  1.00 59.05  ? 125 ALA A C   1 
ATOM   1018 O O   . ALA A 1 125 ? -4.682  12.864  -0.835  1.00 53.81  ? 125 ALA A O   1 
ATOM   1019 C CB  . ALA A 1 125 ? -4.841  10.616  1.079   1.00 46.89  ? 125 ALA A CB  1 
ATOM   1020 N N   . ASP A 1 126 ? -6.658  12.062  -1.605  1.00 65.22  ? 126 ASP A N   1 
ATOM   1021 C CA  . ASP A 1 126 ? -7.013  13.230  -2.403  1.00 62.65  ? 126 ASP A CA  1 
ATOM   1022 C C   . ASP A 1 126 ? -5.884  13.562  -3.367  1.00 62.51  ? 126 ASP A C   1 
ATOM   1023 O O   . ASP A 1 126 ? -5.537  12.743  -4.221  1.00 67.86  ? 126 ASP A O   1 
ATOM   1024 C CB  . ASP A 1 126 ? -7.353  14.426  -1.511  1.00 67.42  ? 126 ASP A CB  1 
ATOM   1025 C CG  . ASP A 1 126 ? -8.743  14.314  -0.897  1.00 75.90  ? 126 ASP A CG  1 
ATOM   1026 O OD1 . ASP A 1 126 ? -9.658  13.787  -1.569  1.00 82.27  ? 126 ASP A OD1 1 
ATOM   1027 O OD2 . ASP A 1 126 ? -8.920  14.740  0.264   1.00 77.68  ? 126 ASP A OD2 1 
ATOM   1028 N N   . ASP A 1 127 ? -5.284  14.738  -3.229  1.00 64.07  ? 127 ASP A N   1 
ATOM   1029 C CA  . ASP A 1 127 ? -4.278  15.178  -4.181  1.00 63.07  ? 127 ASP A CA  1 
ATOM   1030 C C   . ASP A 1 127 ? -2.853  14.881  -3.737  1.00 61.42  ? 127 ASP A C   1 
ATOM   1031 O O   . ASP A 1 127 ? -1.918  15.406  -4.351  1.00 63.93  ? 127 ASP A O   1 
ATOM   1032 C CB  . ASP A 1 127 ? -4.448  16.675  -4.468  1.00 63.65  ? 127 ASP A CB  1 
ATOM   1033 C CG  . ASP A 1 127 ? -4.772  17.477  -3.226  0.36 63.81  ? 127 ASP A CG  1 
ATOM   1034 O OD1 . ASP A 1 127 ? -4.936  18.706  -3.349  0.52 72.17  ? 127 ASP A OD1 1 
ATOM   1035 O OD2 . ASP A 1 127 ? -4.856  16.889  -2.131  0.68 64.96  ? 127 ASP A OD2 1 
ATOM   1036 N N   . VAL A 1 128 ? -2.658  14.020  -2.733  1.00 52.88  ? 128 VAL A N   1 
ATOM   1037 C CA  . VAL A 1 128 ? -1.339  13.736  -2.171  1.00 48.37  ? 128 VAL A CA  1 
ATOM   1038 C C   . VAL A 1 128 ? -0.969  12.290  -2.475  1.00 47.97  ? 128 VAL A C   1 
ATOM   1039 O O   . VAL A 1 128 ? -1.745  11.371  -2.188  1.00 51.53  ? 128 VAL A O   1 
ATOM   1040 C CB  . VAL A 1 128 ? -1.312  14.010  -0.656  1.00 54.46  ? 128 VAL A CB  1 
ATOM   1041 C CG1 . VAL A 1 128 ? -0.045  13.446  -0.018  1.00 45.36  ? 128 VAL A CG1 1 
ATOM   1042 C CG2 . VAL A 1 128 ? -1.457  15.514  -0.385  1.00 47.86  ? 128 VAL A CG2 1 
ATOM   1043 N N   . VAL A 1 129 ? 0.223   12.087  -3.030  1.00 55.86  ? 129 VAL A N   1 
ATOM   1044 C CA  . VAL A 1 129 ? 0.709   10.767  -3.430  1.00 50.21  ? 129 VAL A CA  1 
ATOM   1045 C C   . VAL A 1 129 ? 1.988   10.447  -2.660  1.00 61.56  ? 129 VAL A C   1 
ATOM   1046 O O   . VAL A 1 129 ? 3.004   11.148  -2.809  1.00 51.92  ? 129 VAL A O   1 
ATOM   1047 C CB  . VAL A 1 129 ? 0.964   10.683  -4.943  1.00 49.48  ? 129 VAL A CB  1 
ATOM   1048 C CG1 . VAL A 1 129 ? 1.757   9.420   -5.268  1.00 47.48  ? 129 VAL A CG1 1 
ATOM   1049 C CG2 . VAL A 1 129 ? -0.340  10.674  -5.688  1.00 60.93  ? 129 VAL A CG2 1 
ATOM   1050 N N   . CYS A 1 130 ? 1.948   9.374   -1.866  1.00 48.55  ? 130 CYS A N   1 
ATOM   1051 C CA  . CYS A 1 130 ? 3.130   8.831   -1.200  1.00 49.83  ? 130 CYS A CA  1 
ATOM   1052 C C   . CYS A 1 130 ? 3.738   7.730   -2.059  1.00 53.95  ? 130 CYS A C   1 
ATOM   1053 O O   . CYS A 1 130 ? 3.020   6.847   -2.538  1.00 50.79  ? 130 CYS A O   1 
ATOM   1054 C CB  . CYS A 1 130 ? 2.780   8.277   0.181   1.00 53.04  ? 130 CYS A CB  1 
ATOM   1055 S SG  . CYS A 1 130 ? 4.065   7.243   0.925   1.00 50.77  ? 130 CYS A SG  1 
ATOM   1056 N N   . THR A 1 131 ? 5.056   7.778   -2.250  1.00 49.61  ? 131 THR A N   1 
ATOM   1057 C CA  . THR A 1 131 ? 5.747   6.809   -3.087  1.00 48.92  ? 131 THR A CA  1 
ATOM   1058 C C   . THR A 1 131 ? 6.794   6.068   -2.261  1.00 55.25  ? 131 THR A C   1 
ATOM   1059 O O   . THR A 1 131 ? 7.518   6.676   -1.465  1.00 50.09  ? 131 THR A O   1 
ATOM   1060 C CB  . THR A 1 131 ? 6.378   7.485   -4.312  1.00 43.80  ? 131 THR A CB  1 
ATOM   1061 O OG1 . THR A 1 131 ? 5.340   8.032   -5.143  1.00 48.55  ? 131 THR A OG1 1 
ATOM   1062 C CG2 . THR A 1 131 ? 7.170   6.469   -5.134  1.00 39.15  ? 131 THR A CG2 1 
ATOM   1063 N N   . GLN A 1 132 ? 6.845   4.747   -2.430  1.00 45.03  ? 132 GLN A N   1 
ATOM   1064 C CA  . GLN A 1 132 ? 7.725   3.905   -1.631  1.00 40.80  ? 132 GLN A CA  1 
ATOM   1065 C C   . GLN A 1 132 ? 8.376   2.873   -2.540  1.00 50.25  ? 132 GLN A C   1 
ATOM   1066 O O   . GLN A 1 132 ? 7.680   2.157   -3.266  1.00 55.04  ? 132 GLN A O   1 
ATOM   1067 C CB  . GLN A 1 132 ? 6.955   3.230   -0.484  1.00 45.46  ? 132 GLN A CB  1 
ATOM   1068 C CG  . GLN A 1 132 ? 6.532   4.199   0.627   1.00 53.06  ? 132 GLN A CG  1 
ATOM   1069 C CD  . GLN A 1 132 ? 5.851   3.524   1.827   1.00 50.69  ? 132 GLN A CD  1 
ATOM   1070 O OE1 . GLN A 1 132 ? 5.135   2.534   1.678   1.00 57.26  ? 132 GLN A OE1 1 
ATOM   1071 N NE2 . GLN A 1 132 ? 6.091   4.063   3.025   1.00 56.27  ? 132 GLN A NE2 1 
ATOM   1072 N N   . VAL A 1 133 ? 9.705   2.808   -2.493  1.00 49.00  ? 133 VAL A N   1 
ATOM   1073 C CA  . VAL A 1 133 ? 10.518  1.954   -3.347  1.00 38.31  ? 133 VAL A CA  1 
ATOM   1074 C C   . VAL A 1 133 ? 11.087  0.822   -2.507  1.00 47.61  ? 133 VAL A C   1 
ATOM   1075 O O   . VAL A 1 133 ? 11.598  1.059   -1.405  1.00 45.29  ? 133 VAL A O   1 
ATOM   1076 C CB  . VAL A 1 133 ? 11.634  2.764   -4.019  1.00 46.40  ? 133 VAL A CB  1 
ATOM   1077 C CG1 . VAL A 1 133 ? 12.472  1.892   -4.948  1.00 48.81  ? 133 VAL A CG1 1 
ATOM   1078 C CG2 . VAL A 1 133 ? 11.019  3.930   -4.772  1.00 45.89  ? 133 VAL A CG2 1 
ATOM   1079 N N   . PHE A 1 134 ? 10.980  -0.408  -3.026  1.00 43.10  ? 134 PHE A N   1 
ATOM   1080 C CA  . PHE A 1 134 ? 11.408  -1.631  -2.357  1.00 44.49  ? 134 PHE A CA  1 
ATOM   1081 C C   . PHE A 1 134 ? 12.317  -2.434  -3.282  1.00 56.12  ? 134 PHE A C   1 
ATOM   1082 O O   . PHE A 1 134 ? 12.177  -2.404  -4.513  1.00 48.22  ? 134 PHE A O   1 
ATOM   1083 C CB  . PHE A 1 134 ? 10.213  -2.575  -1.970  1.00 48.08  ? 134 PHE A CB  1 
ATOM   1084 C CG  . PHE A 1 134 ? 9.233   -1.999  -0.979  1.00 47.87  ? 134 PHE A CG  1 
ATOM   1085 C CD1 . PHE A 1 134 ? 8.301   -1.049  -1.365  1.00 45.94  ? 134 PHE A CD1 1 
ATOM   1086 C CD2 . PHE A 1 134 ? 9.230   -2.434  0.337   1.00 42.10  ? 134 PHE A CD2 1 
ATOM   1087 C CE1 . PHE A 1 134 ? 7.388   -0.529  -0.452  1.00 40.20  ? 134 PHE A CE1 1 
ATOM   1088 C CE2 . PHE A 1 134 ? 8.329   -1.913  1.251   1.00 43.30  ? 134 PHE A CE2 1 
ATOM   1089 C CZ  . PHE A 1 134 ? 7.409   -0.961  0.854   1.00 36.54  ? 134 PHE A CZ  1 
ATOM   1090 N N   . VAL A 1 135 ? 13.205  -3.220  -2.674  1.00 53.59  ? 135 VAL A N   1 
ATOM   1091 C CA  . VAL A 1 135 ? 14.063  -4.139  -3.407  1.00 41.94  ? 135 VAL A CA  1 
ATOM   1092 C C   . VAL A 1 135 ? 13.928  -5.513  -2.766  1.00 52.04  ? 135 VAL A C   1 
ATOM   1093 O O   . VAL A 1 135 ? 13.553  -5.642  -1.596  1.00 51.57  ? 135 VAL A O   1 
ATOM   1094 C CB  . VAL A 1 135 ? 15.536  -3.685  -3.401  0.66 52.38  ? 135 VAL A CB  1 
ATOM   1095 C CG1 . VAL A 1 135 ? 15.700  -2.432  -4.238  1.00 47.34  ? 135 VAL A CG1 1 
ATOM   1096 C CG2 . VAL A 1 135 ? 16.020  -3.475  -1.976  1.00 51.55  ? 135 VAL A CG2 1 
ATOM   1097 N N   . ARG A 1 136 ? 14.228  -6.549  -3.553  1.00 55.92  ? 136 ARG A N   1 
ATOM   1098 C CA  . ARG A 1 136 ? 14.168  -7.909  -3.026  1.00 58.33  ? 136 ARG A CA  1 
ATOM   1099 C C   . ARG A 1 136 ? 15.130  -8.067  -1.856  1.00 63.97  ? 136 ARG A C   1 
ATOM   1100 O O   . ARG A 1 136 ? 16.263  -7.582  -1.894  1.00 65.46  ? 136 ARG A O   1 
ATOM   1101 C CB  . ARG A 1 136 ? 14.497  -8.931  -4.113  1.00 46.54  ? 136 ARG A CB  1 
ATOM   1102 C CG  . ARG A 1 136 ? 13.586  -8.827  -5.309  1.00 52.70  ? 136 ARG A CG  1 
ATOM   1103 C CD  . ARG A 1 136 ? 13.485  -10.128 -6.097  1.00 48.23  ? 136 ARG A CD  1 
ATOM   1104 N NE  . ARG A 1 136 ? 12.519  -9.963  -7.176  1.00 46.75  ? 136 ARG A NE  1 
ATOM   1105 C CZ  . ARG A 1 136 ? 11.283  -10.443 -7.144  1.00 54.82  ? 136 ARG A CZ  1 
ATOM   1106 N NH1 . ARG A 1 136 ? 10.885  -11.153 -6.097  1.00 56.54  ? 136 ARG A NH1 1 
ATOM   1107 N NH2 . ARG A 1 136 ? 10.450  -10.225 -8.152  1.00 53.21  ? 136 ARG A NH2 1 
ATOM   1108 N N   . GLU A 1 137 ? 14.664  -8.723  -0.799  1.00 65.55  ? 137 GLU A N   1 
ATOM   1109 C CA  . GLU A 1 137 ? 15.523  -9.008  0.335   1.00 68.81  ? 137 GLU A CA  1 
ATOM   1110 C C   . GLU A 1 137 ? 16.693  -9.850  -0.153  1.00 82.04  ? 137 GLU A C   1 
ATOM   1111 O O   . GLU A 1 137 ? 16.499  -10.789 -0.934  1.00 85.06  ? 137 GLU A O   1 
ATOM   1112 C CB  . GLU A 1 137 ? 14.752  -9.728  1.448   1.00 64.98  ? 137 GLU A CB  1 
ATOM   1113 C CG  . GLU A 1 137 ? 14.025  -8.792  2.417   1.00 59.71  ? 137 GLU A CG  1 
ATOM   1114 O OE1 . GLU A 1 137 ? 13.459  -10.703 3.722   1.00 66.89  ? 137 GLU A OE1 1 
ATOM   1115 O OE2 . GLU A 1 137 ? 12.061  -8.998  3.760   1.00 69.47  ? 137 GLU A OE2 1 
ATOM   1116 O OXT . GLU A 1 137 ? 17.848  -9.590  0.202   1.00 89.95  ? 137 GLU A OXT 1 
HETATM 1117 O O   . HOH B 2 .   ? 4.207   2.944   -10.027 1.00 44.34  ? 201 HOH A O   1 
HETATM 1118 O O   . HOH B 2 .   ? 3.161   1.489   -8.052  1.00 48.04  ? 202 HOH A O   1 
HETATM 1119 O O   . HOH B 2 .   ? -10.777 -9.802  -4.113  1.00 53.83  ? 203 HOH A O   1 
HETATM 1120 O O   . HOH B 2 .   ? 7.563   11.773  -4.833  1.00 62.73  ? 204 HOH A O   1 
HETATM 1121 O O   . HOH B 2 .   ? 8.167   9.796   3.522   1.00 55.37  ? 205 HOH A O   1 
HETATM 1122 O O   . HOH B 2 .   ? -9.741  -6.863  -6.500  1.00 46.78  ? 206 HOH A O   1 
HETATM 1123 O O   . HOH B 2 .   ? -2.375  8.589   -7.565  1.00 58.54  ? 207 HOH A O   1 
HETATM 1124 O O   . HOH B 2 .   ? 8.320   4.750   15.204  1.00 47.59  ? 208 HOH A O   1 
HETATM 1125 O O   . HOH B 2 .   ? 5.120   10.628  -4.374  1.00 52.19  ? 209 HOH A O   1 
HETATM 1126 O O   . HOH B 2 .   ? 0.710   -0.223  -2.462  1.00 62.11  ? 210 HOH A O   1 
HETATM 1127 O O   . HOH B 2 .   ? 1.173   -17.370 -11.735 1.00 50.55  ? 211 HOH A O   1 
HETATM 1128 O O   . HOH B 2 .   ? 10.538  10.552  11.928  1.00 49.85  ? 212 HOH A O   1 
HETATM 1129 O O   . HOH B 2 .   ? 1.081   16.192  17.900  1.00 55.55  ? 213 HOH A O   1 
HETATM 1130 O O   . HOH B 2 .   ? 0.007   6.439   -8.465  1.00 59.43  ? 214 HOH A O   1 
HETATM 1131 O O   . HOH B 2 .   ? 2.082   -3.387  -20.274 1.00 64.09  ? 215 HOH A O   1 
HETATM 1132 O O   . HOH B 2 .   ? 13.816  7.706   2.613   1.00 55.47  ? 216 HOH A O   1 
HETATM 1133 O O   . HOH B 2 .   ? 8.887   -7.995  -18.238 1.00 74.75  ? 217 HOH A O   1 
HETATM 1134 O O   . HOH B 2 .   ? 10.097  5.830   16.814  1.00 52.93  ? 218 HOH A O   1 
# 
loop_
_pdbx_poly_seq_scheme.asym_id 
_pdbx_poly_seq_scheme.entity_id 
_pdbx_poly_seq_scheme.seq_id 
_pdbx_poly_seq_scheme.mon_id 
_pdbx_poly_seq_scheme.ndb_seq_num 
_pdbx_poly_seq_scheme.pdb_seq_num 
_pdbx_poly_seq_scheme.auth_seq_num 
_pdbx_poly_seq_scheme.pdb_mon_id 
_pdbx_poly_seq_scheme.auth_mon_id 
_pdbx_poly_seq_scheme.pdb_strand_id 
_pdbx_poly_seq_scheme.pdb_ins_code 
_pdbx_poly_seq_scheme.hetero 
A 1 1   PRO 1   1   1   PRO PRO A . n 
A 1 2   ASN 2   2   2   ASN ASN A . n 
A 1 3   PHE 3   3   3   PHE PHE A . n 
A 1 4   SER 4   4   4   SER SER A . n 
A 1 5   GLY 5   5   5   GLY GLY A . n 
A 1 6   ASN 6   6   6   ASN ASN A . n 
A 1 7   TRP 7   7   7   TRP TRP A . n 
A 1 8   LYS 8   8   8   LYS LYS A . n 
A 1 9   ILE 9   9   9   ILE ILE A . n 
A 1 10  ILE 10  10  10  ILE ILE A . n 
A 1 11  ARG 11  11  11  ARG ARG A . n 
A 1 12  SER 12  12  12  SER SER A . n 
A 1 13  GLU 13  13  13  GLU GLU A . n 
A 1 14  ASN 14  14  14  ASN ASN A . n 
A 1 15  PHE 15  15  15  PHE PHE A . n 
A 1 16  GLU 16  16  16  GLU GLU A . n 
A 1 17  GLU 17  17  17  GLU GLU A . n 
A 1 18  LEU 18  18  18  LEU LEU A . n 
A 1 19  LEU 19  19  19  LEU LEU A . n 
A 1 20  LYS 20  20  20  LYS LYS A . n 
A 1 21  VAL 21  21  21  VAL VAL A . n 
A 1 22  LEU 22  22  22  LEU LEU A . n 
A 1 23  GLY 23  23  23  GLY GLY A . n 
A 1 24  VAL 24  24  24  VAL VAL A . n 
A 1 25  ASN 25  25  25  ASN ASN A . n 
A 1 26  VAL 26  26  26  VAL VAL A . n 
A 1 27  MET 27  27  27  MET MET A . n 
A 1 28  LEU 28  28  28  LEU LEU A . n 
A 1 29  ARG 29  29  29  ARG ARG A . n 
A 1 30  LYS 30  30  30  LYS LYS A . n 
A 1 31  ILE 31  31  31  ILE ILE A . n 
A 1 32  ALA 32  32  32  ALA ALA A . n 
A 1 33  VAL 33  33  33  VAL VAL A . n 
A 1 34  ALA 34  34  34  ALA ALA A . n 
A 1 35  ALA 35  35  35  ALA ALA A . n 
A 1 36  ALA 36  36  36  ALA ALA A . n 
A 1 37  SER 37  37  37  SER SER A . n 
A 1 38  LYS 38  38  38  LYS LYS A . n 
A 1 39  TYR 39  39  39  TYR TYR A . n 
A 1 40  ALA 40  40  40  ALA ALA A . n 
A 1 41  VAL 41  41  41  VAL VAL A . n 
A 1 42  GLU 42  42  42  GLU GLU A . n 
A 1 43  ILE 43  43  43  ILE ILE A . n 
A 1 44  LYS 44  44  44  LYS LYS A . n 
A 1 45  GLN 45  45  45  GLN GLN A . n 
A 1 46  GLU 46  46  46  GLU GLU A . n 
A 1 47  GLY 47  47  47  GLY GLY A . n 
A 1 48  ASP 48  48  48  ASP ASP A . n 
A 1 49  THR 49  49  49  THR THR A . n 
A 1 50  PHE 50  50  50  PHE PHE A . n 
A 1 51  TYR 51  51  51  TYR TYR A . n 
A 1 52  ILE 52  52  52  ILE ILE A . n 
A 1 53  LYS 53  53  53  LYS LYS A . n 
A 1 54  VAL 54  54  54  VAL VAL A . n 
A 1 55  SER 55  55  55  SER SER A . n 
A 1 56  THR 56  56  56  THR THR A . n 
A 1 57  THR 57  57  57  THR THR A . n 
A 1 58  VAL 58  58  58  VAL VAL A . n 
A 1 59  TYR 59  59  59  TYR TYR A . n 
A 1 60  THR 60  60  60  THR THR A . n 
A 1 61  THR 61  61  61  THR THR A . n 
A 1 62  GLU 62  62  62  GLU GLU A . n 
A 1 63  ILE 63  63  63  ILE ILE A . n 
A 1 64  ASN 64  64  64  ASN ASN A . n 
A 1 65  PHE 65  65  65  PHE PHE A . n 
A 1 66  LYS 66  66  66  LYS LYS A . n 
A 1 67  VAL 67  67  67  VAL VAL A . n 
A 1 68  GLY 68  68  68  GLY GLY A . n 
A 1 69  GLU 69  69  69  GLU GLU A . n 
A 1 70  GLU 70  70  70  GLU GLU A . n 
A 1 71  PHE 71  71  71  PHE PHE A . n 
A 1 72  GLU 72  72  72  GLU GLU A . n 
A 1 73  GLU 73  73  73  GLU GLU A . n 
A 1 74  GLN 74  74  74  GLN GLN A . n 
A 1 75  THR 75  75  75  THR THR A . n 
A 1 76  VAL 76  76  76  VAL VAL A . n 
A 1 77  ASP 77  77  77  ASP ASP A . n 
A 1 78  GLY 78  78  78  GLY GLY A . n 
A 1 79  ARG 79  79  79  ARG ARG A . n 
A 1 80  PRO 80  80  80  PRO PRO A . n 
A 1 81  CYS 81  81  81  CYS CYS A . n 
A 1 82  LYS 82  82  82  LYS LYS A . n 
A 1 83  SER 83  83  83  SER SER A . n 
A 1 84  LEU 84  84  84  LEU LEU A . n 
A 1 85  VAL 85  85  85  VAL VAL A . n 
A 1 86  LYS 86  86  86  LYS LYS A . n 
A 1 87  TRP 87  87  87  TRP TRP A . n 
A 1 88  GLU 88  88  88  GLU GLU A . n 
A 1 89  SER 89  89  89  SER SER A . n 
A 1 90  GLU 90  90  90  GLU GLU A . n 
A 1 91  ASN 91  91  91  ASN ASN A . n 
A 1 92  LYS 92  92  92  LYS LYS A . n 
A 1 93  MET 93  93  93  MET MET A . n 
A 1 94  VAL 94  94  94  VAL VAL A . n 
A 1 95  CYS 95  95  95  CYS CYS A . n 
A 1 96  GLU 96  96  96  GLU GLU A . n 
A 1 97  GLN 97  97  97  GLN GLN A . n 
A 1 98  LYS 98  98  98  LYS LYS A . n 
A 1 99  LEU 99  99  99  LEU LEU A . n 
A 1 100 LEU 100 100 100 LEU LEU A . n 
A 1 101 LYS 101 101 101 LYS LYS A . n 
A 1 102 GLY 102 102 102 GLY GLY A . n 
A 1 103 GLU 103 103 103 GLU GLU A . n 
A 1 104 GLY 104 104 104 GLY GLY A . n 
A 1 105 PRO 105 105 105 PRO PRO A . n 
A 1 106 LYS 106 106 106 LYS LYS A . n 
A 1 107 THR 107 107 107 THR THR A . n 
A 1 108 SER 108 108 108 SER SER A . n 
A 1 109 TRP 109 109 109 TRP TRP A . n 
A 1 110 THR 110 110 110 THR THR A . n 
A 1 111 LYS 111 111 111 LYS LYS A . n 
A 1 112 GLU 112 112 112 GLU GLU A . n 
A 1 113 LEU 113 113 113 LEU LEU A . n 
A 1 114 THR 114 114 114 THR THR A . n 
A 1 115 ASN 115 115 115 ASN ASN A . n 
A 1 116 ASP 116 116 116 ASP ASP A . n 
A 1 117 GLY 117 117 117 GLY GLY A . n 
A 1 118 GLU 118 118 118 GLU GLU A . n 
A 1 119 LEU 119 119 119 LEU LEU A . n 
A 1 120 ILE 120 120 120 ILE ILE A . n 
A 1 121 GLN 121 121 121 GLN GLN A . n 
A 1 122 THR 122 122 122 THR THR A . n 
A 1 123 MET 123 123 123 MET MET A . n 
A 1 124 THR 124 124 124 THR THR A . n 
A 1 125 ALA 125 125 125 ALA ALA A . n 
A 1 126 ASP 126 126 126 ASP ASP A . n 
A 1 127 ASP 127 127 127 ASP ASP A . n 
A 1 128 VAL 128 128 128 VAL VAL A . n 
A 1 129 VAL 129 129 129 VAL VAL A . n 
A 1 130 CYS 130 130 130 CYS CYS A . n 
A 1 131 THR 131 131 131 THR THR A . n 
A 1 132 GLN 132 132 132 GLN GLN A . n 
A 1 133 VAL 133 133 133 VAL VAL A . n 
A 1 134 PHE 134 134 134 PHE PHE A . n 
A 1 135 VAL 135 135 135 VAL VAL A . n 
A 1 136 ARG 136 136 136 ARG ARG A . n 
A 1 137 GLU 137 137 137 GLU GLU A . n 
# 
loop_
_pdbx_nonpoly_scheme.asym_id 
_pdbx_nonpoly_scheme.entity_id 
_pdbx_nonpoly_scheme.mon_id 
_pdbx_nonpoly_scheme.ndb_seq_num 
_pdbx_nonpoly_scheme.pdb_seq_num 
_pdbx_nonpoly_scheme.auth_seq_num 
_pdbx_nonpoly_scheme.pdb_mon_id 
_pdbx_nonpoly_scheme.auth_mon_id 
_pdbx_nonpoly_scheme.pdb_strand_id 
_pdbx_nonpoly_scheme.pdb_ins_code 
B 2 HOH 1  201 10 HOH HOH A . 
B 2 HOH 2  202 7  HOH HOH A . 
B 2 HOH 3  203 6  HOH HOH A . 
B 2 HOH 4  204 8  HOH HOH A . 
B 2 HOH 5  205 14 HOH HOH A . 
B 2 HOH 6  206 5  HOH HOH A . 
B 2 HOH 7  207 12 HOH HOH A . 
B 2 HOH 8  208 4  HOH HOH A . 
B 2 HOH 9  209 3  HOH HOH A . 
B 2 HOH 10 210 19 HOH HOH A . 
B 2 HOH 11 211 1  HOH HOH A . 
B 2 HOH 12 212 16 HOH HOH A . 
B 2 HOH 13 213 15 HOH HOH A . 
B 2 HOH 14 214 11 HOH HOH A . 
B 2 HOH 15 215 17 HOH HOH A . 
B 2 HOH 16 216 13 HOH HOH A . 
B 2 HOH 17 217 18 HOH HOH A . 
B 2 HOH 18 218 9  HOH HOH A . 
# 
loop_
_pdbx_struct_assembly.id 
_pdbx_struct_assembly.details 
_pdbx_struct_assembly.method_details 
_pdbx_struct_assembly.oligomeric_details 
_pdbx_struct_assembly.oligomeric_count 
1 author_defined_assembly   ?    monomeric 1 
2 software_defined_assembly PISA dimeric   2 
# 
loop_
_pdbx_struct_assembly_gen.assembly_id 
_pdbx_struct_assembly_gen.oper_expression 
_pdbx_struct_assembly_gen.asym_id_list 
1 1   A,B 
2 1,2 A,B 
# 
loop_
_pdbx_struct_assembly_prop.biol_id 
_pdbx_struct_assembly_prop.type 
_pdbx_struct_assembly_prop.value 
_pdbx_struct_assembly_prop.details 
2 'ABSA (A^2)' 1520  ? 
2 MORE         -18   ? 
2 'SSA (A^2)'  14030 ? 
# 
loop_
_pdbx_struct_oper_list.id 
_pdbx_struct_oper_list.type 
_pdbx_struct_oper_list.name 
_pdbx_struct_oper_list.symmetry_operation 
_pdbx_struct_oper_list.matrix[1][1] 
_pdbx_struct_oper_list.matrix[1][2] 
_pdbx_struct_oper_list.matrix[1][3] 
_pdbx_struct_oper_list.vector[1] 
_pdbx_struct_oper_list.matrix[2][1] 
_pdbx_struct_oper_list.matrix[2][2] 
_pdbx_struct_oper_list.matrix[2][3] 
_pdbx_struct_oper_list.vector[2] 
_pdbx_struct_oper_list.matrix[3][1] 
_pdbx_struct_oper_list.matrix[3][2] 
_pdbx_struct_oper_list.matrix[3][3] 
_pdbx_struct_oper_list.vector[3] 
1 'identity operation'         1_555 x,y,z         1.0000000000 0.0000000000  0.0000000000 0.0000000000 0.0000000000  1.0000000000  0.0000000000  0.0000000000  0.0000000000 0.0000000000  1.0000000000  0.0000000000  
2 'crystal symmetry operation' 5_554 x-y,-y,-z-1/3 0.6231391469 -0.7487913094 0.2258521165 2.2695760113 -0.7487913094 -0.6545653981 -0.1041907605 14.2381232116 0.2258521165 -0.1041907605 -0.9685737488 30.8943097881 
# 
loop_
_pdbx_audit_revision_history.ordinal 
_pdbx_audit_revision_history.data_content_type 
_pdbx_audit_revision_history.major_revision 
_pdbx_audit_revision_history.minor_revision 
_pdbx_audit_revision_history.revision_date 
1 'Structure model' 1 0 2019-10-09 
2 'Structure model' 1 1 2019-12-18 
3 'Structure model' 1 2 2023-10-11 
# 
_pdbx_audit_revision_details.ordinal             1 
_pdbx_audit_revision_details.revision_ordinal    1 
_pdbx_audit_revision_details.data_content_type   'Structure model' 
_pdbx_audit_revision_details.provider            repository 
_pdbx_audit_revision_details.type                'Initial release' 
_pdbx_audit_revision_details.description         ? 
_pdbx_audit_revision_details.details             ? 
# 
loop_
_pdbx_audit_revision_group.ordinal 
_pdbx_audit_revision_group.revision_ordinal 
_pdbx_audit_revision_group.data_content_type 
_pdbx_audit_revision_group.group 
1 2 'Structure model' 'Author supporting evidence' 
2 3 'Structure model' 'Data collection'            
3 3 'Structure model' 'Database references'        
4 3 'Structure model' 'Refinement description'     
# 
loop_
_pdbx_audit_revision_category.ordinal 
_pdbx_audit_revision_category.revision_ordinal 
_pdbx_audit_revision_category.data_content_type 
_pdbx_audit_revision_category.category 
1 2 'Structure model' pdbx_audit_support            
2 3 'Structure model' chem_comp_atom                
3 3 'Structure model' chem_comp_bond                
4 3 'Structure model' database_2                    
5 3 'Structure model' pdbx_initial_refinement_model 
# 
loop_
_pdbx_audit_revision_item.ordinal 
_pdbx_audit_revision_item.revision_ordinal 
_pdbx_audit_revision_item.data_content_type 
_pdbx_audit_revision_item.item 
1 2 'Structure model' '_pdbx_audit_support.funding_organization' 
2 3 'Structure model' '_database_2.pdbx_DOI'                     
3 3 'Structure model' '_database_2.pdbx_database_accession'      
# 
loop_
_software.citation_id 
_software.classification 
_software.compiler_name 
_software.compiler_version 
_software.contact_author 
_software.contact_author_email 
_software.date 
_software.description 
_software.dependencies 
_software.hardware 
_software.language 
_software.location 
_software.mods 
_software.name 
_software.os 
_software.os_version 
_software.type 
_software.version 
_software.pdbx_ordinal 
? refinement       ? ? ? ? ? ? ? ? ? ? ? PHENIX   ? ? ? '(1.14_3260)' 1 
? 'data reduction' ? ? ? ? ? ? ? ? ? ? ? HKL-2000 ? ? ? .             2 
? 'data scaling'   ? ? ? ? ? ? ? ? ? ? ? HKL-2000 ? ? ? .             3 
? phasing          ? ? ? ? ? ? ? ? ? ? ? PHASER   ? ? ? .             4 
# 
loop_
_pdbx_validate_torsion.id 
_pdbx_validate_torsion.PDB_model_num 
_pdbx_validate_torsion.auth_comp_id 
_pdbx_validate_torsion.auth_asym_id 
_pdbx_validate_torsion.auth_seq_id 
_pdbx_validate_torsion.PDB_ins_code 
_pdbx_validate_torsion.label_alt_id 
_pdbx_validate_torsion.phi 
_pdbx_validate_torsion.psi 
1 1 THR A 56  ? ? -124.73 -169.70 
2 1 THR A 56  ? ? -126.21 -168.26 
3 1 GLU A 73  ? ? -151.83 -157.84 
4 1 ASP A 126 ? ? 49.05   -117.50 
# 
_pdbx_unobs_or_zero_occ_atoms.id               1 
_pdbx_unobs_or_zero_occ_atoms.PDB_model_num    1 
_pdbx_unobs_or_zero_occ_atoms.polymer_flag     Y 
_pdbx_unobs_or_zero_occ_atoms.occupancy_flag   1 
_pdbx_unobs_or_zero_occ_atoms.auth_asym_id     A 
_pdbx_unobs_or_zero_occ_atoms.auth_comp_id     GLU 
_pdbx_unobs_or_zero_occ_atoms.auth_seq_id      137 
_pdbx_unobs_or_zero_occ_atoms.PDB_ins_code     ? 
_pdbx_unobs_or_zero_occ_atoms.auth_atom_id     CD 
_pdbx_unobs_or_zero_occ_atoms.label_alt_id     ? 
_pdbx_unobs_or_zero_occ_atoms.label_asym_id    A 
_pdbx_unobs_or_zero_occ_atoms.label_comp_id    GLU 
_pdbx_unobs_or_zero_occ_atoms.label_seq_id     137 
_pdbx_unobs_or_zero_occ_atoms.label_atom_id    CD 
# 
loop_
_chem_comp_atom.comp_id 
_chem_comp_atom.atom_id 
_chem_comp_atom.type_symbol 
_chem_comp_atom.pdbx_aromatic_flag 
_chem_comp_atom.pdbx_stereo_config 
_chem_comp_atom.pdbx_ordinal 
ALA N    N N N 1   
ALA CA   C N S 2   
ALA C    C N N 3   
ALA O    O N N 4   
ALA CB   C N N 5   
ALA OXT  O N N 6   
ALA H    H N N 7   
ALA H2   H N N 8   
ALA HA   H N N 9   
ALA HB1  H N N 10  
ALA HB2  H N N 11  
ALA HB3  H N N 12  
ALA HXT  H N N 13  
ARG N    N N N 14  
ARG CA   C N S 15  
ARG C    C N N 16  
ARG O    O N N 17  
ARG CB   C N N 18  
ARG CG   C N N 19  
ARG CD   C N N 20  
ARG NE   N N N 21  
ARG CZ   C N N 22  
ARG NH1  N N N 23  
ARG NH2  N N N 24  
ARG OXT  O N N 25  
ARG H    H N N 26  
ARG H2   H N N 27  
ARG HA   H N N 28  
ARG HB2  H N N 29  
ARG HB3  H N N 30  
ARG HG2  H N N 31  
ARG HG3  H N N 32  
ARG HD2  H N N 33  
ARG HD3  H N N 34  
ARG HE   H N N 35  
ARG HH11 H N N 36  
ARG HH12 H N N 37  
ARG HH21 H N N 38  
ARG HH22 H N N 39  
ARG HXT  H N N 40  
ASN N    N N N 41  
ASN CA   C N S 42  
ASN C    C N N 43  
ASN O    O N N 44  
ASN CB   C N N 45  
ASN CG   C N N 46  
ASN OD1  O N N 47  
ASN ND2  N N N 48  
ASN OXT  O N N 49  
ASN H    H N N 50  
ASN H2   H N N 51  
ASN HA   H N N 52  
ASN HB2  H N N 53  
ASN HB3  H N N 54  
ASN HD21 H N N 55  
ASN HD22 H N N 56  
ASN HXT  H N N 57  
ASP N    N N N 58  
ASP CA   C N S 59  
ASP C    C N N 60  
ASP O    O N N 61  
ASP CB   C N N 62  
ASP CG   C N N 63  
ASP OD1  O N N 64  
ASP OD2  O N N 65  
ASP OXT  O N N 66  
ASP H    H N N 67  
ASP H2   H N N 68  
ASP HA   H N N 69  
ASP HB2  H N N 70  
ASP HB3  H N N 71  
ASP HD2  H N N 72  
ASP HXT  H N N 73  
CYS N    N N N 74  
CYS CA   C N R 75  
CYS C    C N N 76  
CYS O    O N N 77  
CYS CB   C N N 78  
CYS SG   S N N 79  
CYS OXT  O N N 80  
CYS H    H N N 81  
CYS H2   H N N 82  
CYS HA   H N N 83  
CYS HB2  H N N 84  
CYS HB3  H N N 85  
CYS HG   H N N 86  
CYS HXT  H N N 87  
GLN N    N N N 88  
GLN CA   C N S 89  
GLN C    C N N 90  
GLN O    O N N 91  
GLN CB   C N N 92  
GLN CG   C N N 93  
GLN CD   C N N 94  
GLN OE1  O N N 95  
GLN NE2  N N N 96  
GLN OXT  O N N 97  
GLN H    H N N 98  
GLN H2   H N N 99  
GLN HA   H N N 100 
GLN HB2  H N N 101 
GLN HB3  H N N 102 
GLN HG2  H N N 103 
GLN HG3  H N N 104 
GLN HE21 H N N 105 
GLN HE22 H N N 106 
GLN HXT  H N N 107 
GLU N    N N N 108 
GLU CA   C N S 109 
GLU C    C N N 110 
GLU O    O N N 111 
GLU CB   C N N 112 
GLU CG   C N N 113 
GLU CD   C N N 114 
GLU OE1  O N N 115 
GLU OE2  O N N 116 
GLU OXT  O N N 117 
GLU H    H N N 118 
GLU H2   H N N 119 
GLU HA   H N N 120 
GLU HB2  H N N 121 
GLU HB3  H N N 122 
GLU HG2  H N N 123 
GLU HG3  H N N 124 
GLU HE2  H N N 125 
GLU HXT  H N N 126 
GLY N    N N N 127 
GLY CA   C N N 128 
GLY C    C N N 129 
GLY O    O N N 130 
GLY OXT  O N N 131 
GLY H    H N N 132 
GLY H2   H N N 133 
GLY HA2  H N N 134 
GLY HA3  H N N 135 
GLY HXT  H N N 136 
HOH O    O N N 137 
HOH H1   H N N 138 
HOH H2   H N N 139 
ILE N    N N N 140 
ILE CA   C N S 141 
ILE C    C N N 142 
ILE O    O N N 143 
ILE CB   C N S 144 
ILE CG1  C N N 145 
ILE CG2  C N N 146 
ILE CD1  C N N 147 
ILE OXT  O N N 148 
ILE H    H N N 149 
ILE H2   H N N 150 
ILE HA   H N N 151 
ILE HB   H N N 152 
ILE HG12 H N N 153 
ILE HG13 H N N 154 
ILE HG21 H N N 155 
ILE HG22 H N N 156 
ILE HG23 H N N 157 
ILE HD11 H N N 158 
ILE HD12 H N N 159 
ILE HD13 H N N 160 
ILE HXT  H N N 161 
LEU N    N N N 162 
LEU CA   C N S 163 
LEU C    C N N 164 
LEU O    O N N 165 
LEU CB   C N N 166 
LEU CG   C N N 167 
LEU CD1  C N N 168 
LEU CD2  C N N 169 
LEU OXT  O N N 170 
LEU H    H N N 171 
LEU H2   H N N 172 
LEU HA   H N N 173 
LEU HB2  H N N 174 
LEU HB3  H N N 175 
LEU HG   H N N 176 
LEU HD11 H N N 177 
LEU HD12 H N N 178 
LEU HD13 H N N 179 
LEU HD21 H N N 180 
LEU HD22 H N N 181 
LEU HD23 H N N 182 
LEU HXT  H N N 183 
LYS N    N N N 184 
LYS CA   C N S 185 
LYS C    C N N 186 
LYS O    O N N 187 
LYS CB   C N N 188 
LYS CG   C N N 189 
LYS CD   C N N 190 
LYS CE   C N N 191 
LYS NZ   N N N 192 
LYS OXT  O N N 193 
LYS H    H N N 194 
LYS H2   H N N 195 
LYS HA   H N N 196 
LYS HB2  H N N 197 
LYS HB3  H N N 198 
LYS HG2  H N N 199 
LYS HG3  H N N 200 
LYS HD2  H N N 201 
LYS HD3  H N N 202 
LYS HE2  H N N 203 
LYS HE3  H N N 204 
LYS HZ1  H N N 205 
LYS HZ2  H N N 206 
LYS HZ3  H N N 207 
LYS HXT  H N N 208 
MET N    N N N 209 
MET CA   C N S 210 
MET C    C N N 211 
MET O    O N N 212 
MET CB   C N N 213 
MET CG   C N N 214 
MET SD   S N N 215 
MET CE   C N N 216 
MET OXT  O N N 217 
MET H    H N N 218 
MET H2   H N N 219 
MET HA   H N N 220 
MET HB2  H N N 221 
MET HB3  H N N 222 
MET HG2  H N N 223 
MET HG3  H N N 224 
MET HE1  H N N 225 
MET HE2  H N N 226 
MET HE3  H N N 227 
MET HXT  H N N 228 
PHE N    N N N 229 
PHE CA   C N S 230 
PHE C    C N N 231 
PHE O    O N N 232 
PHE CB   C N N 233 
PHE CG   C Y N 234 
PHE CD1  C Y N 235 
PHE CD2  C Y N 236 
PHE CE1  C Y N 237 
PHE CE2  C Y N 238 
PHE CZ   C Y N 239 
PHE OXT  O N N 240 
PHE H    H N N 241 
PHE H2   H N N 242 
PHE HA   H N N 243 
PHE HB2  H N N 244 
PHE HB3  H N N 245 
PHE HD1  H N N 246 
PHE HD2  H N N 247 
PHE HE1  H N N 248 
PHE HE2  H N N 249 
PHE HZ   H N N 250 
PHE HXT  H N N 251 
PRO N    N N N 252 
PRO CA   C N S 253 
PRO C    C N N 254 
PRO O    O N N 255 
PRO CB   C N N 256 
PRO CG   C N N 257 
PRO CD   C N N 258 
PRO OXT  O N N 259 
PRO H    H N N 260 
PRO HA   H N N 261 
PRO HB2  H N N 262 
PRO HB3  H N N 263 
PRO HG2  H N N 264 
PRO HG3  H N N 265 
PRO HD2  H N N 266 
PRO HD3  H N N 267 
PRO HXT  H N N 268 
SER N    N N N 269 
SER CA   C N S 270 
SER C    C N N 271 
SER O    O N N 272 
SER CB   C N N 273 
SER OG   O N N 274 
SER OXT  O N N 275 
SER H    H N N 276 
SER H2   H N N 277 
SER HA   H N N 278 
SER HB2  H N N 279 
SER HB3  H N N 280 
SER HG   H N N 281 
SER HXT  H N N 282 
THR N    N N N 283 
THR CA   C N S 284 
THR C    C N N 285 
THR O    O N N 286 
THR CB   C N R 287 
THR OG1  O N N 288 
THR CG2  C N N 289 
THR OXT  O N N 290 
THR H    H N N 291 
THR H2   H N N 292 
THR HA   H N N 293 
THR HB   H N N 294 
THR HG1  H N N 295 
THR HG21 H N N 296 
THR HG22 H N N 297 
THR HG23 H N N 298 
THR HXT  H N N 299 
TRP N    N N N 300 
TRP CA   C N S 301 
TRP C    C N N 302 
TRP O    O N N 303 
TRP CB   C N N 304 
TRP CG   C Y N 305 
TRP CD1  C Y N 306 
TRP CD2  C Y N 307 
TRP NE1  N Y N 308 
TRP CE2  C Y N 309 
TRP CE3  C Y N 310 
TRP CZ2  C Y N 311 
TRP CZ3  C Y N 312 
TRP CH2  C Y N 313 
TRP OXT  O N N 314 
TRP H    H N N 315 
TRP H2   H N N 316 
TRP HA   H N N 317 
TRP HB2  H N N 318 
TRP HB3  H N N 319 
TRP HD1  H N N 320 
TRP HE1  H N N 321 
TRP HE3  H N N 322 
TRP HZ2  H N N 323 
TRP HZ3  H N N 324 
TRP HH2  H N N 325 
TRP HXT  H N N 326 
TYR N    N N N 327 
TYR CA   C N S 328 
TYR C    C N N 329 
TYR O    O N N 330 
TYR CB   C N N 331 
TYR CG   C Y N 332 
TYR CD1  C Y N 333 
TYR CD2  C Y N 334 
TYR CE1  C Y N 335 
TYR CE2  C Y N 336 
TYR CZ   C Y N 337 
TYR OH   O N N 338 
TYR OXT  O N N 339 
TYR H    H N N 340 
TYR H2   H N N 341 
TYR HA   H N N 342 
TYR HB2  H N N 343 
TYR HB3  H N N 344 
TYR HD1  H N N 345 
TYR HD2  H N N 346 
TYR HE1  H N N 347 
TYR HE2  H N N 348 
TYR HH   H N N 349 
TYR HXT  H N N 350 
VAL N    N N N 351 
VAL CA   C N S 352 
VAL C    C N N 353 
VAL O    O N N 354 
VAL CB   C N N 355 
VAL CG1  C N N 356 
VAL CG2  C N N 357 
VAL OXT  O N N 358 
VAL H    H N N 359 
VAL H2   H N N 360 
VAL HA   H N N 361 
VAL HB   H N N 362 
VAL HG11 H N N 363 
VAL HG12 H N N 364 
VAL HG13 H N N 365 
VAL HG21 H N N 366 
VAL HG22 H N N 367 
VAL HG23 H N N 368 
VAL HXT  H N N 369 
# 
loop_
_chem_comp_bond.comp_id 
_chem_comp_bond.atom_id_1 
_chem_comp_bond.atom_id_2 
_chem_comp_bond.value_order 
_chem_comp_bond.pdbx_aromatic_flag 
_chem_comp_bond.pdbx_stereo_config 
_chem_comp_bond.pdbx_ordinal 
ALA N   CA   sing N N 1   
ALA N   H    sing N N 2   
ALA N   H2   sing N N 3   
ALA CA  C    sing N N 4   
ALA CA  CB   sing N N 5   
ALA CA  HA   sing N N 6   
ALA C   O    doub N N 7   
ALA C   OXT  sing N N 8   
ALA CB  HB1  sing N N 9   
ALA CB  HB2  sing N N 10  
ALA CB  HB3  sing N N 11  
ALA OXT HXT  sing N N 12  
ARG N   CA   sing N N 13  
ARG N   H    sing N N 14  
ARG N   H2   sing N N 15  
ARG CA  C    sing N N 16  
ARG CA  CB   sing N N 17  
ARG CA  HA   sing N N 18  
ARG C   O    doub N N 19  
ARG C   OXT  sing N N 20  
ARG CB  CG   sing N N 21  
ARG CB  HB2  sing N N 22  
ARG CB  HB3  sing N N 23  
ARG CG  CD   sing N N 24  
ARG CG  HG2  sing N N 25  
ARG CG  HG3  sing N N 26  
ARG CD  NE   sing N N 27  
ARG CD  HD2  sing N N 28  
ARG CD  HD3  sing N N 29  
ARG NE  CZ   sing N N 30  
ARG NE  HE   sing N N 31  
ARG CZ  NH1  sing N N 32  
ARG CZ  NH2  doub N N 33  
ARG NH1 HH11 sing N N 34  
ARG NH1 HH12 sing N N 35  
ARG NH2 HH21 sing N N 36  
ARG NH2 HH22 sing N N 37  
ARG OXT HXT  sing N N 38  
ASN N   CA   sing N N 39  
ASN N   H    sing N N 40  
ASN N   H2   sing N N 41  
ASN CA  C    sing N N 42  
ASN CA  CB   sing N N 43  
ASN CA  HA   sing N N 44  
ASN C   O    doub N N 45  
ASN C   OXT  sing N N 46  
ASN CB  CG   sing N N 47  
ASN CB  HB2  sing N N 48  
ASN CB  HB3  sing N N 49  
ASN CG  OD1  doub N N 50  
ASN CG  ND2  sing N N 51  
ASN ND2 HD21 sing N N 52  
ASN ND2 HD22 sing N N 53  
ASN OXT HXT  sing N N 54  
ASP N   CA   sing N N 55  
ASP N   H    sing N N 56  
ASP N   H2   sing N N 57  
ASP CA  C    sing N N 58  
ASP CA  CB   sing N N 59  
ASP CA  HA   sing N N 60  
ASP C   O    doub N N 61  
ASP C   OXT  sing N N 62  
ASP CB  CG   sing N N 63  
ASP CB  HB2  sing N N 64  
ASP CB  HB3  sing N N 65  
ASP CG  OD1  doub N N 66  
ASP CG  OD2  sing N N 67  
ASP OD2 HD2  sing N N 68  
ASP OXT HXT  sing N N 69  
CYS N   CA   sing N N 70  
CYS N   H    sing N N 71  
CYS N   H2   sing N N 72  
CYS CA  C    sing N N 73  
CYS CA  CB   sing N N 74  
CYS CA  HA   sing N N 75  
CYS C   O    doub N N 76  
CYS C   OXT  sing N N 77  
CYS CB  SG   sing N N 78  
CYS CB  HB2  sing N N 79  
CYS CB  HB3  sing N N 80  
CYS SG  HG   sing N N 81  
CYS OXT HXT  sing N N 82  
GLN N   CA   sing N N 83  
GLN N   H    sing N N 84  
GLN N   H2   sing N N 85  
GLN CA  C    sing N N 86  
GLN CA  CB   sing N N 87  
GLN CA  HA   sing N N 88  
GLN C   O    doub N N 89  
GLN C   OXT  sing N N 90  
GLN CB  CG   sing N N 91  
GLN CB  HB2  sing N N 92  
GLN CB  HB3  sing N N 93  
GLN CG  CD   sing N N 94  
GLN CG  HG2  sing N N 95  
GLN CG  HG3  sing N N 96  
GLN CD  OE1  doub N N 97  
GLN CD  NE2  sing N N 98  
GLN NE2 HE21 sing N N 99  
GLN NE2 HE22 sing N N 100 
GLN OXT HXT  sing N N 101 
GLU N   CA   sing N N 102 
GLU N   H    sing N N 103 
GLU N   H2   sing N N 104 
GLU CA  C    sing N N 105 
GLU CA  CB   sing N N 106 
GLU CA  HA   sing N N 107 
GLU C   O    doub N N 108 
GLU C   OXT  sing N N 109 
GLU CB  CG   sing N N 110 
GLU CB  HB2  sing N N 111 
GLU CB  HB3  sing N N 112 
GLU CG  CD   sing N N 113 
GLU CG  HG2  sing N N 114 
GLU CG  HG3  sing N N 115 
GLU CD  OE1  doub N N 116 
GLU CD  OE2  sing N N 117 
GLU OE2 HE2  sing N N 118 
GLU OXT HXT  sing N N 119 
GLY N   CA   sing N N 120 
GLY N   H    sing N N 121 
GLY N   H2   sing N N 122 
GLY CA  C    sing N N 123 
GLY CA  HA2  sing N N 124 
GLY CA  HA3  sing N N 125 
GLY C   O    doub N N 126 
GLY C   OXT  sing N N 127 
GLY OXT HXT  sing N N 128 
HOH O   H1   sing N N 129 
HOH O   H2   sing N N 130 
ILE N   CA   sing N N 131 
ILE N   H    sing N N 132 
ILE N   H2   sing N N 133 
ILE CA  C    sing N N 134 
ILE CA  CB   sing N N 135 
ILE CA  HA   sing N N 136 
ILE C   O    doub N N 137 
ILE C   OXT  sing N N 138 
ILE CB  CG1  sing N N 139 
ILE CB  CG2  sing N N 140 
ILE CB  HB   sing N N 141 
ILE CG1 CD1  sing N N 142 
ILE CG1 HG12 sing N N 143 
ILE CG1 HG13 sing N N 144 
ILE CG2 HG21 sing N N 145 
ILE CG2 HG22 sing N N 146 
ILE CG2 HG23 sing N N 147 
ILE CD1 HD11 sing N N 148 
ILE CD1 HD12 sing N N 149 
ILE CD1 HD13 sing N N 150 
ILE OXT HXT  sing N N 151 
LEU N   CA   sing N N 152 
LEU N   H    sing N N 153 
LEU N   H2   sing N N 154 
LEU CA  C    sing N N 155 
LEU CA  CB   sing N N 156 
LEU CA  HA   sing N N 157 
LEU C   O    doub N N 158 
LEU C   OXT  sing N N 159 
LEU CB  CG   sing N N 160 
LEU CB  HB2  sing N N 161 
LEU CB  HB3  sing N N 162 
LEU CG  CD1  sing N N 163 
LEU CG  CD2  sing N N 164 
LEU CG  HG   sing N N 165 
LEU CD1 HD11 sing N N 166 
LEU CD1 HD12 sing N N 167 
LEU CD1 HD13 sing N N 168 
LEU CD2 HD21 sing N N 169 
LEU CD2 HD22 sing N N 170 
LEU CD2 HD23 sing N N 171 
LEU OXT HXT  sing N N 172 
LYS N   CA   sing N N 173 
LYS N   H    sing N N 174 
LYS N   H2   sing N N 175 
LYS CA  C    sing N N 176 
LYS CA  CB   sing N N 177 
LYS CA  HA   sing N N 178 
LYS C   O    doub N N 179 
LYS C   OXT  sing N N 180 
LYS CB  CG   sing N N 181 
LYS CB  HB2  sing N N 182 
LYS CB  HB3  sing N N 183 
LYS CG  CD   sing N N 184 
LYS CG  HG2  sing N N 185 
LYS CG  HG3  sing N N 186 
LYS CD  CE   sing N N 187 
LYS CD  HD2  sing N N 188 
LYS CD  HD3  sing N N 189 
LYS CE  NZ   sing N N 190 
LYS CE  HE2  sing N N 191 
LYS CE  HE3  sing N N 192 
LYS NZ  HZ1  sing N N 193 
LYS NZ  HZ2  sing N N 194 
LYS NZ  HZ3  sing N N 195 
LYS OXT HXT  sing N N 196 
MET N   CA   sing N N 197 
MET N   H    sing N N 198 
MET N   H2   sing N N 199 
MET CA  C    sing N N 200 
MET CA  CB   sing N N 201 
MET CA  HA   sing N N 202 
MET C   O    doub N N 203 
MET C   OXT  sing N N 204 
MET CB  CG   sing N N 205 
MET CB  HB2  sing N N 206 
MET CB  HB3  sing N N 207 
MET CG  SD   sing N N 208 
MET CG  HG2  sing N N 209 
MET CG  HG3  sing N N 210 
MET SD  CE   sing N N 211 
MET CE  HE1  sing N N 212 
MET CE  HE2  sing N N 213 
MET CE  HE3  sing N N 214 
MET OXT HXT  sing N N 215 
PHE N   CA   sing N N 216 
PHE N   H    sing N N 217 
PHE N   H2   sing N N 218 
PHE CA  C    sing N N 219 
PHE CA  CB   sing N N 220 
PHE CA  HA   sing N N 221 
PHE C   O    doub N N 222 
PHE C   OXT  sing N N 223 
PHE CB  CG   sing N N 224 
PHE CB  HB2  sing N N 225 
PHE CB  HB3  sing N N 226 
PHE CG  CD1  doub Y N 227 
PHE CG  CD2  sing Y N 228 
PHE CD1 CE1  sing Y N 229 
PHE CD1 HD1  sing N N 230 
PHE CD2 CE2  doub Y N 231 
PHE CD2 HD2  sing N N 232 
PHE CE1 CZ   doub Y N 233 
PHE CE1 HE1  sing N N 234 
PHE CE2 CZ   sing Y N 235 
PHE CE2 HE2  sing N N 236 
PHE CZ  HZ   sing N N 237 
PHE OXT HXT  sing N N 238 
PRO N   CA   sing N N 239 
PRO N   CD   sing N N 240 
PRO N   H    sing N N 241 
PRO CA  C    sing N N 242 
PRO CA  CB   sing N N 243 
PRO CA  HA   sing N N 244 
PRO C   O    doub N N 245 
PRO C   OXT  sing N N 246 
PRO CB  CG   sing N N 247 
PRO CB  HB2  sing N N 248 
PRO CB  HB3  sing N N 249 
PRO CG  CD   sing N N 250 
PRO CG  HG2  sing N N 251 
PRO CG  HG3  sing N N 252 
PRO CD  HD2  sing N N 253 
PRO CD  HD3  sing N N 254 
PRO OXT HXT  sing N N 255 
SER N   CA   sing N N 256 
SER N   H    sing N N 257 
SER N   H2   sing N N 258 
SER CA  C    sing N N 259 
SER CA  CB   sing N N 260 
SER CA  HA   sing N N 261 
SER C   O    doub N N 262 
SER C   OXT  sing N N 263 
SER CB  OG   sing N N 264 
SER CB  HB2  sing N N 265 
SER CB  HB3  sing N N 266 
SER OG  HG   sing N N 267 
SER OXT HXT  sing N N 268 
THR N   CA   sing N N 269 
THR N   H    sing N N 270 
THR N   H2   sing N N 271 
THR CA  C    sing N N 272 
THR CA  CB   sing N N 273 
THR CA  HA   sing N N 274 
THR C   O    doub N N 275 
THR C   OXT  sing N N 276 
THR CB  OG1  sing N N 277 
THR CB  CG2  sing N N 278 
THR CB  HB   sing N N 279 
THR OG1 HG1  sing N N 280 
THR CG2 HG21 sing N N 281 
THR CG2 HG22 sing N N 282 
THR CG2 HG23 sing N N 283 
THR OXT HXT  sing N N 284 
TRP N   CA   sing N N 285 
TRP N   H    sing N N 286 
TRP N   H2   sing N N 287 
TRP CA  C    sing N N 288 
TRP CA  CB   sing N N 289 
TRP CA  HA   sing N N 290 
TRP C   O    doub N N 291 
TRP C   OXT  sing N N 292 
TRP CB  CG   sing N N 293 
TRP CB  HB2  sing N N 294 
TRP CB  HB3  sing N N 295 
TRP CG  CD1  doub Y N 296 
TRP CG  CD2  sing Y N 297 
TRP CD1 NE1  sing Y N 298 
TRP CD1 HD1  sing N N 299 
TRP CD2 CE2  doub Y N 300 
TRP CD2 CE3  sing Y N 301 
TRP NE1 CE2  sing Y N 302 
TRP NE1 HE1  sing N N 303 
TRP CE2 CZ2  sing Y N 304 
TRP CE3 CZ3  doub Y N 305 
TRP CE3 HE3  sing N N 306 
TRP CZ2 CH2  doub Y N 307 
TRP CZ2 HZ2  sing N N 308 
TRP CZ3 CH2  sing Y N 309 
TRP CZ3 HZ3  sing N N 310 
TRP CH2 HH2  sing N N 311 
TRP OXT HXT  sing N N 312 
TYR N   CA   sing N N 313 
TYR N   H    sing N N 314 
TYR N   H2   sing N N 315 
TYR CA  C    sing N N 316 
TYR CA  CB   sing N N 317 
TYR CA  HA   sing N N 318 
TYR C   O    doub N N 319 
TYR C   OXT  sing N N 320 
TYR CB  CG   sing N N 321 
TYR CB  HB2  sing N N 322 
TYR CB  HB3  sing N N 323 
TYR CG  CD1  doub Y N 324 
TYR CG  CD2  sing Y N 325 
TYR CD1 CE1  sing Y N 326 
TYR CD1 HD1  sing N N 327 
TYR CD2 CE2  doub Y N 328 
TYR CD2 HD2  sing N N 329 
TYR CE1 CZ   doub Y N 330 
TYR CE1 HE1  sing N N 331 
TYR CE2 CZ   sing Y N 332 
TYR CE2 HE2  sing N N 333 
TYR CZ  OH   sing N N 334 
TYR OH  HH   sing N N 335 
TYR OXT HXT  sing N N 336 
VAL N   CA   sing N N 337 
VAL N   H    sing N N 338 
VAL N   H2   sing N N 339 
VAL CA  C    sing N N 340 
VAL CA  CB   sing N N 341 
VAL CA  HA   sing N N 342 
VAL C   O    doub N N 343 
VAL C   OXT  sing N N 344 
VAL CB  CG1  sing N N 345 
VAL CB  CG2  sing N N 346 
VAL CB  HB   sing N N 347 
VAL CG1 HG11 sing N N 348 
VAL CG1 HG12 sing N N 349 
VAL CG1 HG13 sing N N 350 
VAL CG2 HG21 sing N N 351 
VAL CG2 HG22 sing N N 352 
VAL CG2 HG23 sing N N 353 
VAL OXT HXT  sing N N 354 
# 
_pdbx_audit_support.funding_organization   'National Institutes of Health/National Human Genome Research Institute (NIH/NHGRI)' 
_pdbx_audit_support.country                'United States' 
_pdbx_audit_support.grant_number           ? 
_pdbx_audit_support.ordinal                1 
# 
_pdbx_entity_nonpoly.entity_id   2 
_pdbx_entity_nonpoly.name        water 
_pdbx_entity_nonpoly.comp_id     HOH 
# 
_pdbx_initial_refinement_model.id               1 
_pdbx_initial_refinement_model.entity_id_list   ? 
_pdbx_initial_refinement_model.type             'experimental model' 
_pdbx_initial_refinement_model.source_name      PDB 
_pdbx_initial_refinement_model.accession_code   4YFP 
_pdbx_initial_refinement_model.details          ? 
# 
_pdbx_struct_assembly_auth_evidence.id                     1 
_pdbx_struct_assembly_auth_evidence.assembly_id            1 
_pdbx_struct_assembly_auth_evidence.experimental_support   'gel filtration' 
_pdbx_struct_assembly_auth_evidence.details                ? 
# 
